data_3AB6
# 
_entry.id   3AB6 
# 
_audit_conform.dict_name       mmcif_pdbx.dic 
_audit_conform.dict_version    5.397 
_audit_conform.dict_location   http://mmcif.pdb.org/dictionaries/ascii/mmcif_pdbx.dic 
# 
loop_
_database_2.database_id 
_database_2.database_code 
_database_2.pdbx_database_accession 
_database_2.pdbx_DOI 
PDB   3AB6         pdb_00003ab6 10.2210/pdb3ab6/pdb 
RCSB  RCSB029038   ?            ?                   
WWPDB D_1000029038 ?            ?                   
# 
loop_
_pdbx_audit_revision_history.ordinal 
_pdbx_audit_revision_history.data_content_type 
_pdbx_audit_revision_history.major_revision 
_pdbx_audit_revision_history.minor_revision 
_pdbx_audit_revision_history.revision_date 
1 'Structure model' 1 0 2010-12-01 
2 'Structure model' 1 1 2011-07-13 
3 'Structure model' 1 2 2013-11-20 
4 'Structure model' 2 0 2020-07-29 
5 'Structure model' 2 1 2023-11-01 
6 'Structure model' 2 2 2024-10-16 
# 
loop_
_pdbx_audit_revision_details.ordinal 
_pdbx_audit_revision_details.revision_ordinal 
_pdbx_audit_revision_details.data_content_type 
_pdbx_audit_revision_details.provider 
_pdbx_audit_revision_details.type 
_pdbx_audit_revision_details.description 
_pdbx_audit_revision_details.details 
1 1 'Structure model' repository 'Initial release' ?                          ? 
2 4 'Structure model' repository Remediation       'Carbohydrate remediation' ? 
# 
loop_
_pdbx_audit_revision_group.ordinal 
_pdbx_audit_revision_group.revision_ordinal 
_pdbx_audit_revision_group.data_content_type 
_pdbx_audit_revision_group.group 
1  2 'Structure model' 'Version format compliance' 
2  3 'Structure model' 'Database references'       
3  4 'Structure model' 'Atomic model'              
4  4 'Structure model' 'Data collection'           
5  4 'Structure model' 'Derived calculations'      
6  4 'Structure model' 'Structure summary'         
7  5 'Structure model' 'Data collection'           
8  5 'Structure model' 'Database references'       
9  5 'Structure model' 'Refinement description'    
10 5 'Structure model' 'Structure summary'         
11 6 'Structure model' 'Structure summary'         
# 
loop_
_pdbx_audit_revision_category.ordinal 
_pdbx_audit_revision_category.revision_ordinal 
_pdbx_audit_revision_category.data_content_type 
_pdbx_audit_revision_category.category 
1  4 'Structure model' atom_site                     
2  4 'Structure model' chem_comp                     
3  4 'Structure model' entity                        
4  4 'Structure model' entity_name_com               
5  4 'Structure model' pdbx_branch_scheme            
6  4 'Structure model' pdbx_chem_comp_identifier     
7  4 'Structure model' pdbx_entity_branch            
8  4 'Structure model' pdbx_entity_branch_descriptor 
9  4 'Structure model' pdbx_entity_branch_link       
10 4 'Structure model' pdbx_entity_branch_list       
11 4 'Structure model' pdbx_entity_nonpoly           
12 4 'Structure model' pdbx_molecule_features        
13 4 'Structure model' pdbx_nonpoly_scheme           
14 4 'Structure model' pdbx_struct_assembly_gen      
15 4 'Structure model' pdbx_struct_special_symmetry  
16 4 'Structure model' struct_asym                   
17 4 'Structure model' struct_conn                   
18 4 'Structure model' struct_site                   
19 4 'Structure model' struct_site_gen               
20 5 'Structure model' chem_comp                     
21 5 'Structure model' chem_comp_atom                
22 5 'Structure model' chem_comp_bond                
23 5 'Structure model' database_2                    
24 5 'Structure model' pdbx_initial_refinement_model 
25 6 'Structure model' pdbx_entry_details            
26 6 'Structure model' pdbx_modification_feature     
# 
loop_
_pdbx_audit_revision_item.ordinal 
_pdbx_audit_revision_item.revision_ordinal 
_pdbx_audit_revision_item.data_content_type 
_pdbx_audit_revision_item.item 
1  4 'Structure model' '_atom_site.auth_asym_id'                      
2  4 'Structure model' '_atom_site.auth_seq_id'                       
3  4 'Structure model' '_atom_site.label_asym_id'                     
4  4 'Structure model' '_chem_comp.name'                              
5  4 'Structure model' '_chem_comp.type'                              
6  4 'Structure model' '_entity.formula_weight'                       
7  4 'Structure model' '_entity.pdbx_description'                     
8  4 'Structure model' '_entity.pdbx_number_of_molecules'             
9  4 'Structure model' '_entity.type'                                 
10 4 'Structure model' '_pdbx_struct_assembly_gen.asym_id_list'       
11 4 'Structure model' '_pdbx_struct_special_symmetry.label_asym_id'  
12 4 'Structure model' '_struct_conn.pdbx_leaving_atom_flag'          
13 4 'Structure model' '_struct_conn.ptnr1_auth_asym_id'              
14 4 'Structure model' '_struct_conn.ptnr1_auth_seq_id'               
15 4 'Structure model' '_struct_conn.ptnr1_label_asym_id'             
16 4 'Structure model' '_struct_conn.ptnr2_auth_asym_id'              
17 4 'Structure model' '_struct_conn.ptnr2_auth_seq_id'               
18 4 'Structure model' '_struct_conn.ptnr2_label_asym_id'             
19 5 'Structure model' '_chem_comp.pdbx_synonyms'                     
20 5 'Structure model' '_database_2.pdbx_DOI'                         
21 5 'Structure model' '_database_2.pdbx_database_accession'          
22 6 'Structure model' '_pdbx_entry_details.has_protein_modification' 
# 
_pdbx_database_status.status_code                     REL 
_pdbx_database_status.entry_id                        3AB6 
_pdbx_database_status.recvd_initial_deposition_date   2009-12-01 
_pdbx_database_status.deposit_site                    PDBJ 
_pdbx_database_status.process_site                    PDBJ 
_pdbx_database_status.status_code_sf                  REL 
_pdbx_database_status.status_code_mr                  ? 
_pdbx_database_status.SG_entry                        ? 
_pdbx_database_status.status_code_cs                  ? 
_pdbx_database_status.methods_development_category    ? 
_pdbx_database_status.pdb_format_compatible           Y 
_pdbx_database_status.status_code_nmr_data            ? 
# 
loop_
_audit_author.name 
_audit_author.pdbx_ordinal 
'Yoneda, K.' 1 
'Kuwano, Y.' 2 
'Araki, T.'  3 
# 
_citation.id                        primary 
_citation.title                     
'The tertiary structure of an i-type lysozyme isolated from the common orient clam (Meretrix lusoria)' 
_citation.journal_abbrev            'Acta Crystallogr.,Sect.F' 
_citation.journal_volume            69 
_citation.page_first                1202 
_citation.page_last                 1206 
_citation.year                      2013 
_citation.journal_id_ASTM           ? 
_citation.country                   DK 
_citation.journal_id_ISSN           1744-3091 
_citation.journal_id_CSD            ? 
_citation.book_publisher            ? 
_citation.pdbx_database_id_PubMed   24192349 
_citation.pdbx_database_id_DOI      10.1107/S1744309113028170 
# 
loop_
_citation_author.citation_id 
_citation_author.name 
_citation_author.ordinal 
_citation_author.identifier_ORCID 
primary 'Kuwano, Y.'    1 ? 
primary 'Yoneda, K.'    2 ? 
primary 'Kawaguchi, Y.' 3 ? 
primary 'Araki, T.'     4 ? 
# 
loop_
_entity.id 
_entity.type 
_entity.src_method 
_entity.pdbx_description 
_entity.formula_weight 
_entity.pdbx_number_of_molecules 
_entity.pdbx_ec 
_entity.pdbx_mutation 
_entity.pdbx_fragment 
_entity.details 
1 polymer  nat Lysozyme 13384.520 1   3.2.1.17 ? ? ? 
2 branched man 
;2-acetamido-2-deoxy-beta-D-glucopyranose-(1-4)-2-acetamido-2-deoxy-beta-D-glucopyranose-(1-4)-2-acetamido-2-deoxy-beta-D-glucopyranose
;
627.594   1   ?        ? ? ? 
3 water    nat water 18.015    185 ?        ? ? ? 
# 
loop_
_entity_name_com.entity_id 
_entity_name_com.name 
1 1,4-beta-N-acetylmuramidase 
2 triacetyl-beta-chitotriose  
# 
_entity_poly.entity_id                      1 
_entity_poly.type                           'polypeptide(L)' 
_entity_poly.nstd_linkage                   no 
_entity_poly.nstd_monomer                   no 
_entity_poly.pdbx_seq_one_letter_code       
;FAGGTVSQRCLSCICKMESGCRNVGCKMDMGSLSCGYFQIKEAYWIDCGRPGSSWKSCAASSYCASLCVQNYMKRYAKWA
GCPLRCEGFAREHNGGPRGCKKGSTIGYWNRLQKISGCHGVQ
;
_entity_poly.pdbx_seq_one_letter_code_can   
;FAGGTVSQRCLSCICKMESGCRNVGCKMDMGSLSCGYFQIKEAYWIDCGRPGSSWKSCAASSYCASLCVQNYMKRYAKWA
GCPLRCEGFAREHNGGPRGCKKGSTIGYWNRLQKISGCHGVQ
;
_entity_poly.pdbx_strand_id                 A 
_entity_poly.pdbx_target_identifier         ? 
# 
_pdbx_entity_nonpoly.entity_id   3 
_pdbx_entity_nonpoly.name        water 
_pdbx_entity_nonpoly.comp_id     HOH 
# 
loop_
_entity_poly_seq.entity_id 
_entity_poly_seq.num 
_entity_poly_seq.mon_id 
_entity_poly_seq.hetero 
1 1   PHE n 
1 2   ALA n 
1 3   GLY n 
1 4   GLY n 
1 5   THR n 
1 6   VAL n 
1 7   SER n 
1 8   GLN n 
1 9   ARG n 
1 10  CYS n 
1 11  LEU n 
1 12  SER n 
1 13  CYS n 
1 14  ILE n 
1 15  CYS n 
1 16  LYS n 
1 17  MET n 
1 18  GLU n 
1 19  SER n 
1 20  GLY n 
1 21  CYS n 
1 22  ARG n 
1 23  ASN n 
1 24  VAL n 
1 25  GLY n 
1 26  CYS n 
1 27  LYS n 
1 28  MET n 
1 29  ASP n 
1 30  MET n 
1 31  GLY n 
1 32  SER n 
1 33  LEU n 
1 34  SER n 
1 35  CYS n 
1 36  GLY n 
1 37  TYR n 
1 38  PHE n 
1 39  GLN n 
1 40  ILE n 
1 41  LYS n 
1 42  GLU n 
1 43  ALA n 
1 44  TYR n 
1 45  TRP n 
1 46  ILE n 
1 47  ASP n 
1 48  CYS n 
1 49  GLY n 
1 50  ARG n 
1 51  PRO n 
1 52  GLY n 
1 53  SER n 
1 54  SER n 
1 55  TRP n 
1 56  LYS n 
1 57  SER n 
1 58  CYS n 
1 59  ALA n 
1 60  ALA n 
1 61  SER n 
1 62  SER n 
1 63  TYR n 
1 64  CYS n 
1 65  ALA n 
1 66  SER n 
1 67  LEU n 
1 68  CYS n 
1 69  VAL n 
1 70  GLN n 
1 71  ASN n 
1 72  TYR n 
1 73  MET n 
1 74  LYS n 
1 75  ARG n 
1 76  TYR n 
1 77  ALA n 
1 78  LYS n 
1 79  TRP n 
1 80  ALA n 
1 81  GLY n 
1 82  CYS n 
1 83  PRO n 
1 84  LEU n 
1 85  ARG n 
1 86  CYS n 
1 87  GLU n 
1 88  GLY n 
1 89  PHE n 
1 90  ALA n 
1 91  ARG n 
1 92  GLU n 
1 93  HIS n 
1 94  ASN n 
1 95  GLY n 
1 96  GLY n 
1 97  PRO n 
1 98  ARG n 
1 99  GLY n 
1 100 CYS n 
1 101 LYS n 
1 102 LYS n 
1 103 GLY n 
1 104 SER n 
1 105 THR n 
1 106 ILE n 
1 107 GLY n 
1 108 TYR n 
1 109 TRP n 
1 110 ASN n 
1 111 ARG n 
1 112 LEU n 
1 113 GLN n 
1 114 LYS n 
1 115 ILE n 
1 116 SER n 
1 117 GLY n 
1 118 CYS n 
1 119 HIS n 
1 120 GLY n 
1 121 VAL n 
1 122 GLN n 
# 
_entity_src_nat.entity_id                  1 
_entity_src_nat.pdbx_src_id                1 
_entity_src_nat.pdbx_alt_source_flag       sample 
_entity_src_nat.pdbx_beg_seq_num           ? 
_entity_src_nat.pdbx_end_seq_num           ? 
_entity_src_nat.common_name                'Hard clam' 
_entity_src_nat.pdbx_organism_scientific   'Meretrix lusoria' 
_entity_src_nat.pdbx_ncbi_taxonomy_id      74491 
_entity_src_nat.genus                      ? 
_entity_src_nat.species                    ? 
_entity_src_nat.strain                     ? 
_entity_src_nat.tissue                     ? 
_entity_src_nat.tissue_fraction            ? 
_entity_src_nat.pdbx_secretion             ? 
_entity_src_nat.pdbx_fragment              ? 
_entity_src_nat.pdbx_variant               ? 
_entity_src_nat.pdbx_cell_line             ? 
_entity_src_nat.pdbx_atcc                  ? 
_entity_src_nat.pdbx_cellular_location     ? 
_entity_src_nat.pdbx_organ                 ? 
_entity_src_nat.pdbx_organelle             ? 
_entity_src_nat.pdbx_cell                  ? 
_entity_src_nat.pdbx_plasmid_name          ? 
_entity_src_nat.pdbx_plasmid_details       ? 
_entity_src_nat.details                    ? 
# 
_pdbx_entity_branch.entity_id   2 
_pdbx_entity_branch.type        oligosaccharide 
# 
loop_
_pdbx_entity_branch_descriptor.ordinal 
_pdbx_entity_branch_descriptor.entity_id 
_pdbx_entity_branch_descriptor.descriptor 
_pdbx_entity_branch_descriptor.type 
_pdbx_entity_branch_descriptor.program 
_pdbx_entity_branch_descriptor.program_version 
1 2 DGlcpNAcb1-4DGlcpNAcb1-4DGlcpNAcb1-ROH                          'Glycam Condensed Sequence' GMML       1.0   
2 2 'WURCS=2.0/1,3,2/[a2122h-1b_1-5_2*NCC/3=O]/1-1-1/a4-b1_b4-c1'   WURCS                       PDB2Glycan 1.1.0 
3 2 '[][b-D-GlcpNAc]{[(4+1)][b-D-GlcpNAc]{[(4+1)][b-D-GlcpNAc]{}}}' LINUCS                      PDB-CARE   ?     
# 
loop_
_pdbx_entity_branch_link.link_id 
_pdbx_entity_branch_link.entity_id 
_pdbx_entity_branch_link.entity_branch_list_num_1 
_pdbx_entity_branch_link.comp_id_1 
_pdbx_entity_branch_link.atom_id_1 
_pdbx_entity_branch_link.leaving_atom_id_1 
_pdbx_entity_branch_link.entity_branch_list_num_2 
_pdbx_entity_branch_link.comp_id_2 
_pdbx_entity_branch_link.atom_id_2 
_pdbx_entity_branch_link.leaving_atom_id_2 
_pdbx_entity_branch_link.value_order 
_pdbx_entity_branch_link.details 
1 2 2 NAG C1 O1 1 NAG O4 HO4 sing ? 
2 2 3 NAG C1 O1 2 NAG O4 HO4 sing ? 
# 
loop_
_chem_comp.id 
_chem_comp.type 
_chem_comp.mon_nstd_flag 
_chem_comp.name 
_chem_comp.pdbx_synonyms 
_chem_comp.formula 
_chem_comp.formula_weight 
ALA 'L-peptide linking'          y ALANINE                                  ? 'C3 H7 N O2'     89.093  
ARG 'L-peptide linking'          y ARGININE                                 ? 'C6 H15 N4 O2 1' 175.209 
ASN 'L-peptide linking'          y ASPARAGINE                               ? 'C4 H8 N2 O3'    132.118 
ASP 'L-peptide linking'          y 'ASPARTIC ACID'                          ? 'C4 H7 N O4'     133.103 
CYS 'L-peptide linking'          y CYSTEINE                                 ? 'C3 H7 N O2 S'   121.158 
GLN 'L-peptide linking'          y GLUTAMINE                                ? 'C5 H10 N2 O3'   146.144 
GLU 'L-peptide linking'          y 'GLUTAMIC ACID'                          ? 'C5 H9 N O4'     147.129 
GLY 'peptide linking'            y GLYCINE                                  ? 'C2 H5 N O2'     75.067  
HIS 'L-peptide linking'          y HISTIDINE                                ? 'C6 H10 N3 O2 1' 156.162 
HOH non-polymer                  . WATER                                    ? 'H2 O'           18.015  
ILE 'L-peptide linking'          y ISOLEUCINE                               ? 'C6 H13 N O2'    131.173 
LEU 'L-peptide linking'          y LEUCINE                                  ? 'C6 H13 N O2'    131.173 
LYS 'L-peptide linking'          y LYSINE                                   ? 'C6 H15 N2 O2 1' 147.195 
MET 'L-peptide linking'          y METHIONINE                               ? 'C5 H11 N O2 S'  149.211 
NAG 'D-saccharide, beta linking' . 2-acetamido-2-deoxy-beta-D-glucopyranose 
;N-acetyl-beta-D-glucosamine; 2-acetamido-2-deoxy-beta-D-glucose; 2-acetamido-2-deoxy-D-glucose; 2-acetamido-2-deoxy-glucose; N-ACETYL-D-GLUCOSAMINE
;
'C8 H15 N O6'    221.208 
PHE 'L-peptide linking'          y PHENYLALANINE                            ? 'C9 H11 N O2'    165.189 
PRO 'L-peptide linking'          y PROLINE                                  ? 'C5 H9 N O2'     115.130 
SER 'L-peptide linking'          y SERINE                                   ? 'C3 H7 N O3'     105.093 
THR 'L-peptide linking'          y THREONINE                                ? 'C4 H9 N O3'     119.119 
TRP 'L-peptide linking'          y TRYPTOPHAN                               ? 'C11 H12 N2 O2'  204.225 
TYR 'L-peptide linking'          y TYROSINE                                 ? 'C9 H11 N O3'    181.189 
VAL 'L-peptide linking'          y VALINE                                   ? 'C5 H11 N O2'    117.146 
# 
loop_
_pdbx_chem_comp_identifier.comp_id 
_pdbx_chem_comp_identifier.type 
_pdbx_chem_comp_identifier.program 
_pdbx_chem_comp_identifier.program_version 
_pdbx_chem_comp_identifier.identifier 
NAG 'CONDENSED IUPAC CARBOHYDRATE SYMBOL' GMML     1.0 DGlcpNAcb                      
NAG 'COMMON NAME'                         GMML     1.0 N-acetyl-b-D-glucopyranosamine 
NAG 'IUPAC CARBOHYDRATE SYMBOL'           PDB-CARE 1.0 b-D-GlcpNAc                    
NAG 'SNFG CARBOHYDRATE SYMBOL'            GMML     1.0 GlcNAc                         
# 
loop_
_pdbx_poly_seq_scheme.asym_id 
_pdbx_poly_seq_scheme.entity_id 
_pdbx_poly_seq_scheme.seq_id 
_pdbx_poly_seq_scheme.mon_id 
_pdbx_poly_seq_scheme.ndb_seq_num 
_pdbx_poly_seq_scheme.pdb_seq_num 
_pdbx_poly_seq_scheme.auth_seq_num 
_pdbx_poly_seq_scheme.pdb_mon_id 
_pdbx_poly_seq_scheme.auth_mon_id 
_pdbx_poly_seq_scheme.pdb_strand_id 
_pdbx_poly_seq_scheme.pdb_ins_code 
_pdbx_poly_seq_scheme.hetero 
A 1 1   PHE 1   1   1   PHE PHE A . n 
A 1 2   ALA 2   2   2   ALA ALA A . n 
A 1 3   GLY 3   3   3   GLY GLY A . n 
A 1 4   GLY 4   4   4   GLY GLY A . n 
A 1 5   THR 5   5   5   THR THR A . n 
A 1 6   VAL 6   6   6   VAL VAL A . n 
A 1 7   SER 7   7   7   SER SER A . n 
A 1 8   GLN 8   8   8   GLN GLN A . n 
A 1 9   ARG 9   9   9   ARG ARG A . n 
A 1 10  CYS 10  10  10  CYS CYS A . n 
A 1 11  LEU 11  11  11  LEU LEU A . n 
A 1 12  SER 12  12  12  SER SER A . n 
A 1 13  CYS 13  13  13  CYS CYS A . n 
A 1 14  ILE 14  14  14  ILE ILE A . n 
A 1 15  CYS 15  15  15  CYS CYS A . n 
A 1 16  LYS 16  16  16  LYS LYS A . n 
A 1 17  MET 17  17  17  MET MET A . n 
A 1 18  GLU 18  18  18  GLU GLU A . n 
A 1 19  SER 19  19  19  SER SER A . n 
A 1 20  GLY 20  20  20  GLY GLY A . n 
A 1 21  CYS 21  21  21  CYS CYS A . n 
A 1 22  ARG 22  22  22  ARG ARG A . n 
A 1 23  ASN 23  23  23  ASN ASN A . n 
A 1 24  VAL 24  24  24  VAL VAL A . n 
A 1 25  GLY 25  25  25  GLY GLY A . n 
A 1 26  CYS 26  26  26  CYS CYS A . n 
A 1 27  LYS 27  27  27  LYS LYS A . n 
A 1 28  MET 28  28  28  MET MET A . n 
A 1 29  ASP 29  29  29  ASP ASP A . n 
A 1 30  MET 30  30  30  MET MET A . n 
A 1 31  GLY 31  31  31  GLY GLY A . n 
A 1 32  SER 32  32  32  SER SER A . n 
A 1 33  LEU 33  33  33  LEU LEU A . n 
A 1 34  SER 34  34  34  SER SER A . n 
A 1 35  CYS 35  35  35  CYS CYS A . n 
A 1 36  GLY 36  36  36  GLY GLY A . n 
A 1 37  TYR 37  37  37  TYR TYR A . n 
A 1 38  PHE 38  38  38  PHE PHE A . n 
A 1 39  GLN 39  39  39  GLN GLN A . n 
A 1 40  ILE 40  40  40  ILE ILE A . n 
A 1 41  LYS 41  41  41  LYS LYS A . n 
A 1 42  GLU 42  42  42  GLU GLU A . n 
A 1 43  ALA 43  43  43  ALA ALA A . n 
A 1 44  TYR 44  44  44  TYR TYR A . n 
A 1 45  TRP 45  45  45  TRP TRP A . n 
A 1 46  ILE 46  46  46  ILE ILE A . n 
A 1 47  ASP 47  47  47  ASP ASP A . n 
A 1 48  CYS 48  48  48  CYS CYS A . n 
A 1 49  GLY 49  49  49  GLY GLY A . n 
A 1 50  ARG 50  50  50  ARG ARG A . n 
A 1 51  PRO 51  51  51  PRO PRO A . n 
A 1 52  GLY 52  52  52  GLY GLY A . n 
A 1 53  SER 53  53  53  SER SER A . n 
A 1 54  SER 54  54  54  SER SER A . n 
A 1 55  TRP 55  55  55  TRP TRP A . n 
A 1 56  LYS 56  56  56  LYS LYS A . n 
A 1 57  SER 57  57  57  SER SER A . n 
A 1 58  CYS 58  58  58  CYS CYS A . n 
A 1 59  ALA 59  59  59  ALA ALA A . n 
A 1 60  ALA 60  60  60  ALA ALA A . n 
A 1 61  SER 61  61  61  SER SER A . n 
A 1 62  SER 62  62  62  SER SER A . n 
A 1 63  TYR 63  63  63  TYR TYR A . n 
A 1 64  CYS 64  64  64  CYS CYS A . n 
A 1 65  ALA 65  65  65  ALA ALA A . n 
A 1 66  SER 66  66  66  SER SER A . n 
A 1 67  LEU 67  67  67  LEU LEU A . n 
A 1 68  CYS 68  68  68  CYS CYS A . n 
A 1 69  VAL 69  69  69  VAL VAL A . n 
A 1 70  GLN 70  70  70  GLN GLN A . n 
A 1 71  ASN 71  71  71  ASN ASN A . n 
A 1 72  TYR 72  72  72  TYR TYR A . n 
A 1 73  MET 73  73  73  MET MET A . n 
A 1 74  LYS 74  74  74  LYS LYS A . n 
A 1 75  ARG 75  75  75  ARG ARG A . n 
A 1 76  TYR 76  76  76  TYR TYR A . n 
A 1 77  ALA 77  77  77  ALA ALA A . n 
A 1 78  LYS 78  78  78  LYS LYS A . n 
A 1 79  TRP 79  79  79  TRP TRP A . n 
A 1 80  ALA 80  80  80  ALA ALA A . n 
A 1 81  GLY 81  81  81  GLY GLY A . n 
A 1 82  CYS 82  82  82  CYS CYS A . n 
A 1 83  PRO 83  83  83  PRO PRO A . n 
A 1 84  LEU 84  84  84  LEU LEU A . n 
A 1 85  ARG 85  85  85  ARG ARG A . n 
A 1 86  CYS 86  86  86  CYS CYS A . n 
A 1 87  GLU 87  87  87  GLU GLU A . n 
A 1 88  GLY 88  88  88  GLY GLY A . n 
A 1 89  PHE 89  89  89  PHE PHE A . n 
A 1 90  ALA 90  90  90  ALA ALA A . n 
A 1 91  ARG 91  91  91  ARG ARG A . n 
A 1 92  GLU 92  92  92  GLU GLU A . n 
A 1 93  HIS 93  93  93  HIS HIS A . n 
A 1 94  ASN 94  94  94  ASN ASN A . n 
A 1 95  GLY 95  95  95  GLY GLY A . n 
A 1 96  GLY 96  96  96  GLY GLY A . n 
A 1 97  PRO 97  97  97  PRO PRO A . n 
A 1 98  ARG 98  98  98  ARG ARG A . n 
A 1 99  GLY 99  99  99  GLY GLY A . n 
A 1 100 CYS 100 100 100 CYS CYS A . n 
A 1 101 LYS 101 101 101 LYS LYS A . n 
A 1 102 LYS 102 102 102 LYS LYS A . n 
A 1 103 GLY 103 103 103 GLY GLY A . n 
A 1 104 SER 104 104 104 SER SER A . n 
A 1 105 THR 105 105 105 THR THR A . n 
A 1 106 ILE 106 106 106 ILE ILE A . n 
A 1 107 GLY 107 107 107 GLY GLY A . n 
A 1 108 TYR 108 108 108 TYR TYR A . n 
A 1 109 TRP 109 109 109 TRP TRP A . n 
A 1 110 ASN 110 110 110 ASN ASN A . n 
A 1 111 ARG 111 111 111 ARG ARG A . n 
A 1 112 LEU 112 112 112 LEU LEU A . n 
A 1 113 GLN 113 113 113 GLN GLN A . n 
A 1 114 LYS 114 114 114 LYS LYS A . n 
A 1 115 ILE 115 115 115 ILE ILE A . n 
A 1 116 SER 116 116 116 SER SER A . n 
A 1 117 GLY 117 117 117 GLY GLY A . n 
A 1 118 CYS 118 118 118 CYS CYS A . n 
A 1 119 HIS 119 119 119 HIS HIS A . n 
A 1 120 GLY 120 120 120 GLY GLY A . n 
A 1 121 VAL 121 121 121 VAL VAL A . n 
A 1 122 GLN 122 122 122 GLN GLN A . n 
# 
loop_
_pdbx_branch_scheme.asym_id 
_pdbx_branch_scheme.entity_id 
_pdbx_branch_scheme.mon_id 
_pdbx_branch_scheme.num 
_pdbx_branch_scheme.pdb_asym_id 
_pdbx_branch_scheme.pdb_mon_id 
_pdbx_branch_scheme.pdb_seq_num 
_pdbx_branch_scheme.auth_asym_id 
_pdbx_branch_scheme.auth_mon_id 
_pdbx_branch_scheme.auth_seq_num 
_pdbx_branch_scheme.hetero 
B 2 NAG 1 B NAG 1 A NAG 123 n 
B 2 NAG 2 B NAG 2 A NAG 124 n 
B 2 NAG 3 B NAG 3 A NAG 125 n 
# 
loop_
_pdbx_nonpoly_scheme.asym_id 
_pdbx_nonpoly_scheme.entity_id 
_pdbx_nonpoly_scheme.mon_id 
_pdbx_nonpoly_scheme.ndb_seq_num 
_pdbx_nonpoly_scheme.pdb_seq_num 
_pdbx_nonpoly_scheme.auth_seq_num 
_pdbx_nonpoly_scheme.pdb_mon_id 
_pdbx_nonpoly_scheme.auth_mon_id 
_pdbx_nonpoly_scheme.pdb_strand_id 
_pdbx_nonpoly_scheme.pdb_ins_code 
C 3 HOH 1   126 126 HOH HOH A . 
C 3 HOH 2   127 127 HOH HOH A . 
C 3 HOH 3   128 128 HOH HOH A . 
C 3 HOH 4   129 129 HOH HOH A . 
C 3 HOH 5   130 130 HOH HOH A . 
C 3 HOH 6   131 131 HOH HOH A . 
C 3 HOH 7   132 132 HOH HOH A . 
C 3 HOH 8   133 133 HOH HOH A . 
C 3 HOH 9   134 134 HOH HOH A . 
C 3 HOH 10  135 135 HOH HOH A . 
C 3 HOH 11  136 136 HOH HOH A . 
C 3 HOH 12  137 137 HOH HOH A . 
C 3 HOH 13  138 138 HOH HOH A . 
C 3 HOH 14  139 139 HOH HOH A . 
C 3 HOH 15  140 140 HOH HOH A . 
C 3 HOH 16  141 141 HOH HOH A . 
C 3 HOH 17  142 142 HOH HOH A . 
C 3 HOH 18  143 143 HOH HOH A . 
C 3 HOH 19  144 144 HOH HOH A . 
C 3 HOH 20  145 145 HOH HOH A . 
C 3 HOH 21  146 146 HOH HOH A . 
C 3 HOH 22  147 147 HOH HOH A . 
C 3 HOH 23  148 148 HOH HOH A . 
C 3 HOH 24  149 149 HOH HOH A . 
C 3 HOH 25  150 150 HOH HOH A . 
C 3 HOH 26  151 151 HOH HOH A . 
C 3 HOH 27  152 152 HOH HOH A . 
C 3 HOH 28  153 153 HOH HOH A . 
C 3 HOH 29  154 154 HOH HOH A . 
C 3 HOH 30  155 155 HOH HOH A . 
C 3 HOH 31  156 156 HOH HOH A . 
C 3 HOH 32  157 157 HOH HOH A . 
C 3 HOH 33  158 158 HOH HOH A . 
C 3 HOH 34  159 159 HOH HOH A . 
C 3 HOH 35  160 160 HOH HOH A . 
C 3 HOH 36  161 161 HOH HOH A . 
C 3 HOH 37  162 162 HOH HOH A . 
C 3 HOH 38  163 163 HOH HOH A . 
C 3 HOH 39  164 164 HOH HOH A . 
C 3 HOH 40  165 165 HOH HOH A . 
C 3 HOH 41  166 166 HOH HOH A . 
C 3 HOH 42  167 167 HOH HOH A . 
C 3 HOH 43  168 168 HOH HOH A . 
C 3 HOH 44  169 169 HOH HOH A . 
C 3 HOH 45  170 170 HOH HOH A . 
C 3 HOH 46  171 171 HOH HOH A . 
C 3 HOH 47  172 172 HOH HOH A . 
C 3 HOH 48  173 173 HOH HOH A . 
C 3 HOH 49  174 174 HOH HOH A . 
C 3 HOH 50  175 175 HOH HOH A . 
C 3 HOH 51  176 176 HOH HOH A . 
C 3 HOH 52  177 177 HOH HOH A . 
C 3 HOH 53  178 178 HOH HOH A . 
C 3 HOH 54  179 179 HOH HOH A . 
C 3 HOH 55  180 180 HOH HOH A . 
C 3 HOH 56  181 181 HOH HOH A . 
C 3 HOH 57  182 182 HOH HOH A . 
C 3 HOH 58  183 183 HOH HOH A . 
C 3 HOH 59  184 184 HOH HOH A . 
C 3 HOH 60  185 185 HOH HOH A . 
C 3 HOH 61  186 186 HOH HOH A . 
C 3 HOH 62  187 187 HOH HOH A . 
C 3 HOH 63  188 188 HOH HOH A . 
C 3 HOH 64  189 189 HOH HOH A . 
C 3 HOH 65  190 190 HOH HOH A . 
C 3 HOH 66  191 191 HOH HOH A . 
C 3 HOH 67  192 192 HOH HOH A . 
C 3 HOH 68  193 193 HOH HOH A . 
C 3 HOH 69  194 194 HOH HOH A . 
C 3 HOH 70  195 195 HOH HOH A . 
C 3 HOH 71  196 196 HOH HOH A . 
C 3 HOH 72  197 197 HOH HOH A . 
C 3 HOH 73  198 198 HOH HOH A . 
C 3 HOH 74  199 199 HOH HOH A . 
C 3 HOH 75  200 200 HOH HOH A . 
C 3 HOH 76  201 201 HOH HOH A . 
C 3 HOH 77  202 202 HOH HOH A . 
C 3 HOH 78  203 203 HOH HOH A . 
C 3 HOH 79  204 204 HOH HOH A . 
C 3 HOH 80  205 205 HOH HOH A . 
C 3 HOH 81  206 206 HOH HOH A . 
C 3 HOH 82  207 207 HOH HOH A . 
C 3 HOH 83  208 208 HOH HOH A . 
C 3 HOH 84  209 209 HOH HOH A . 
C 3 HOH 85  210 210 HOH HOH A . 
C 3 HOH 86  211 211 HOH HOH A . 
C 3 HOH 87  212 212 HOH HOH A . 
C 3 HOH 88  213 213 HOH HOH A . 
C 3 HOH 89  214 214 HOH HOH A . 
C 3 HOH 90  215 215 HOH HOH A . 
C 3 HOH 91  216 216 HOH HOH A . 
C 3 HOH 92  217 217 HOH HOH A . 
C 3 HOH 93  218 218 HOH HOH A . 
C 3 HOH 94  219 219 HOH HOH A . 
C 3 HOH 95  220 220 HOH HOH A . 
C 3 HOH 96  221 221 HOH HOH A . 
C 3 HOH 97  222 222 HOH HOH A . 
C 3 HOH 98  223 223 HOH HOH A . 
C 3 HOH 99  224 224 HOH HOH A . 
C 3 HOH 100 225 225 HOH HOH A . 
C 3 HOH 101 226 226 HOH HOH A . 
C 3 HOH 102 227 227 HOH HOH A . 
C 3 HOH 103 228 228 HOH HOH A . 
C 3 HOH 104 229 229 HOH HOH A . 
C 3 HOH 105 230 230 HOH HOH A . 
C 3 HOH 106 231 231 HOH HOH A . 
C 3 HOH 107 232 232 HOH HOH A . 
C 3 HOH 108 233 233 HOH HOH A . 
C 3 HOH 109 234 234 HOH HOH A . 
C 3 HOH 110 235 235 HOH HOH A . 
C 3 HOH 111 236 236 HOH HOH A . 
C 3 HOH 112 237 237 HOH HOH A . 
C 3 HOH 113 238 238 HOH HOH A . 
C 3 HOH 114 239 239 HOH HOH A . 
C 3 HOH 115 240 240 HOH HOH A . 
C 3 HOH 116 241 241 HOH HOH A . 
C 3 HOH 117 242 242 HOH HOH A . 
C 3 HOH 118 243 243 HOH HOH A . 
C 3 HOH 119 244 244 HOH HOH A . 
C 3 HOH 120 245 245 HOH HOH A . 
C 3 HOH 121 246 246 HOH HOH A . 
C 3 HOH 122 247 247 HOH HOH A . 
C 3 HOH 123 248 248 HOH HOH A . 
C 3 HOH 124 249 249 HOH HOH A . 
C 3 HOH 125 250 250 HOH HOH A . 
C 3 HOH 126 251 251 HOH HOH A . 
C 3 HOH 127 252 252 HOH HOH A . 
C 3 HOH 128 253 253 HOH HOH A . 
C 3 HOH 129 254 254 HOH HOH A . 
C 3 HOH 130 255 255 HOH HOH A . 
C 3 HOH 131 256 256 HOH HOH A . 
C 3 HOH 132 257 257 HOH HOH A . 
C 3 HOH 133 258 258 HOH HOH A . 
C 3 HOH 134 259 259 HOH HOH A . 
C 3 HOH 135 260 260 HOH HOH A . 
C 3 HOH 136 261 261 HOH HOH A . 
C 3 HOH 137 262 262 HOH HOH A . 
C 3 HOH 138 263 263 HOH HOH A . 
C 3 HOH 139 264 264 HOH HOH A . 
C 3 HOH 140 265 265 HOH HOH A . 
C 3 HOH 141 266 266 HOH HOH A . 
C 3 HOH 142 267 267 HOH HOH A . 
C 3 HOH 143 268 268 HOH HOH A . 
C 3 HOH 144 269 269 HOH HOH A . 
C 3 HOH 145 270 270 HOH HOH A . 
C 3 HOH 146 271 271 HOH HOH A . 
C 3 HOH 147 272 272 HOH HOH A . 
C 3 HOH 148 273 273 HOH HOH A . 
C 3 HOH 149 274 274 HOH HOH A . 
C 3 HOH 150 275 275 HOH HOH A . 
C 3 HOH 151 276 276 HOH HOH A . 
C 3 HOH 152 277 277 HOH HOH A . 
C 3 HOH 153 278 278 HOH HOH A . 
C 3 HOH 154 279 279 HOH HOH A . 
C 3 HOH 155 280 280 HOH HOH A . 
C 3 HOH 156 281 281 HOH HOH A . 
C 3 HOH 157 282 282 HOH HOH A . 
C 3 HOH 158 283 283 HOH HOH A . 
C 3 HOH 159 284 284 HOH HOH A . 
C 3 HOH 160 285 285 HOH HOH A . 
C 3 HOH 161 286 286 HOH HOH A . 
C 3 HOH 162 287 287 HOH HOH A . 
C 3 HOH 163 288 288 HOH HOH A . 
C 3 HOH 164 289 289 HOH HOH A . 
C 3 HOH 165 290 290 HOH HOH A . 
C 3 HOH 166 291 291 HOH HOH A . 
C 3 HOH 167 292 292 HOH HOH A . 
C 3 HOH 168 293 293 HOH HOH A . 
C 3 HOH 169 294 294 HOH HOH A . 
C 3 HOH 170 295 295 HOH HOH A . 
C 3 HOH 171 296 296 HOH HOH A . 
C 3 HOH 172 297 297 HOH HOH A . 
C 3 HOH 173 298 298 HOH HOH A . 
C 3 HOH 174 299 299 HOH HOH A . 
C 3 HOH 175 300 300 HOH HOH A . 
C 3 HOH 176 301 301 HOH HOH A . 
C 3 HOH 177 302 302 HOH HOH A . 
C 3 HOH 178 303 303 HOH HOH A . 
C 3 HOH 179 304 304 HOH HOH A . 
C 3 HOH 180 305 305 HOH HOH A . 
C 3 HOH 181 306 306 HOH HOH A . 
C 3 HOH 182 307 307 HOH HOH A . 
C 3 HOH 183 308 308 HOH HOH A . 
C 3 HOH 184 309 309 HOH HOH A . 
C 3 HOH 185 310 310 HOH HOH A . 
# 
loop_
_software.name 
_software.classification 
_software.version 
_software.citation_id 
_software.pdbx_ordinal 
HKL-2000 'data collection' .   ? 1 
MOLREP   phasing           .   ? 2 
CNS      refinement        1.1 ? 3 
HKL-2000 'data reduction'  .   ? 4 
HKL-2000 'data scaling'    .   ? 5 
# 
_cell.entry_id           3AB6 
_cell.length_a           41.610 
_cell.length_b           41.610 
_cell.length_c           123.208 
_cell.angle_alpha        90.00 
_cell.angle_beta         90.00 
_cell.angle_gamma        90.00 
_cell.Z_PDB              8 
_cell.pdbx_unique_axis   ? 
_cell.length_a_esd       ? 
_cell.length_b_esd       ? 
_cell.length_c_esd       ? 
_cell.angle_alpha_esd    ? 
_cell.angle_beta_esd     ? 
_cell.angle_gamma_esd    ? 
# 
_symmetry.entry_id                         3AB6 
_symmetry.space_group_name_H-M             'P 43 21 2' 
_symmetry.pdbx_full_space_group_name_H-M   ? 
_symmetry.cell_setting                     ? 
_symmetry.Int_Tables_number                96 
_symmetry.space_group_name_Hall            ? 
# 
_exptl.entry_id          3AB6 
_exptl.method            'X-RAY DIFFRACTION' 
_exptl.crystals_number   1 
# 
_exptl_crystal.id                    1 
_exptl_crystal.density_meas          ? 
_exptl_crystal.density_Matthews      1.99 
_exptl_crystal.density_percent_sol   38.26 
_exptl_crystal.description           ? 
_exptl_crystal.F_000                 ? 
_exptl_crystal.preparation           ? 
# 
_exptl_crystal_grow.crystal_id      1 
_exptl_crystal_grow.method          'VAPOR DIFFUSION, SITTING DROP' 
_exptl_crystal_grow.temp            293 
_exptl_crystal_grow.temp_details    ? 
_exptl_crystal_grow.pH              5.5 
_exptl_crystal_grow.pdbx_details    
'35% 2-propanol, 0.1M Citrate buffer (pH5.5), 5% PEG 1000, VAPOR DIFFUSION, SITTING DROP, temperature 293K' 
_exptl_crystal_grow.pdbx_pH_range   . 
# 
_diffrn.id                     1 
_diffrn.ambient_temp           100 
_diffrn.ambient_temp_details   ? 
_diffrn.crystal_id             1 
# 
_diffrn_detector.diffrn_id              1 
_diffrn_detector.detector               CCD 
_diffrn_detector.type                   'ADSC QUANTUM 315' 
_diffrn_detector.pdbx_collection_date   2009-06-02 
_diffrn_detector.details                ? 
# 
_diffrn_radiation.diffrn_id                        1 
_diffrn_radiation.wavelength_id                    1 
_diffrn_radiation.pdbx_monochromatic_or_laue_m_l   M 
_diffrn_radiation.monochromator                    ? 
_diffrn_radiation.pdbx_diffrn_protocol             'SINGLE WAVELENGTH' 
_diffrn_radiation.pdbx_scattering_type             x-ray 
# 
_diffrn_radiation_wavelength.id           1 
_diffrn_radiation_wavelength.wavelength   1.0 
_diffrn_radiation_wavelength.wt           1.0 
# 
_diffrn_source.diffrn_id                   1 
_diffrn_source.source                      SYNCHROTRON 
_diffrn_source.type                        'PHOTON FACTORY BEAMLINE BL-17A' 
_diffrn_source.pdbx_synchrotron_site       'Photon Factory' 
_diffrn_source.pdbx_synchrotron_beamline   BL-17A 
_diffrn_source.pdbx_wavelength             ? 
_diffrn_source.pdbx_wavelength_list        1.0 
# 
_reflns.entry_id                     3AB6 
_reflns.observed_criterion_sigma_I   ? 
_reflns.observed_criterion_sigma_F   ? 
_reflns.d_resolution_low             50.000 
_reflns.d_resolution_high            1.780 
_reflns.number_obs                   11004 
_reflns.number_all                   ? 
_reflns.percent_possible_obs         99.2 
_reflns.pdbx_Rmerge_I_obs            ? 
_reflns.pdbx_Rsym_value              0.054 
_reflns.pdbx_netI_over_sigmaI        23.1 
_reflns.B_iso_Wilson_estimate        15.50 
_reflns.pdbx_redundancy              13.4 
_reflns.R_free_details               ? 
_reflns.limit_h_max                  ? 
_reflns.limit_h_min                  ? 
_reflns.limit_k_max                  ? 
_reflns.limit_k_min                  ? 
_reflns.limit_l_max                  ? 
_reflns.limit_l_min                  ? 
_reflns.observed_criterion_F_max     ? 
_reflns.observed_criterion_F_min     ? 
_reflns.pdbx_chi_squared             ? 
_reflns.pdbx_scaling_rejects         ? 
_reflns.pdbx_ordinal                 1 
_reflns.pdbx_diffrn_id               1 
# 
_reflns_shell.d_res_high             1.78 
_reflns_shell.d_res_low              1.81 
_reflns_shell.percent_possible_all   87.3 
_reflns_shell.Rmerge_I_obs           ? 
_reflns_shell.pdbx_Rsym_value        0.119 
_reflns_shell.meanI_over_sigI_obs    29.4 
_reflns_shell.pdbx_redundancy        12.8 
_reflns_shell.percent_possible_obs   ? 
_reflns_shell.number_unique_all      ? 
_reflns_shell.number_measured_all    ? 
_reflns_shell.number_measured_obs    ? 
_reflns_shell.number_unique_obs      ? 
_reflns_shell.pdbx_chi_squared       ? 
_reflns_shell.pdbx_ordinal           1 
_reflns_shell.pdbx_diffrn_id         1 
# 
_refine.entry_id                                 3AB6 
_refine.ls_number_reflns_obs                     11001 
_refine.ls_number_reflns_all                     ? 
_refine.pdbx_ls_sigma_I                          ? 
_refine.pdbx_ls_sigma_F                          0.0 
_refine.pdbx_data_cutoff_high_absF               1753067.02 
_refine.pdbx_data_cutoff_low_absF                0.000000 
_refine.pdbx_data_cutoff_high_rms_absF           ? 
_refine.ls_d_res_low                             34.48 
_refine.ls_d_res_high                            1.78 
_refine.ls_percent_reflns_obs                    99.4 
_refine.ls_R_factor_obs                          0.202 
_refine.ls_R_factor_all                          ? 
_refine.ls_R_factor_R_work                       0.202 
_refine.ls_R_factor_R_free                       0.225 
_refine.ls_R_factor_R_free_error                 0.006 
_refine.ls_R_factor_R_free_error_details         ? 
_refine.ls_percent_reflns_R_free                 10.2 
_refine.ls_number_reflns_R_free                  1126 
_refine.ls_number_parameters                     ? 
_refine.ls_number_restraints                     ? 
_refine.occupancy_min                            0.50 
_refine.occupancy_max                            1.00 
_refine.correlation_coeff_Fo_to_Fc               ? 
_refine.correlation_coeff_Fo_to_Fc_free          ? 
_refine.B_iso_mean                               17.5 
_refine.aniso_B[1][1]                            -0.25000 
_refine.aniso_B[2][2]                            -0.25000 
_refine.aniso_B[3][3]                            0.49900 
_refine.aniso_B[1][2]                            0.00000 
_refine.aniso_B[1][3]                            0.00000 
_refine.aniso_B[2][3]                            0.00000 
_refine.solvent_model_details                    'FLAT MODEL' 
_refine.solvent_model_param_ksol                 0.449188 
_refine.solvent_model_param_bsol                 47.4758 
_refine.pdbx_solvent_vdw_probe_radii             ? 
_refine.pdbx_solvent_ion_probe_radii             ? 
_refine.pdbx_solvent_shrinkage_radii             ? 
_refine.pdbx_ls_cross_valid_method               THROUGHOUT 
_refine.details                                  ? 
_refine.pdbx_starting_model                      'PDB ENTRY 2DQA' 
_refine.pdbx_method_to_determine_struct          'MOLECULAR REPLACEMENT' 
_refine.pdbx_isotropic_thermal_model             ? 
_refine.pdbx_stereochemistry_target_values       ? 
_refine.pdbx_stereochem_target_val_spec_case     ? 
_refine.pdbx_R_Free_selection_details            RANDOM 
_refine.pdbx_overall_ESU_R                       ? 
_refine.pdbx_overall_ESU_R_Free                  ? 
_refine.overall_SU_ML                            ? 
_refine.pdbx_overall_phase_error                 ? 
_refine.overall_SU_B                             ? 
_refine.pdbx_refine_id                           'X-RAY DIFFRACTION' 
_refine.ls_redundancy_reflns_obs                 ? 
_refine.B_iso_min                                ? 
_refine.B_iso_max                                ? 
_refine.overall_SU_R_Cruickshank_DPI             ? 
_refine.overall_SU_R_free                        ? 
_refine.ls_wR_factor_R_free                      ? 
_refine.ls_wR_factor_R_work                      ? 
_refine.overall_FOM_free_R_set                   ? 
_refine.overall_FOM_work_R_set                   ? 
_refine.pdbx_diffrn_id                           1 
_refine.pdbx_TLS_residual_ADP_flag               ? 
_refine.pdbx_overall_SU_R_free_Cruickshank_DPI   ? 
_refine.pdbx_overall_SU_R_Blow_DPI               ? 
_refine.pdbx_overall_SU_R_free_Blow_DPI          ? 
# 
_refine_analyze.pdbx_refine_id                  'X-RAY DIFFRACTION' 
_refine_analyze.entry_id                        3AB6 
_refine_analyze.Luzzati_coordinate_error_obs    0.21 
_refine_analyze.Luzzati_sigma_a_obs             0.06 
_refine_analyze.Luzzati_d_res_low_obs           5.00 
_refine_analyze.Luzzati_coordinate_error_free   0.20 
_refine_analyze.Luzzati_sigma_a_free            . 
_refine_analyze.Luzzati_d_res_low_free          ? 
_refine_analyze.number_disordered_residues      ? 
_refine_analyze.occupancy_sum_hydrogen          ? 
_refine_analyze.occupancy_sum_non_hydrogen      ? 
_refine_analyze.pdbx_Luzzati_d_res_high_obs     ? 
# 
_refine_hist.pdbx_refine_id                   'X-RAY DIFFRACTION' 
_refine_hist.cycle_id                         LAST 
_refine_hist.pdbx_number_atoms_protein        925 
_refine_hist.pdbx_number_atoms_nucleic_acid   0 
_refine_hist.pdbx_number_atoms_ligand         43 
_refine_hist.number_atoms_solvent             185 
_refine_hist.number_atoms_total               1153 
_refine_hist.d_res_high                       1.78 
_refine_hist.d_res_low                        34.48 
# 
loop_
_refine_ls_restr.type 
_refine_ls_restr.dev_ideal 
_refine_ls_restr.dev_ideal_target 
_refine_ls_restr.weight 
_refine_ls_restr.number 
_refine_ls_restr.pdbx_refine_id 
_refine_ls_restr.pdbx_restraint_function 
c_bond_d                0.004 ?     ? ? 'X-RAY DIFFRACTION' ? 
c_bond_d_na             ?     ?     ? ? 'X-RAY DIFFRACTION' ? 
c_bond_d_prot           ?     ?     ? ? 'X-RAY DIFFRACTION' ? 
c_angle_d               ?     ?     ? ? 'X-RAY DIFFRACTION' ? 
c_angle_d_na            ?     ?     ? ? 'X-RAY DIFFRACTION' ? 
c_angle_d_prot          ?     ?     ? ? 'X-RAY DIFFRACTION' ? 
c_angle_deg             1.5   ?     ? ? 'X-RAY DIFFRACTION' ? 
c_angle_deg_na          ?     ?     ? ? 'X-RAY DIFFRACTION' ? 
c_angle_deg_prot        ?     ?     ? ? 'X-RAY DIFFRACTION' ? 
c_dihedral_angle_d      21.7  ?     ? ? 'X-RAY DIFFRACTION' ? 
c_dihedral_angle_d_na   ?     ?     ? ? 'X-RAY DIFFRACTION' ? 
c_dihedral_angle_d_prot ?     ?     ? ? 'X-RAY DIFFRACTION' ? 
c_improper_angle_d      1.58  ?     ? ? 'X-RAY DIFFRACTION' ? 
c_improper_angle_d_na   ?     ?     ? ? 'X-RAY DIFFRACTION' ? 
c_improper_angle_d_prot ?     ?     ? ? 'X-RAY DIFFRACTION' ? 
c_mcbond_it             1.859 1.500 ? ? 'X-RAY DIFFRACTION' ? 
c_mcangle_it            2.633 2.000 ? ? 'X-RAY DIFFRACTION' ? 
c_scbond_it             4.554 3.000 ? ? 'X-RAY DIFFRACTION' ? 
c_scangle_it            6.228 4.500 ? ? 'X-RAY DIFFRACTION' ? 
# 
_refine_ls_shell.pdbx_refine_id                   'X-RAY DIFFRACTION' 
_refine_ls_shell.pdbx_total_number_of_bins_used   6 
_refine_ls_shell.d_res_high                       1.78 
_refine_ls_shell.d_res_low                        1.89 
_refine_ls_shell.number_reflns_R_work             1567 
_refine_ls_shell.R_factor_R_work                  0.211 
_refine_ls_shell.percent_reflns_obs               96.7 
_refine_ls_shell.R_factor_R_free                  0.213 
_refine_ls_shell.R_factor_R_free_error            0.015 
_refine_ls_shell.percent_reflns_R_free            9.9 
_refine_ls_shell.number_reflns_R_free             172 
_refine_ls_shell.number_reflns_all                ? 
_refine_ls_shell.R_factor_all                     ? 
_refine_ls_shell.redundancy_reflns_obs            ? 
_refine_ls_shell.number_reflns_obs                ? 
# 
_struct.entry_id                  3AB6 
_struct.title                     'Crystal structure of NAG3 bound lysozyme from Meretrix lusoria' 
_struct.pdbx_model_details        ? 
_struct.pdbx_CASP_flag            ? 
_struct.pdbx_model_type_details   ? 
# 
_struct_keywords.entry_id        3AB6 
_struct_keywords.pdbx_keywords   HYDROLASE 
_struct_keywords.text            
'lysozyme, Meretrix lusoria, Antibiotic, Antimicrobial, Bacteriolytic enzyme, Glycosidase, Hydrolase, Secreted' 
# 
loop_
_struct_asym.id 
_struct_asym.pdbx_blank_PDB_chainid_flag 
_struct_asym.pdbx_modified 
_struct_asym.entity_id 
_struct_asym.details 
A N N 1 ? 
B N N 2 ? 
C N N 3 ? 
# 
_struct_ref.id                         1 
_struct_ref.db_name                    UNP 
_struct_ref.db_code                    LYS_MERLU 
_struct_ref.pdbx_db_accession          P86383 
_struct_ref.entity_id                  1 
_struct_ref.pdbx_seq_one_letter_code   
;FAGGTVSQRCLSCICKMESGCRNVGCKMDMGSLSCGYFQIKEAYWIDCGRPGSSWKSCAASSYCASLCVQNYMKRYAKWA
GCPLRCEGFAREHNGGPRGCKKGSTIGYWNRLQKISGCHGVQ
;
_struct_ref.pdbx_align_begin           1 
_struct_ref.pdbx_db_isoform            ? 
# 
_struct_ref_seq.align_id                      1 
_struct_ref_seq.ref_id                        1 
_struct_ref_seq.pdbx_PDB_id_code              3AB6 
_struct_ref_seq.pdbx_strand_id                A 
_struct_ref_seq.seq_align_beg                 1 
_struct_ref_seq.pdbx_seq_align_beg_ins_code   ? 
_struct_ref_seq.seq_align_end                 122 
_struct_ref_seq.pdbx_seq_align_end_ins_code   ? 
_struct_ref_seq.pdbx_db_accession             P86383 
_struct_ref_seq.db_align_beg                  1 
_struct_ref_seq.pdbx_db_align_beg_ins_code    ? 
_struct_ref_seq.db_align_end                  122 
_struct_ref_seq.pdbx_db_align_end_ins_code    ? 
_struct_ref_seq.pdbx_auth_seq_align_beg       1 
_struct_ref_seq.pdbx_auth_seq_align_end       122 
# 
_pdbx_struct_assembly.id                   1 
_pdbx_struct_assembly.details              author_and_software_defined_assembly 
_pdbx_struct_assembly.method_details       PISA 
_pdbx_struct_assembly.oligomeric_details   monomeric 
_pdbx_struct_assembly.oligomeric_count     1 
# 
_pdbx_struct_assembly_gen.assembly_id       1 
_pdbx_struct_assembly_gen.oper_expression   1 
_pdbx_struct_assembly_gen.asym_id_list      A,B,C 
# 
_pdbx_struct_oper_list.id                   1 
_pdbx_struct_oper_list.type                 'identity operation' 
_pdbx_struct_oper_list.name                 1_555 
_pdbx_struct_oper_list.symmetry_operation   x,y,z 
_pdbx_struct_oper_list.matrix[1][1]         1.0000000000 
_pdbx_struct_oper_list.matrix[1][2]         0.0000000000 
_pdbx_struct_oper_list.matrix[1][3]         0.0000000000 
_pdbx_struct_oper_list.vector[1]            0.0000000000 
_pdbx_struct_oper_list.matrix[2][1]         0.0000000000 
_pdbx_struct_oper_list.matrix[2][2]         1.0000000000 
_pdbx_struct_oper_list.matrix[2][3]         0.0000000000 
_pdbx_struct_oper_list.vector[2]            0.0000000000 
_pdbx_struct_oper_list.matrix[3][1]         0.0000000000 
_pdbx_struct_oper_list.matrix[3][2]         0.0000000000 
_pdbx_struct_oper_list.matrix[3][3]         1.0000000000 
_pdbx_struct_oper_list.vector[3]            0.0000000000 
# 
_struct_biol.id        1 
_struct_biol.details   ? 
# 
loop_
_struct_conf.conf_type_id 
_struct_conf.id 
_struct_conf.pdbx_PDB_helix_id 
_struct_conf.beg_label_comp_id 
_struct_conf.beg_label_asym_id 
_struct_conf.beg_label_seq_id 
_struct_conf.pdbx_beg_PDB_ins_code 
_struct_conf.end_label_comp_id 
_struct_conf.end_label_asym_id 
_struct_conf.end_label_seq_id 
_struct_conf.pdbx_end_PDB_ins_code 
_struct_conf.beg_auth_comp_id 
_struct_conf.beg_auth_asym_id 
_struct_conf.beg_auth_seq_id 
_struct_conf.end_auth_comp_id 
_struct_conf.end_auth_asym_id 
_struct_conf.end_auth_seq_id 
_struct_conf.pdbx_PDB_helix_class 
_struct_conf.details 
_struct_conf.pdbx_PDB_helix_length 
HELX_P HELX_P1 1 SER A 7   ? GLY A 20  ? SER A 7   GLY A 20  1 ? 14 
HELX_P HELX_P2 2 GLU A 42  ? CYS A 48  ? GLU A 42  CYS A 48  1 ? 7  
HELX_P HELX_P3 3 SER A 54  ? ALA A 60  ? SER A 54  ALA A 60  1 ? 7  
HELX_P HELX_P4 4 SER A 61  ? ALA A 77  ? SER A 61  ALA A 77  1 ? 17 
HELX_P HELX_P5 5 ARG A 85  ? GLY A 96  ? ARG A 85  GLY A 96  1 ? 12 
HELX_P HELX_P6 6 ARG A 98  ? SER A 104 ? ARG A 98  SER A 104 5 ? 7  
HELX_P HELX_P7 7 THR A 105 ? GLN A 113 ? THR A 105 GLN A 113 1 ? 9  
# 
_struct_conf_type.id          HELX_P 
_struct_conf_type.criteria    ? 
_struct_conf_type.reference   ? 
# 
loop_
_struct_conn.id 
_struct_conn.conn_type_id 
_struct_conn.pdbx_leaving_atom_flag 
_struct_conn.pdbx_PDB_id 
_struct_conn.ptnr1_label_asym_id 
_struct_conn.ptnr1_label_comp_id 
_struct_conn.ptnr1_label_seq_id 
_struct_conn.ptnr1_label_atom_id 
_struct_conn.pdbx_ptnr1_label_alt_id 
_struct_conn.pdbx_ptnr1_PDB_ins_code 
_struct_conn.pdbx_ptnr1_standard_comp_id 
_struct_conn.ptnr1_symmetry 
_struct_conn.ptnr2_label_asym_id 
_struct_conn.ptnr2_label_comp_id 
_struct_conn.ptnr2_label_seq_id 
_struct_conn.ptnr2_label_atom_id 
_struct_conn.pdbx_ptnr2_label_alt_id 
_struct_conn.pdbx_ptnr2_PDB_ins_code 
_struct_conn.ptnr1_auth_asym_id 
_struct_conn.ptnr1_auth_comp_id 
_struct_conn.ptnr1_auth_seq_id 
_struct_conn.ptnr2_auth_asym_id 
_struct_conn.ptnr2_auth_comp_id 
_struct_conn.ptnr2_auth_seq_id 
_struct_conn.ptnr2_symmetry 
_struct_conn.pdbx_ptnr3_label_atom_id 
_struct_conn.pdbx_ptnr3_label_seq_id 
_struct_conn.pdbx_ptnr3_label_comp_id 
_struct_conn.pdbx_ptnr3_label_asym_id 
_struct_conn.pdbx_ptnr3_label_alt_id 
_struct_conn.pdbx_ptnr3_PDB_ins_code 
_struct_conn.details 
_struct_conn.pdbx_dist_value 
_struct_conn.pdbx_value_order 
_struct_conn.pdbx_role 
disulf1 disulf ?    ? A CYS 10 SG ? ? ? 1_555 A CYS 86  SG ? ? A CYS 10 A CYS 86  1_555 ? ? ? ? ? ? ? 2.028 ? ? 
disulf2 disulf ?    ? A CYS 13 SG ? ? ? 1_555 A CYS 118 SG ? ? A CYS 13 A CYS 118 1_555 ? ? ? ? ? ? ? 2.029 ? ? 
disulf3 disulf ?    ? A CYS 15 SG ? ? ? 1_555 A CYS 21  SG ? ? A CYS 15 A CYS 21  1_555 ? ? ? ? ? ? ? 2.029 ? ? 
disulf4 disulf ?    ? A CYS 26 SG ? ? ? 1_555 A CYS 35  SG ? ? A CYS 26 A CYS 35  1_555 ? ? ? ? ? ? ? 2.033 ? ? 
disulf5 disulf ?    ? A CYS 48 SG ? ? ? 1_555 A CYS 68  SG ? ? A CYS 48 A CYS 68  1_555 ? ? ? ? ? ? ? 2.034 ? ? 
disulf6 disulf ?    ? A CYS 58 SG ? ? ? 1_555 A CYS 64  SG ? ? A CYS 58 A CYS 64  1_555 ? ? ? ? ? ? ? 2.034 ? ? 
disulf7 disulf ?    ? A CYS 82 SG ? ? ? 1_555 A CYS 100 SG ? ? A CYS 82 A CYS 100 1_555 ? ? ? ? ? ? ? 2.029 ? ? 
covale1 covale both ? B NAG .  O4 ? ? ? 1_555 B NAG .   C1 ? ? B NAG 1  B NAG 2   1_555 ? ? ? ? ? ? ? 1.432 ? ? 
covale2 covale both ? B NAG .  O4 ? ? ? 1_555 B NAG .   C1 ? ? B NAG 2  B NAG 3   1_555 ? ? ? ? ? ? ? 1.438 ? ? 
# 
loop_
_struct_conn_type.id 
_struct_conn_type.criteria 
_struct_conn_type.reference 
disulf ? ? 
covale ? ? 
# 
loop_
_pdbx_modification_feature.ordinal 
_pdbx_modification_feature.label_comp_id 
_pdbx_modification_feature.label_asym_id 
_pdbx_modification_feature.label_seq_id 
_pdbx_modification_feature.label_alt_id 
_pdbx_modification_feature.modified_residue_label_comp_id 
_pdbx_modification_feature.modified_residue_label_asym_id 
_pdbx_modification_feature.modified_residue_label_seq_id 
_pdbx_modification_feature.modified_residue_label_alt_id 
_pdbx_modification_feature.auth_comp_id 
_pdbx_modification_feature.auth_asym_id 
_pdbx_modification_feature.auth_seq_id 
_pdbx_modification_feature.PDB_ins_code 
_pdbx_modification_feature.symmetry 
_pdbx_modification_feature.modified_residue_auth_comp_id 
_pdbx_modification_feature.modified_residue_auth_asym_id 
_pdbx_modification_feature.modified_residue_auth_seq_id 
_pdbx_modification_feature.modified_residue_PDB_ins_code 
_pdbx_modification_feature.modified_residue_symmetry 
_pdbx_modification_feature.comp_id_linking_atom 
_pdbx_modification_feature.modified_residue_id_linking_atom 
_pdbx_modification_feature.modified_residue_id 
_pdbx_modification_feature.ref_pcm_id 
_pdbx_modification_feature.ref_comp_id 
_pdbx_modification_feature.type 
_pdbx_modification_feature.category 
1 CYS A 10 ? CYS A 86  ? CYS A 10 ? 1_555 CYS A 86  ? 1_555 SG SG . . . None 'Disulfide bridge' 
2 CYS A 13 ? CYS A 118 ? CYS A 13 ? 1_555 CYS A 118 ? 1_555 SG SG . . . None 'Disulfide bridge' 
3 CYS A 15 ? CYS A 21  ? CYS A 15 ? 1_555 CYS A 21  ? 1_555 SG SG . . . None 'Disulfide bridge' 
4 CYS A 26 ? CYS A 35  ? CYS A 26 ? 1_555 CYS A 35  ? 1_555 SG SG . . . None 'Disulfide bridge' 
5 CYS A 48 ? CYS A 68  ? CYS A 48 ? 1_555 CYS A 68  ? 1_555 SG SG . . . None 'Disulfide bridge' 
6 CYS A 58 ? CYS A 64  ? CYS A 58 ? 1_555 CYS A 64  ? 1_555 SG SG . . . None 'Disulfide bridge' 
7 CYS A 82 ? CYS A 100 ? CYS A 82 ? 1_555 CYS A 100 ? 1_555 SG SG . . . None 'Disulfide bridge' 
# 
_struct_sheet.id               A 
_struct_sheet.type             ? 
_struct_sheet.number_strands   3 
_struct_sheet.details          ? 
# 
loop_
_struct_sheet_order.sheet_id 
_struct_sheet_order.range_id_1 
_struct_sheet_order.range_id_2 
_struct_sheet_order.offset 
_struct_sheet_order.sense 
A 1 2 ? anti-parallel 
A 2 3 ? anti-parallel 
# 
loop_
_struct_sheet_range.sheet_id 
_struct_sheet_range.id 
_struct_sheet_range.beg_label_comp_id 
_struct_sheet_range.beg_label_asym_id 
_struct_sheet_range.beg_label_seq_id 
_struct_sheet_range.pdbx_beg_PDB_ins_code 
_struct_sheet_range.end_label_comp_id 
_struct_sheet_range.end_label_asym_id 
_struct_sheet_range.end_label_seq_id 
_struct_sheet_range.pdbx_end_PDB_ins_code 
_struct_sheet_range.beg_auth_comp_id 
_struct_sheet_range.beg_auth_asym_id 
_struct_sheet_range.beg_auth_seq_id 
_struct_sheet_range.end_auth_comp_id 
_struct_sheet_range.end_auth_asym_id 
_struct_sheet_range.end_auth_seq_id 
A 1 CYS A 26 ? ASP A 29 ? CYS A 26 ASP A 29 
A 2 SER A 32 ? CYS A 35 ? SER A 32 CYS A 35 
A 3 ILE A 40 ? LYS A 41 ? ILE A 40 LYS A 41 
# 
loop_
_pdbx_struct_sheet_hbond.sheet_id 
_pdbx_struct_sheet_hbond.range_id_1 
_pdbx_struct_sheet_hbond.range_id_2 
_pdbx_struct_sheet_hbond.range_1_label_atom_id 
_pdbx_struct_sheet_hbond.range_1_label_comp_id 
_pdbx_struct_sheet_hbond.range_1_label_asym_id 
_pdbx_struct_sheet_hbond.range_1_label_seq_id 
_pdbx_struct_sheet_hbond.range_1_PDB_ins_code 
_pdbx_struct_sheet_hbond.range_1_auth_atom_id 
_pdbx_struct_sheet_hbond.range_1_auth_comp_id 
_pdbx_struct_sheet_hbond.range_1_auth_asym_id 
_pdbx_struct_sheet_hbond.range_1_auth_seq_id 
_pdbx_struct_sheet_hbond.range_2_label_atom_id 
_pdbx_struct_sheet_hbond.range_2_label_comp_id 
_pdbx_struct_sheet_hbond.range_2_label_asym_id 
_pdbx_struct_sheet_hbond.range_2_label_seq_id 
_pdbx_struct_sheet_hbond.range_2_PDB_ins_code 
_pdbx_struct_sheet_hbond.range_2_auth_atom_id 
_pdbx_struct_sheet_hbond.range_2_auth_comp_id 
_pdbx_struct_sheet_hbond.range_2_auth_asym_id 
_pdbx_struct_sheet_hbond.range_2_auth_seq_id 
A 1 2 N ASP A 29 ? N ASP A 29 O SER A 32 ? O SER A 32 
A 2 3 N CYS A 35 ? N CYS A 35 O ILE A 40 ? O ILE A 40 
# 
_pdbx_entry_details.entry_id                   3AB6 
_pdbx_entry_details.nonpolymer_details         ? 
_pdbx_entry_details.sequence_details           
'5TH RESIDUE IS THR IN THIS ENTRY, WHICH IS A NATURAL VARIANT REFERRED IN P86383 IN UNIPROT.' 
_pdbx_entry_details.compound_details           ? 
_pdbx_entry_details.source_details             ? 
_pdbx_entry_details.has_ligand_of_interest     ? 
_pdbx_entry_details.has_protein_modification   Y 
# 
_pdbx_validate_torsion.id              1 
_pdbx_validate_torsion.PDB_model_num   1 
_pdbx_validate_torsion.auth_comp_id    SER 
_pdbx_validate_torsion.auth_asym_id    A 
_pdbx_validate_torsion.auth_seq_id     19 
_pdbx_validate_torsion.PDB_ins_code    ? 
_pdbx_validate_torsion.label_alt_id    ? 
_pdbx_validate_torsion.phi             -153.78 
_pdbx_validate_torsion.psi             13.99 
# 
_pdbx_molecule_features.prd_id    PRD_900017 
_pdbx_molecule_features.name      triacetyl-beta-chitotriose 
_pdbx_molecule_features.type      Oligosaccharide 
_pdbx_molecule_features.class     Inhibitor 
_pdbx_molecule_features.details   oligosaccharide 
# 
_pdbx_molecule.instance_id   1 
_pdbx_molecule.prd_id        PRD_900017 
_pdbx_molecule.asym_id       B 
# 
_pdbx_struct_special_symmetry.id              1 
_pdbx_struct_special_symmetry.PDB_model_num   1 
_pdbx_struct_special_symmetry.auth_asym_id    A 
_pdbx_struct_special_symmetry.auth_comp_id    HOH 
_pdbx_struct_special_symmetry.auth_seq_id     169 
_pdbx_struct_special_symmetry.PDB_ins_code    ? 
_pdbx_struct_special_symmetry.label_asym_id   C 
_pdbx_struct_special_symmetry.label_comp_id   HOH 
_pdbx_struct_special_symmetry.label_seq_id    . 
# 
loop_
_chem_comp_atom.comp_id 
_chem_comp_atom.atom_id 
_chem_comp_atom.type_symbol 
_chem_comp_atom.pdbx_aromatic_flag 
_chem_comp_atom.pdbx_stereo_config 
_chem_comp_atom.pdbx_ordinal 
ALA N    N N N 1   
ALA CA   C N S 2   
ALA C    C N N 3   
ALA O    O N N 4   
ALA CB   C N N 5   
ALA OXT  O N N 6   
ALA H    H N N 7   
ALA H2   H N N 8   
ALA HA   H N N 9   
ALA HB1  H N N 10  
ALA HB2  H N N 11  
ALA HB3  H N N 12  
ALA HXT  H N N 13  
ARG N    N N N 14  
ARG CA   C N S 15  
ARG C    C N N 16  
ARG O    O N N 17  
ARG CB   C N N 18  
ARG CG   C N N 19  
ARG CD   C N N 20  
ARG NE   N N N 21  
ARG CZ   C N N 22  
ARG NH1  N N N 23  
ARG NH2  N N N 24  
ARG OXT  O N N 25  
ARG H    H N N 26  
ARG H2   H N N 27  
ARG HA   H N N 28  
ARG HB2  H N N 29  
ARG HB3  H N N 30  
ARG HG2  H N N 31  
ARG HG3  H N N 32  
ARG HD2  H N N 33  
ARG HD3  H N N 34  
ARG HE   H N N 35  
ARG HH11 H N N 36  
ARG HH12 H N N 37  
ARG HH21 H N N 38  
ARG HH22 H N N 39  
ARG HXT  H N N 40  
ASN N    N N N 41  
ASN CA   C N S 42  
ASN C    C N N 43  
ASN O    O N N 44  
ASN CB   C N N 45  
ASN CG   C N N 46  
ASN OD1  O N N 47  
ASN ND2  N N N 48  
ASN OXT  O N N 49  
ASN H    H N N 50  
ASN H2   H N N 51  
ASN HA   H N N 52  
ASN HB2  H N N 53  
ASN HB3  H N N 54  
ASN HD21 H N N 55  
ASN HD22 H N N 56  
ASN HXT  H N N 57  
ASP N    N N N 58  
ASP CA   C N S 59  
ASP C    C N N 60  
ASP O    O N N 61  
ASP CB   C N N 62  
ASP CG   C N N 63  
ASP OD1  O N N 64  
ASP OD2  O N N 65  
ASP OXT  O N N 66  
ASP H    H N N 67  
ASP H2   H N N 68  
ASP HA   H N N 69  
ASP HB2  H N N 70  
ASP HB3  H N N 71  
ASP HD2  H N N 72  
ASP HXT  H N N 73  
CYS N    N N N 74  
CYS CA   C N R 75  
CYS C    C N N 76  
CYS O    O N N 77  
CYS CB   C N N 78  
CYS SG   S N N 79  
CYS OXT  O N N 80  
CYS H    H N N 81  
CYS H2   H N N 82  
CYS HA   H N N 83  
CYS HB2  H N N 84  
CYS HB3  H N N 85  
CYS HG   H N N 86  
CYS HXT  H N N 87  
GLN N    N N N 88  
GLN CA   C N S 89  
GLN C    C N N 90  
GLN O    O N N 91  
GLN CB   C N N 92  
GLN CG   C N N 93  
GLN CD   C N N 94  
GLN OE1  O N N 95  
GLN NE2  N N N 96  
GLN OXT  O N N 97  
GLN H    H N N 98  
GLN H2   H N N 99  
GLN HA   H N N 100 
GLN HB2  H N N 101 
GLN HB3  H N N 102 
GLN HG2  H N N 103 
GLN HG3  H N N 104 
GLN HE21 H N N 105 
GLN HE22 H N N 106 
GLN HXT  H N N 107 
GLU N    N N N 108 
GLU CA   C N S 109 
GLU C    C N N 110 
GLU O    O N N 111 
GLU CB   C N N 112 
GLU CG   C N N 113 
GLU CD   C N N 114 
GLU OE1  O N N 115 
GLU OE2  O N N 116 
GLU OXT  O N N 117 
GLU H    H N N 118 
GLU H2   H N N 119 
GLU HA   H N N 120 
GLU HB2  H N N 121 
GLU HB3  H N N 122 
GLU HG2  H N N 123 
GLU HG3  H N N 124 
GLU HE2  H N N 125 
GLU HXT  H N N 126 
GLY N    N N N 127 
GLY CA   C N N 128 
GLY C    C N N 129 
GLY O    O N N 130 
GLY OXT  O N N 131 
GLY H    H N N 132 
GLY H2   H N N 133 
GLY HA2  H N N 134 
GLY HA3  H N N 135 
GLY HXT  H N N 136 
HIS N    N N N 137 
HIS CA   C N S 138 
HIS C    C N N 139 
HIS O    O N N 140 
HIS CB   C N N 141 
HIS CG   C Y N 142 
HIS ND1  N Y N 143 
HIS CD2  C Y N 144 
HIS CE1  C Y N 145 
HIS NE2  N Y N 146 
HIS OXT  O N N 147 
HIS H    H N N 148 
HIS H2   H N N 149 
HIS HA   H N N 150 
HIS HB2  H N N 151 
HIS HB3  H N N 152 
HIS HD1  H N N 153 
HIS HD2  H N N 154 
HIS HE1  H N N 155 
HIS HE2  H N N 156 
HIS HXT  H N N 157 
HOH O    O N N 158 
HOH H1   H N N 159 
HOH H2   H N N 160 
ILE N    N N N 161 
ILE CA   C N S 162 
ILE C    C N N 163 
ILE O    O N N 164 
ILE CB   C N S 165 
ILE CG1  C N N 166 
ILE CG2  C N N 167 
ILE CD1  C N N 168 
ILE OXT  O N N 169 
ILE H    H N N 170 
ILE H2   H N N 171 
ILE HA   H N N 172 
ILE HB   H N N 173 
ILE HG12 H N N 174 
ILE HG13 H N N 175 
ILE HG21 H N N 176 
ILE HG22 H N N 177 
ILE HG23 H N N 178 
ILE HD11 H N N 179 
ILE HD12 H N N 180 
ILE HD13 H N N 181 
ILE HXT  H N N 182 
LEU N    N N N 183 
LEU CA   C N S 184 
LEU C    C N N 185 
LEU O    O N N 186 
LEU CB   C N N 187 
LEU CG   C N N 188 
LEU CD1  C N N 189 
LEU CD2  C N N 190 
LEU OXT  O N N 191 
LEU H    H N N 192 
LEU H2   H N N 193 
LEU HA   H N N 194 
LEU HB2  H N N 195 
LEU HB3  H N N 196 
LEU HG   H N N 197 
LEU HD11 H N N 198 
LEU HD12 H N N 199 
LEU HD13 H N N 200 
LEU HD21 H N N 201 
LEU HD22 H N N 202 
LEU HD23 H N N 203 
LEU HXT  H N N 204 
LYS N    N N N 205 
LYS CA   C N S 206 
LYS C    C N N 207 
LYS O    O N N 208 
LYS CB   C N N 209 
LYS CG   C N N 210 
LYS CD   C N N 211 
LYS CE   C N N 212 
LYS NZ   N N N 213 
LYS OXT  O N N 214 
LYS H    H N N 215 
LYS H2   H N N 216 
LYS HA   H N N 217 
LYS HB2  H N N 218 
LYS HB3  H N N 219 
LYS HG2  H N N 220 
LYS HG3  H N N 221 
LYS HD2  H N N 222 
LYS HD3  H N N 223 
LYS HE2  H N N 224 
LYS HE3  H N N 225 
LYS HZ1  H N N 226 
LYS HZ2  H N N 227 
LYS HZ3  H N N 228 
LYS HXT  H N N 229 
MET N    N N N 230 
MET CA   C N S 231 
MET C    C N N 232 
MET O    O N N 233 
MET CB   C N N 234 
MET CG   C N N 235 
MET SD   S N N 236 
MET CE   C N N 237 
MET OXT  O N N 238 
MET H    H N N 239 
MET H2   H N N 240 
MET HA   H N N 241 
MET HB2  H N N 242 
MET HB3  H N N 243 
MET HG2  H N N 244 
MET HG3  H N N 245 
MET HE1  H N N 246 
MET HE2  H N N 247 
MET HE3  H N N 248 
MET HXT  H N N 249 
NAG C1   C N R 250 
NAG C2   C N R 251 
NAG C3   C N R 252 
NAG C4   C N S 253 
NAG C5   C N R 254 
NAG C6   C N N 255 
NAG C7   C N N 256 
NAG C8   C N N 257 
NAG N2   N N N 258 
NAG O1   O N N 259 
NAG O3   O N N 260 
NAG O4   O N N 261 
NAG O5   O N N 262 
NAG O6   O N N 263 
NAG O7   O N N 264 
NAG H1   H N N 265 
NAG H2   H N N 266 
NAG H3   H N N 267 
NAG H4   H N N 268 
NAG H5   H N N 269 
NAG H61  H N N 270 
NAG H62  H N N 271 
NAG H81  H N N 272 
NAG H82  H N N 273 
NAG H83  H N N 274 
NAG HN2  H N N 275 
NAG HO1  H N N 276 
NAG HO3  H N N 277 
NAG HO4  H N N 278 
NAG HO6  H N N 279 
PHE N    N N N 280 
PHE CA   C N S 281 
PHE C    C N N 282 
PHE O    O N N 283 
PHE CB   C N N 284 
PHE CG   C Y N 285 
PHE CD1  C Y N 286 
PHE CD2  C Y N 287 
PHE CE1  C Y N 288 
PHE CE2  C Y N 289 
PHE CZ   C Y N 290 
PHE OXT  O N N 291 
PHE H    H N N 292 
PHE H2   H N N 293 
PHE HA   H N N 294 
PHE HB2  H N N 295 
PHE HB3  H N N 296 
PHE HD1  H N N 297 
PHE HD2  H N N 298 
PHE HE1  H N N 299 
PHE HE2  H N N 300 
PHE HZ   H N N 301 
PHE HXT  H N N 302 
PRO N    N N N 303 
PRO CA   C N S 304 
PRO C    C N N 305 
PRO O    O N N 306 
PRO CB   C N N 307 
PRO CG   C N N 308 
PRO CD   C N N 309 
PRO OXT  O N N 310 
PRO H    H N N 311 
PRO HA   H N N 312 
PRO HB2  H N N 313 
PRO HB3  H N N 314 
PRO HG2  H N N 315 
PRO HG3  H N N 316 
PRO HD2  H N N 317 
PRO HD3  H N N 318 
PRO HXT  H N N 319 
SER N    N N N 320 
SER CA   C N S 321 
SER C    C N N 322 
SER O    O N N 323 
SER CB   C N N 324 
SER OG   O N N 325 
SER OXT  O N N 326 
SER H    H N N 327 
SER H2   H N N 328 
SER HA   H N N 329 
SER HB2  H N N 330 
SER HB3  H N N 331 
SER HG   H N N 332 
SER HXT  H N N 333 
THR N    N N N 334 
THR CA   C N S 335 
THR C    C N N 336 
THR O    O N N 337 
THR CB   C N R 338 
THR OG1  O N N 339 
THR CG2  C N N 340 
THR OXT  O N N 341 
THR H    H N N 342 
THR H2   H N N 343 
THR HA   H N N 344 
THR HB   H N N 345 
THR HG1  H N N 346 
THR HG21 H N N 347 
THR HG22 H N N 348 
THR HG23 H N N 349 
THR HXT  H N N 350 
TRP N    N N N 351 
TRP CA   C N S 352 
TRP C    C N N 353 
TRP O    O N N 354 
TRP CB   C N N 355 
TRP CG   C Y N 356 
TRP CD1  C Y N 357 
TRP CD2  C Y N 358 
TRP NE1  N Y N 359 
TRP CE2  C Y N 360 
TRP CE3  C Y N 361 
TRP CZ2  C Y N 362 
TRP CZ3  C Y N 363 
TRP CH2  C Y N 364 
TRP OXT  O N N 365 
TRP H    H N N 366 
TRP H2   H N N 367 
TRP HA   H N N 368 
TRP HB2  H N N 369 
TRP HB3  H N N 370 
TRP HD1  H N N 371 
TRP HE1  H N N 372 
TRP HE3  H N N 373 
TRP HZ2  H N N 374 
TRP HZ3  H N N 375 
TRP HH2  H N N 376 
TRP HXT  H N N 377 
TYR N    N N N 378 
TYR CA   C N S 379 
TYR C    C N N 380 
TYR O    O N N 381 
TYR CB   C N N 382 
TYR CG   C Y N 383 
TYR CD1  C Y N 384 
TYR CD2  C Y N 385 
TYR CE1  C Y N 386 
TYR CE2  C Y N 387 
TYR CZ   C Y N 388 
TYR OH   O N N 389 
TYR OXT  O N N 390 
TYR H    H N N 391 
TYR H2   H N N 392 
TYR HA   H N N 393 
TYR HB2  H N N 394 
TYR HB3  H N N 395 
TYR HD1  H N N 396 
TYR HD2  H N N 397 
TYR HE1  H N N 398 
TYR HE2  H N N 399 
TYR HH   H N N 400 
TYR HXT  H N N 401 
VAL N    N N N 402 
VAL CA   C N S 403 
VAL C    C N N 404 
VAL O    O N N 405 
VAL CB   C N N 406 
VAL CG1  C N N 407 
VAL CG2  C N N 408 
VAL OXT  O N N 409 
VAL H    H N N 410 
VAL H2   H N N 411 
VAL HA   H N N 412 
VAL HB   H N N 413 
VAL HG11 H N N 414 
VAL HG12 H N N 415 
VAL HG13 H N N 416 
VAL HG21 H N N 417 
VAL HG22 H N N 418 
VAL HG23 H N N 419 
VAL HXT  H N N 420 
# 
loop_
_chem_comp_bond.comp_id 
_chem_comp_bond.atom_id_1 
_chem_comp_bond.atom_id_2 
_chem_comp_bond.value_order 
_chem_comp_bond.pdbx_aromatic_flag 
_chem_comp_bond.pdbx_stereo_config 
_chem_comp_bond.pdbx_ordinal 
ALA N   CA   sing N N 1   
ALA N   H    sing N N 2   
ALA N   H2   sing N N 3   
ALA CA  C    sing N N 4   
ALA CA  CB   sing N N 5   
ALA CA  HA   sing N N 6   
ALA C   O    doub N N 7   
ALA C   OXT  sing N N 8   
ALA CB  HB1  sing N N 9   
ALA CB  HB2  sing N N 10  
ALA CB  HB3  sing N N 11  
ALA OXT HXT  sing N N 12  
ARG N   CA   sing N N 13  
ARG N   H    sing N N 14  
ARG N   H2   sing N N 15  
ARG CA  C    sing N N 16  
ARG CA  CB   sing N N 17  
ARG CA  HA   sing N N 18  
ARG C   O    doub N N 19  
ARG C   OXT  sing N N 20  
ARG CB  CG   sing N N 21  
ARG CB  HB2  sing N N 22  
ARG CB  HB3  sing N N 23  
ARG CG  CD   sing N N 24  
ARG CG  HG2  sing N N 25  
ARG CG  HG3  sing N N 26  
ARG CD  NE   sing N N 27  
ARG CD  HD2  sing N N 28  
ARG CD  HD3  sing N N 29  
ARG NE  CZ   sing N N 30  
ARG NE  HE   sing N N 31  
ARG CZ  NH1  sing N N 32  
ARG CZ  NH2  doub N N 33  
ARG NH1 HH11 sing N N 34  
ARG NH1 HH12 sing N N 35  
ARG NH2 HH21 sing N N 36  
ARG NH2 HH22 sing N N 37  
ARG OXT HXT  sing N N 38  
ASN N   CA   sing N N 39  
ASN N   H    sing N N 40  
ASN N   H2   sing N N 41  
ASN CA  C    sing N N 42  
ASN CA  CB   sing N N 43  
ASN CA  HA   sing N N 44  
ASN C   O    doub N N 45  
ASN C   OXT  sing N N 46  
ASN CB  CG   sing N N 47  
ASN CB  HB2  sing N N 48  
ASN CB  HB3  sing N N 49  
ASN CG  OD1  doub N N 50  
ASN CG  ND2  sing N N 51  
ASN ND2 HD21 sing N N 52  
ASN ND2 HD22 sing N N 53  
ASN OXT HXT  sing N N 54  
ASP N   CA   sing N N 55  
ASP N   H    sing N N 56  
ASP N   H2   sing N N 57  
ASP CA  C    sing N N 58  
ASP CA  CB   sing N N 59  
ASP CA  HA   sing N N 60  
ASP C   O    doub N N 61  
ASP C   OXT  sing N N 62  
ASP CB  CG   sing N N 63  
ASP CB  HB2  sing N N 64  
ASP CB  HB3  sing N N 65  
ASP CG  OD1  doub N N 66  
ASP CG  OD2  sing N N 67  
ASP OD2 HD2  sing N N 68  
ASP OXT HXT  sing N N 69  
CYS N   CA   sing N N 70  
CYS N   H    sing N N 71  
CYS N   H2   sing N N 72  
CYS CA  C    sing N N 73  
CYS CA  CB   sing N N 74  
CYS CA  HA   sing N N 75  
CYS C   O    doub N N 76  
CYS C   OXT  sing N N 77  
CYS CB  SG   sing N N 78  
CYS CB  HB2  sing N N 79  
CYS CB  HB3  sing N N 80  
CYS SG  HG   sing N N 81  
CYS OXT HXT  sing N N 82  
GLN N   CA   sing N N 83  
GLN N   H    sing N N 84  
GLN N   H2   sing N N 85  
GLN CA  C    sing N N 86  
GLN CA  CB   sing N N 87  
GLN CA  HA   sing N N 88  
GLN C   O    doub N N 89  
GLN C   OXT  sing N N 90  
GLN CB  CG   sing N N 91  
GLN CB  HB2  sing N N 92  
GLN CB  HB3  sing N N 93  
GLN CG  CD   sing N N 94  
GLN CG  HG2  sing N N 95  
GLN CG  HG3  sing N N 96  
GLN CD  OE1  doub N N 97  
GLN CD  NE2  sing N N 98  
GLN NE2 HE21 sing N N 99  
GLN NE2 HE22 sing N N 100 
GLN OXT HXT  sing N N 101 
GLU N   CA   sing N N 102 
GLU N   H    sing N N 103 
GLU N   H2   sing N N 104 
GLU CA  C    sing N N 105 
GLU CA  CB   sing N N 106 
GLU CA  HA   sing N N 107 
GLU C   O    doub N N 108 
GLU C   OXT  sing N N 109 
GLU CB  CG   sing N N 110 
GLU CB  HB2  sing N N 111 
GLU CB  HB3  sing N N 112 
GLU CG  CD   sing N N 113 
GLU CG  HG2  sing N N 114 
GLU CG  HG3  sing N N 115 
GLU CD  OE1  doub N N 116 
GLU CD  OE2  sing N N 117 
GLU OE2 HE2  sing N N 118 
GLU OXT HXT  sing N N 119 
GLY N   CA   sing N N 120 
GLY N   H    sing N N 121 
GLY N   H2   sing N N 122 
GLY CA  C    sing N N 123 
GLY CA  HA2  sing N N 124 
GLY CA  HA3  sing N N 125 
GLY C   O    doub N N 126 
GLY C   OXT  sing N N 127 
GLY OXT HXT  sing N N 128 
HIS N   CA   sing N N 129 
HIS N   H    sing N N 130 
HIS N   H2   sing N N 131 
HIS CA  C    sing N N 132 
HIS CA  CB   sing N N 133 
HIS CA  HA   sing N N 134 
HIS C   O    doub N N 135 
HIS C   OXT  sing N N 136 
HIS CB  CG   sing N N 137 
HIS CB  HB2  sing N N 138 
HIS CB  HB3  sing N N 139 
HIS CG  ND1  sing Y N 140 
HIS CG  CD2  doub Y N 141 
HIS ND1 CE1  doub Y N 142 
HIS ND1 HD1  sing N N 143 
HIS CD2 NE2  sing Y N 144 
HIS CD2 HD2  sing N N 145 
HIS CE1 NE2  sing Y N 146 
HIS CE1 HE1  sing N N 147 
HIS NE2 HE2  sing N N 148 
HIS OXT HXT  sing N N 149 
HOH O   H1   sing N N 150 
HOH O   H2   sing N N 151 
ILE N   CA   sing N N 152 
ILE N   H    sing N N 153 
ILE N   H2   sing N N 154 
ILE CA  C    sing N N 155 
ILE CA  CB   sing N N 156 
ILE CA  HA   sing N N 157 
ILE C   O    doub N N 158 
ILE C   OXT  sing N N 159 
ILE CB  CG1  sing N N 160 
ILE CB  CG2  sing N N 161 
ILE CB  HB   sing N N 162 
ILE CG1 CD1  sing N N 163 
ILE CG1 HG12 sing N N 164 
ILE CG1 HG13 sing N N 165 
ILE CG2 HG21 sing N N 166 
ILE CG2 HG22 sing N N 167 
ILE CG2 HG23 sing N N 168 
ILE CD1 HD11 sing N N 169 
ILE CD1 HD12 sing N N 170 
ILE CD1 HD13 sing N N 171 
ILE OXT HXT  sing N N 172 
LEU N   CA   sing N N 173 
LEU N   H    sing N N 174 
LEU N   H2   sing N N 175 
LEU CA  C    sing N N 176 
LEU CA  CB   sing N N 177 
LEU CA  HA   sing N N 178 
LEU C   O    doub N N 179 
LEU C   OXT  sing N N 180 
LEU CB  CG   sing N N 181 
LEU CB  HB2  sing N N 182 
LEU CB  HB3  sing N N 183 
LEU CG  CD1  sing N N 184 
LEU CG  CD2  sing N N 185 
LEU CG  HG   sing N N 186 
LEU CD1 HD11 sing N N 187 
LEU CD1 HD12 sing N N 188 
LEU CD1 HD13 sing N N 189 
LEU CD2 HD21 sing N N 190 
LEU CD2 HD22 sing N N 191 
LEU CD2 HD23 sing N N 192 
LEU OXT HXT  sing N N 193 
LYS N   CA   sing N N 194 
LYS N   H    sing N N 195 
LYS N   H2   sing N N 196 
LYS CA  C    sing N N 197 
LYS CA  CB   sing N N 198 
LYS CA  HA   sing N N 199 
LYS C   O    doub N N 200 
LYS C   OXT  sing N N 201 
LYS CB  CG   sing N N 202 
LYS CB  HB2  sing N N 203 
LYS CB  HB3  sing N N 204 
LYS CG  CD   sing N N 205 
LYS CG  HG2  sing N N 206 
LYS CG  HG3  sing N N 207 
LYS CD  CE   sing N N 208 
LYS CD  HD2  sing N N 209 
LYS CD  HD3  sing N N 210 
LYS CE  NZ   sing N N 211 
LYS CE  HE2  sing N N 212 
LYS CE  HE3  sing N N 213 
LYS NZ  HZ1  sing N N 214 
LYS NZ  HZ2  sing N N 215 
LYS NZ  HZ3  sing N N 216 
LYS OXT HXT  sing N N 217 
MET N   CA   sing N N 218 
MET N   H    sing N N 219 
MET N   H2   sing N N 220 
MET CA  C    sing N N 221 
MET CA  CB   sing N N 222 
MET CA  HA   sing N N 223 
MET C   O    doub N N 224 
MET C   OXT  sing N N 225 
MET CB  CG   sing N N 226 
MET CB  HB2  sing N N 227 
MET CB  HB3  sing N N 228 
MET CG  SD   sing N N 229 
MET CG  HG2  sing N N 230 
MET CG  HG3  sing N N 231 
MET SD  CE   sing N N 232 
MET CE  HE1  sing N N 233 
MET CE  HE2  sing N N 234 
MET CE  HE3  sing N N 235 
MET OXT HXT  sing N N 236 
NAG C1  C2   sing N N 237 
NAG C1  O1   sing N N 238 
NAG C1  O5   sing N N 239 
NAG C1  H1   sing N N 240 
NAG C2  C3   sing N N 241 
NAG C2  N2   sing N N 242 
NAG C2  H2   sing N N 243 
NAG C3  C4   sing N N 244 
NAG C3  O3   sing N N 245 
NAG C3  H3   sing N N 246 
NAG C4  C5   sing N N 247 
NAG C4  O4   sing N N 248 
NAG C4  H4   sing N N 249 
NAG C5  C6   sing N N 250 
NAG C5  O5   sing N N 251 
NAG C5  H5   sing N N 252 
NAG C6  O6   sing N N 253 
NAG C6  H61  sing N N 254 
NAG C6  H62  sing N N 255 
NAG C7  C8   sing N N 256 
NAG C7  N2   sing N N 257 
NAG C7  O7   doub N N 258 
NAG C8  H81  sing N N 259 
NAG C8  H82  sing N N 260 
NAG C8  H83  sing N N 261 
NAG N2  HN2  sing N N 262 
NAG O1  HO1  sing N N 263 
NAG O3  HO3  sing N N 264 
NAG O4  HO4  sing N N 265 
NAG O6  HO6  sing N N 266 
PHE N   CA   sing N N 267 
PHE N   H    sing N N 268 
PHE N   H2   sing N N 269 
PHE CA  C    sing N N 270 
PHE CA  CB   sing N N 271 
PHE CA  HA   sing N N 272 
PHE C   O    doub N N 273 
PHE C   OXT  sing N N 274 
PHE CB  CG   sing N N 275 
PHE CB  HB2  sing N N 276 
PHE CB  HB3  sing N N 277 
PHE CG  CD1  doub Y N 278 
PHE CG  CD2  sing Y N 279 
PHE CD1 CE1  sing Y N 280 
PHE CD1 HD1  sing N N 281 
PHE CD2 CE2  doub Y N 282 
PHE CD2 HD2  sing N N 283 
PHE CE1 CZ   doub Y N 284 
PHE CE1 HE1  sing N N 285 
PHE CE2 CZ   sing Y N 286 
PHE CE2 HE2  sing N N 287 
PHE CZ  HZ   sing N N 288 
PHE OXT HXT  sing N N 289 
PRO N   CA   sing N N 290 
PRO N   CD   sing N N 291 
PRO N   H    sing N N 292 
PRO CA  C    sing N N 293 
PRO CA  CB   sing N N 294 
PRO CA  HA   sing N N 295 
PRO C   O    doub N N 296 
PRO C   OXT  sing N N 297 
PRO CB  CG   sing N N 298 
PRO CB  HB2  sing N N 299 
PRO CB  HB3  sing N N 300 
PRO CG  CD   sing N N 301 
PRO CG  HG2  sing N N 302 
PRO CG  HG3  sing N N 303 
PRO CD  HD2  sing N N 304 
PRO CD  HD3  sing N N 305 
PRO OXT HXT  sing N N 306 
SER N   CA   sing N N 307 
SER N   H    sing N N 308 
SER N   H2   sing N N 309 
SER CA  C    sing N N 310 
SER CA  CB   sing N N 311 
SER CA  HA   sing N N 312 
SER C   O    doub N N 313 
SER C   OXT  sing N N 314 
SER CB  OG   sing N N 315 
SER CB  HB2  sing N N 316 
SER CB  HB3  sing N N 317 
SER OG  HG   sing N N 318 
SER OXT HXT  sing N N 319 
THR N   CA   sing N N 320 
THR N   H    sing N N 321 
THR N   H2   sing N N 322 
THR CA  C    sing N N 323 
THR CA  CB   sing N N 324 
THR CA  HA   sing N N 325 
THR C   O    doub N N 326 
THR C   OXT  sing N N 327 
THR CB  OG1  sing N N 328 
THR CB  CG2  sing N N 329 
THR CB  HB   sing N N 330 
THR OG1 HG1  sing N N 331 
THR CG2 HG21 sing N N 332 
THR CG2 HG22 sing N N 333 
THR CG2 HG23 sing N N 334 
THR OXT HXT  sing N N 335 
TRP N   CA   sing N N 336 
TRP N   H    sing N N 337 
TRP N   H2   sing N N 338 
TRP CA  C    sing N N 339 
TRP CA  CB   sing N N 340 
TRP CA  HA   sing N N 341 
TRP C   O    doub N N 342 
TRP C   OXT  sing N N 343 
TRP CB  CG   sing N N 344 
TRP CB  HB2  sing N N 345 
TRP CB  HB3  sing N N 346 
TRP CG  CD1  doub Y N 347 
TRP CG  CD2  sing Y N 348 
TRP CD1 NE1  sing Y N 349 
TRP CD1 HD1  sing N N 350 
TRP CD2 CE2  doub Y N 351 
TRP CD2 CE3  sing Y N 352 
TRP NE1 CE2  sing Y N 353 
TRP NE1 HE1  sing N N 354 
TRP CE2 CZ2  sing Y N 355 
TRP CE3 CZ3  doub Y N 356 
TRP CE3 HE3  sing N N 357 
TRP CZ2 CH2  doub Y N 358 
TRP CZ2 HZ2  sing N N 359 
TRP CZ3 CH2  sing Y N 360 
TRP CZ3 HZ3  sing N N 361 
TRP CH2 HH2  sing N N 362 
TRP OXT HXT  sing N N 363 
TYR N   CA   sing N N 364 
TYR N   H    sing N N 365 
TYR N   H2   sing N N 366 
TYR CA  C    sing N N 367 
TYR CA  CB   sing N N 368 
TYR CA  HA   sing N N 369 
TYR C   O    doub N N 370 
TYR C   OXT  sing N N 371 
TYR CB  CG   sing N N 372 
TYR CB  HB2  sing N N 373 
TYR CB  HB3  sing N N 374 
TYR CG  CD1  doub Y N 375 
TYR CG  CD2  sing Y N 376 
TYR CD1 CE1  sing Y N 377 
TYR CD1 HD1  sing N N 378 
TYR CD2 CE2  doub Y N 379 
TYR CD2 HD2  sing N N 380 
TYR CE1 CZ   doub Y N 381 
TYR CE1 HE1  sing N N 382 
TYR CE2 CZ   sing Y N 383 
TYR CE2 HE2  sing N N 384 
TYR CZ  OH   sing N N 385 
TYR OH  HH   sing N N 386 
TYR OXT HXT  sing N N 387 
VAL N   CA   sing N N 388 
VAL N   H    sing N N 389 
VAL N   H2   sing N N 390 
VAL CA  C    sing N N 391 
VAL CA  CB   sing N N 392 
VAL CA  HA   sing N N 393 
VAL C   O    doub N N 394 
VAL C   OXT  sing N N 395 
VAL CB  CG1  sing N N 396 
VAL CB  CG2  sing N N 397 
VAL CB  HB   sing N N 398 
VAL CG1 HG11 sing N N 399 
VAL CG1 HG12 sing N N 400 
VAL CG1 HG13 sing N N 401 
VAL CG2 HG21 sing N N 402 
VAL CG2 HG22 sing N N 403 
VAL CG2 HG23 sing N N 404 
VAL OXT HXT  sing N N 405 
# 
loop_
_pdbx_entity_branch_list.entity_id 
_pdbx_entity_branch_list.comp_id 
_pdbx_entity_branch_list.num 
_pdbx_entity_branch_list.hetero 
2 NAG 1 n 
2 NAG 2 n 
2 NAG 3 n 
# 
_pdbx_initial_refinement_model.id               1 
_pdbx_initial_refinement_model.entity_id_list   ? 
_pdbx_initial_refinement_model.type             'experimental model' 
_pdbx_initial_refinement_model.source_name      PDB 
_pdbx_initial_refinement_model.accession_code   2DQA 
_pdbx_initial_refinement_model.details          'PDB ENTRY 2DQA' 
# 
_atom_sites.entry_id                    3AB6 
_atom_sites.fract_transf_matrix[1][1]   -0.00156371 
_atom_sites.fract_transf_matrix[1][2]   0.02286024 
_atom_sites.fract_transf_matrix[1][3]   0.00724910 
_atom_sites.fract_transf_matrix[2][1]   0.01646538 
_atom_sites.fract_transf_matrix[2][2]   0.00630513 
_atom_sites.fract_transf_matrix[2][3]   -0.01633162 
_atom_sites.fract_transf_matrix[3][1]   -0.00588834 
_atom_sites.fract_transf_matrix[3][2]   0.00131834 
_atom_sites.fract_transf_matrix[3][3]   -0.00542760 
_atom_sites.fract_transf_vector[1]      0.421135 
_atom_sites.fract_transf_vector[2]      -0.129195 
_atom_sites.fract_transf_vector[3]      -0.060801 
# 
loop_
_atom_type.symbol 
C 
N 
O 
S 
# 
loop_
_atom_site.group_PDB 
_atom_site.id 
_atom_site.type_symbol 
_atom_site.label_atom_id 
_atom_site.label_alt_id 
_atom_site.label_comp_id 
_atom_site.label_asym_id 
_atom_site.label_entity_id 
_atom_site.label_seq_id 
_atom_site.pdbx_PDB_ins_code 
_atom_site.Cartn_x 
_atom_site.Cartn_y 
_atom_site.Cartn_z 
_atom_site.occupancy 
_atom_site.B_iso_or_equiv 
_atom_site.pdbx_formal_charge 
_atom_site.auth_seq_id 
_atom_site.auth_comp_id 
_atom_site.auth_asym_id 
_atom_site.auth_atom_id 
_atom_site.pdbx_PDB_model_num 
ATOM   1    N N   . PHE A 1 1   ? -13.072 -0.368  -2.130  1.00 12.02 ? 1   PHE A N   1 
ATOM   2    C CA  . PHE A 1 1   ? -12.005 0.597   -1.726  1.00 11.33 ? 1   PHE A CA  1 
ATOM   3    C C   . PHE A 1 1   ? -12.161 1.899   -2.503  1.00 11.70 ? 1   PHE A C   1 
ATOM   4    O O   . PHE A 1 1   ? -12.982 1.994   -3.417  1.00 12.59 ? 1   PHE A O   1 
ATOM   5    C CB  . PHE A 1 1   ? -10.611 0.028   -2.024  1.00 11.48 ? 1   PHE A CB  1 
ATOM   6    C CG  . PHE A 1 1   ? -10.326 -1.290  -1.361  1.00 11.63 ? 1   PHE A CG  1 
ATOM   7    C CD1 . PHE A 1 1   ? -10.442 -2.480  -2.074  1.00 9.38  ? 1   PHE A CD1 1 
ATOM   8    C CD2 . PHE A 1 1   ? -9.924  -1.340  -0.030  1.00 10.89 ? 1   PHE A CD2 1 
ATOM   9    C CE1 . PHE A 1 1   ? -10.154 -3.703  -1.471  1.00 13.54 ? 1   PHE A CE1 1 
ATOM   10   C CE2 . PHE A 1 1   ? -9.636  -2.557  0.582   1.00 11.98 ? 1   PHE A CE2 1 
ATOM   11   C CZ  . PHE A 1 1   ? -9.751  -3.740  -0.139  1.00 12.71 ? 1   PHE A CZ  1 
ATOM   12   N N   . ALA A 1 2   ? -11.370 2.902   -2.140  1.00 10.28 ? 2   ALA A N   1 
ATOM   13   C CA  . ALA A 1 2   ? -11.412 4.177   -2.838  1.00 10.91 ? 2   ALA A CA  1 
ATOM   14   C C   . ALA A 1 2   ? -10.950 3.923   -4.265  1.00 11.45 ? 2   ALA A C   1 
ATOM   15   O O   . ALA A 1 2   ? -10.159 3.010   -4.507  1.00 10.27 ? 2   ALA A O   1 
ATOM   16   C CB  . ALA A 1 2   ? -10.490 5.182   -2.159  1.00 10.14 ? 2   ALA A CB  1 
ATOM   17   N N   . GLY A 1 3   ? -11.430 4.734   -5.202  1.00 12.91 ? 3   GLY A N   1 
ATOM   18   C CA  . GLY A 1 3   ? -11.046 4.561   -6.592  1.00 12.93 ? 3   GLY A CA  1 
ATOM   19   C C   . GLY A 1 3   ? -9.797  5.328   -6.981  1.00 11.86 ? 3   GLY A C   1 
ATOM   20   O O   . GLY A 1 3   ? -9.326  6.185   -6.235  1.00 11.82 ? 3   GLY A O   1 
ATOM   21   N N   . GLY A 1 4   ? -9.264  5.022   -8.160  1.00 12.22 ? 4   GLY A N   1 
ATOM   22   C CA  . GLY A 1 4   ? -8.061  5.691   -8.627  1.00 12.30 ? 4   GLY A CA  1 
ATOM   23   C C   . GLY A 1 4   ? -7.335  4.852   -9.659  1.00 12.68 ? 4   GLY A C   1 
ATOM   24   O O   . GLY A 1 4   ? -7.957  4.035   -10.336 1.00 13.69 ? 4   GLY A O   1 
ATOM   25   N N   . THR A 1 5   ? -6.021  5.036   -9.778  1.00 12.68 ? 5   THR A N   1 
ATOM   26   C CA  . THR A 1 5   ? -5.236  4.288   -10.757 1.00 13.03 ? 5   THR A CA  1 
ATOM   27   C C   . THR A 1 5   ? -4.909  2.865   -10.317 1.00 12.19 ? 5   THR A C   1 
ATOM   28   O O   . THR A 1 5   ? -4.522  2.033   -11.137 1.00 11.63 ? 5   THR A O   1 
ATOM   29   C CB  . THR A 1 5   ? -3.921  5.015   -11.097 1.00 13.65 ? 5   THR A CB  1 
ATOM   30   O OG1 . THR A 1 5   ? -3.066  5.030   -9.949  1.00 17.85 ? 5   THR A OG1 1 
ATOM   31   C CG2 . THR A 1 5   ? -4.208  6.441   -11.531 1.00 15.94 ? 5   THR A CG2 1 
ATOM   32   N N   . VAL A 1 6   ? -5.060  2.577   -9.027  1.00 9.53  ? 6   VAL A N   1 
ATOM   33   C CA  . VAL A 1 6   ? -4.793  1.228   -8.534  1.00 9.70  ? 6   VAL A CA  1 
ATOM   34   C C   . VAL A 1 6   ? -6.107  0.456   -8.587  1.00 9.98  ? 6   VAL A C   1 
ATOM   35   O O   . VAL A 1 6   ? -7.131  0.930   -8.098  1.00 10.03 ? 6   VAL A O   1 
ATOM   36   C CB  . VAL A 1 6   ? -4.271  1.233   -7.084  1.00 8.70  ? 6   VAL A CB  1 
ATOM   37   C CG1 . VAL A 1 6   ? -3.901  -0.183  -6.669  1.00 7.64  ? 6   VAL A CG1 1 
ATOM   38   C CG2 . VAL A 1 6   ? -3.061  2.149   -6.966  1.00 8.89  ? 6   VAL A CG2 1 
ATOM   39   N N   . SER A 1 7   ? -6.081  -0.734  -9.176  1.00 9.18  ? 7   SER A N   1 
ATOM   40   C CA  . SER A 1 7   ? -7.300  -1.528  -9.302  1.00 10.00 ? 7   SER A CA  1 
ATOM   41   C C   . SER A 1 7   ? -7.815  -2.044  -7.968  1.00 10.13 ? 7   SER A C   1 
ATOM   42   O O   . SER A 1 7   ? -7.059  -2.205  -7.009  1.00 9.19  ? 7   SER A O   1 
ATOM   43   C CB  . SER A 1 7   ? -7.071  -2.717  -10.242 1.00 11.25 ? 7   SER A CB  1 
ATOM   44   O OG  . SER A 1 7   ? -6.275  -3.715  -9.629  1.00 11.45 ? 7   SER A OG  1 
ATOM   45   N N   . GLN A 1 8   ? -9.118  -2.307  -7.915  1.00 10.57 ? 8   GLN A N   1 
ATOM   46   C CA  . GLN A 1 8   ? -9.739  -2.824  -6.709  1.00 10.50 ? 8   GLN A CA  1 
ATOM   47   C C   . GLN A 1 8   ? -9.137  -4.183  -6.345  1.00 10.37 ? 8   GLN A C   1 
ATOM   48   O O   . GLN A 1 8   ? -8.960  -4.490  -5.171  1.00 10.83 ? 8   GLN A O   1 
ATOM   49   C CB  . GLN A 1 8   ? -11.251 -2.952  -6.917  1.00 11.42 ? 8   GLN A CB  1 
ATOM   50   C CG  . GLN A 1 8   ? -11.968 -1.613  -7.083  1.00 10.39 ? 8   GLN A CG  1 
ATOM   51   C CD  . GLN A 1 8   ? -11.968 -0.794  -5.801  1.00 13.68 ? 8   GLN A CD  1 
ATOM   52   O OE1 . GLN A 1 8   ? -12.438 -1.256  -4.762  1.00 13.10 ? 8   GLN A OE1 1 
ATOM   53   N NE2 . GLN A 1 8   ? -11.452 0.428   -5.873  1.00 14.01 ? 8   GLN A NE2 1 
ATOM   54   N N   . ARG A 1 9   ? -8.817  -4.991  -7.355  1.00 11.05 ? 9   ARG A N   1 
ATOM   55   C CA  . ARG A 1 9   ? -8.233  -6.309  -7.118  1.00 11.52 ? 9   ARG A CA  1 
ATOM   56   C C   . ARG A 1 9   ? -6.844  -6.179  -6.517  1.00 10.24 ? 9   ARG A C   1 
ATOM   57   O O   . ARG A 1 9   ? -6.458  -6.945  -5.635  1.00 10.52 ? 9   ARG A O   1 
ATOM   58   C CB  . ARG A 1 9   ? -8.148  -7.099  -8.426  1.00 12.95 ? 9   ARG A CB  1 
ATOM   59   C CG  . ARG A 1 9   ? -9.501  -7.489  -9.010  1.00 20.10 ? 9   ARG A CG  1 
ATOM   60   C CD  . ARG A 1 9   ? -9.349  -8.158  -10.372 1.00 26.68 ? 9   ARG A CD  1 
ATOM   61   N NE  . ARG A 1 9   ? -10.639 -8.569  -10.923 1.00 30.40 ? 9   ARG A NE  1 
ATOM   62   C CZ  . ARG A 1 9   ? -10.809 -9.063  -12.146 1.00 34.25 ? 9   ARG A CZ  1 
ATOM   63   N NH1 . ARG A 1 9   ? -9.769  -9.211  -12.956 1.00 34.38 ? 9   ARG A NH1 1 
ATOM   64   N NH2 . ARG A 1 9   ? -12.020 -9.409  -12.561 1.00 34.83 ? 9   ARG A NH2 1 
ATOM   65   N N   . CYS A 1 10  ? -6.087  -5.210  -7.014  1.00 10.40 ? 10  CYS A N   1 
ATOM   66   C CA  . CYS A 1 10  ? -4.744  -4.970  -6.515  1.00 9.40  ? 10  CYS A CA  1 
ATOM   67   C C   . CYS A 1 10  ? -4.809  -4.518  -5.064  1.00 8.87  ? 10  CYS A C   1 
ATOM   68   O O   . CYS A 1 10  ? -4.069  -5.012  -4.219  1.00 7.04  ? 10  CYS A O   1 
ATOM   69   C CB  . CYS A 1 10  ? -4.072  -3.891  -7.350  1.00 9.61  ? 10  CYS A CB  1 
ATOM   70   S SG  . CYS A 1 10  ? -2.383  -3.484  -6.820  1.00 10.43 ? 10  CYS A SG  1 
ATOM   71   N N   . LEU A 1 11  ? -5.696  -3.571  -4.782  1.00 8.06  ? 11  LEU A N   1 
ATOM   72   C CA  . LEU A 1 11  ? -5.856  -3.065  -3.424  1.00 8.25  ? 11  LEU A CA  1 
ATOM   73   C C   . LEU A 1 11  ? -6.269  -4.180  -2.469  1.00 8.54  ? 11  LEU A C   1 
ATOM   74   O O   . LEU A 1 11  ? -5.818  -4.221  -1.329  1.00 8.66  ? 11  LEU A O   1 
ATOM   75   C CB  . LEU A 1 11  ? -6.897  -1.944  -3.389  1.00 8.65  ? 11  LEU A CB  1 
ATOM   76   C CG  . LEU A 1 11  ? -6.501  -0.608  -4.019  1.00 10.20 ? 11  LEU A CG  1 
ATOM   77   C CD1 . LEU A 1 11  ? -7.692  0.337   -3.967  1.00 9.80  ? 11  LEU A CD1 1 
ATOM   78   C CD2 . LEU A 1 11  ? -5.313  0.001   -3.267  1.00 11.85 ? 11  LEU A CD2 1 
ATOM   79   N N   . SER A 1 12  ? -7.130  -5.082  -2.935  1.00 8.70  ? 12  SER A N   1 
ATOM   80   C CA  . SER A 1 12  ? -7.583  -6.189  -2.101  1.00 10.34 ? 12  SER A CA  1 
ATOM   81   C C   . SER A 1 12  ? -6.395  -7.067  -1.740  1.00 9.94  ? 12  SER A C   1 
ATOM   82   O O   . SER A 1 12  ? -6.250  -7.499  -0.595  1.00 8.62  ? 12  SER A O   1 
ATOM   83   C CB  . SER A 1 12  ? -8.631  -7.026  -2.838  1.00 11.71 ? 12  SER A CB  1 
ATOM   84   O OG  . SER A 1 12  ? -9.086  -8.096  -2.024  1.00 15.08 ? 12  SER A OG  1 
ATOM   85   N N   . CYS A 1 13  ? -5.540  -7.319  -2.725  1.00 9.19  ? 13  CYS A N   1 
ATOM   86   C CA  . CYS A 1 13  ? -4.363  -8.149  -2.512  1.00 9.05  ? 13  CYS A CA  1 
ATOM   87   C C   . CYS A 1 13  ? -3.366  -7.518  -1.550  1.00 9.04  ? 13  CYS A C   1 
ATOM   88   O O   . CYS A 1 13  ? -2.824  -8.197  -0.681  1.00 9.69  ? 13  CYS A O   1 
ATOM   89   C CB  . CYS A 1 13  ? -3.697  -8.465  -3.854  1.00 8.78  ? 13  CYS A CB  1 
ATOM   90   S SG  . CYS A 1 13  ? -4.720  -9.611  -4.826  1.00 12.39 ? 13  CYS A SG  1 
ATOM   91   N N   . ILE A 1 14  ? -3.126  -6.220  -1.703  1.00 8.84  ? 14  ILE A N   1 
ATOM   92   C CA  . ILE A 1 14  ? -2.206  -5.516  -0.821  1.00 8.32  ? 14  ILE A CA  1 
ATOM   93   C C   . ILE A 1 14  ? -2.798  -5.494  0.587   1.00 9.34  ? 14  ILE A C   1 
ATOM   94   O O   . ILE A 1 14  ? -2.095  -5.717  1.575   1.00 8.61  ? 14  ILE A O   1 
ATOM   95   C CB  . ILE A 1 14  ? -1.968  -4.066  -1.306  1.00 9.09  ? 14  ILE A CB  1 
ATOM   96   C CG1 . ILE A 1 14  ? -1.298  -4.092  -2.685  1.00 10.08 ? 14  ILE A CG1 1 
ATOM   97   C CG2 . ILE A 1 14  ? -1.095  -3.306  -0.299  1.00 7.03  ? 14  ILE A CG2 1 
ATOM   98   C CD1 . ILE A 1 14  ? -1.099  -2.720  -3.303  1.00 9.18  ? 14  ILE A CD1 1 
ATOM   99   N N   . CYS A 1 15  ? -4.101  -5.243  0.670   1.00 9.16  ? 15  CYS A N   1 
ATOM   100  C CA  . CYS A 1 15  ? -4.783  -5.196  1.957   1.00 9.38  ? 15  CYS A CA  1 
ATOM   101  C C   . CYS A 1 15  ? -4.635  -6.550  2.655   1.00 9.88  ? 15  CYS A C   1 
ATOM   102  O O   . CYS A 1 15  ? -4.298  -6.613  3.832   1.00 9.79  ? 15  CYS A O   1 
ATOM   103  C CB  . CYS A 1 15  ? -6.261  -4.834  1.751   1.00 9.14  ? 15  CYS A CB  1 
ATOM   104  S SG  . CYS A 1 15  ? -7.150  -4.355  3.267   1.00 11.01 ? 15  CYS A SG  1 
ATOM   105  N N   . LYS A 1 16  ? -4.867  -7.633  1.921   1.00 9.93  ? 16  LYS A N   1 
ATOM   106  C CA  . LYS A 1 16  ? -4.729  -8.969  2.489   1.00 10.85 ? 16  LYS A CA  1 
ATOM   107  C C   . LYS A 1 16  ? -3.282  -9.220  2.918   1.00 10.44 ? 16  LYS A C   1 
ATOM   108  O O   . LYS A 1 16  ? -3.027  -9.737  4.006   1.00 11.26 ? 16  LYS A O   1 
ATOM   109  C CB  . LYS A 1 16  ? -5.166  -10.017 1.466   1.00 10.77 ? 16  LYS A CB  1 
ATOM   110  C CG  . LYS A 1 16  ? -6.662  -10.028 1.221   1.00 13.86 ? 16  LYS A CG  1 
ATOM   111  C CD  . LYS A 1 16  ? -7.043  -10.981 0.098   1.00 17.14 ? 16  LYS A CD  1 
ATOM   112  C CE  . LYS A 1 16  ? -8.554  -11.098 -0.018  1.00 20.59 ? 16  LYS A CE  1 
ATOM   113  N NZ  . LYS A 1 16  ? -8.960  -11.932 -1.181  1.00 23.83 ? 16  LYS A NZ  1 
ATOM   114  N N   . MET A 1 17  ? -2.341  -8.835  2.063   1.00 10.61 ? 17  MET A N   1 
ATOM   115  C CA  . MET A 1 17  ? -0.916  -9.010  2.341   1.00 11.43 ? 17  MET A CA  1 
ATOM   116  C C   . MET A 1 17  ? -0.481  -8.296  3.619   1.00 11.30 ? 17  MET A C   1 
ATOM   117  O O   . MET A 1 17  ? 0.253   -8.850  4.435   1.00 11.41 ? 17  MET A O   1 
ATOM   118  C CB  . MET A 1 17  ? -0.089  -8.479  1.163   1.00 10.32 ? 17  MET A CB  1 
ATOM   119  C CG  . MET A 1 17  ? 1.416   -8.539  1.362   1.00 11.65 ? 17  MET A CG  1 
ATOM   120  S SD  . MET A 1 17  ? 2.032   -10.220 1.557   1.00 13.58 ? 17  MET A SD  1 
ATOM   121  C CE  . MET A 1 17  ? 3.783   -9.928  1.639   1.00 11.89 ? 17  MET A CE  1 
ATOM   122  N N   . GLU A 1 18  ? -0.949  -7.066  3.788   1.00 9.83  ? 18  GLU A N   1 
ATOM   123  C CA  . GLU A 1 18  ? -0.583  -6.262  4.945   1.00 9.98  ? 18  GLU A CA  1 
ATOM   124  C C   . GLU A 1 18  ? -1.259  -6.640  6.254   1.00 10.39 ? 18  GLU A C   1 
ATOM   125  O O   . GLU A 1 18  ? -0.637  -6.565  7.309   1.00 10.39 ? 18  GLU A O   1 
ATOM   126  C CB  . GLU A 1 18  ? -0.871  -4.786  4.664   1.00 10.65 ? 18  GLU A CB  1 
ATOM   127  C CG  . GLU A 1 18  ? -0.072  -4.181  3.519   1.00 9.31  ? 18  GLU A CG  1 
ATOM   128  C CD  . GLU A 1 18  ? 1.422   -4.176  3.781   1.00 11.67 ? 18  GLU A CD  1 
ATOM   129  O OE1 . GLU A 1 18  ? 1.827   -4.310  4.955   1.00 10.59 ? 18  GLU A OE1 1 
ATOM   130  O OE2 . GLU A 1 18  ? 2.194   -4.022  2.813   1.00 11.31 ? 18  GLU A OE2 1 
ATOM   131  N N   . SER A 1 19  ? -2.519  -7.061  6.191   1.00 10.27 ? 19  SER A N   1 
ATOM   132  C CA  . SER A 1 19  ? -3.252  -7.368  7.417   1.00 10.83 ? 19  SER A CA  1 
ATOM   133  C C   . SER A 1 19  ? -4.375  -8.378  7.265   1.00 10.88 ? 19  SER A C   1 
ATOM   134  O O   . SER A 1 19  ? -5.208  -8.502  8.166   1.00 11.08 ? 19  SER A O   1 
ATOM   135  C CB  . SER A 1 19  ? -3.874  -6.083  7.944   1.00 11.73 ? 19  SER A CB  1 
ATOM   136  O OG  . SER A 1 19  ? -4.841  -5.622  7.007   1.00 10.81 ? 19  SER A OG  1 
ATOM   137  N N   . GLY A 1 20  ? -4.414  -9.093  6.147   1.00 10.99 ? 20  GLY A N   1 
ATOM   138  C CA  . GLY A 1 20  ? -5.499  -10.033 5.933   1.00 12.54 ? 20  GLY A CA  1 
ATOM   139  C C   . GLY A 1 20  ? -6.743  -9.174  5.771   1.00 13.41 ? 20  GLY A C   1 
ATOM   140  O O   . GLY A 1 20  ? -7.877  -9.635  5.921   1.00 13.98 ? 20  GLY A O   1 
ATOM   141  N N   . CYS A 1 21  ? -6.487  -7.906  5.456   1.00 11.60 ? 21  CYS A N   1 
ATOM   142  C CA  . CYS A 1 21  ? -7.493  -6.859  5.270   1.00 12.00 ? 21  CYS A CA  1 
ATOM   143  C C   . CYS A 1 21  ? -8.430  -6.770  6.458   1.00 12.97 ? 21  CYS A C   1 
ATOM   144  O O   . CYS A 1 21  ? -9.634  -7.006  6.342   1.00 13.22 ? 21  CYS A O   1 
ATOM   145  C CB  . CYS A 1 21  ? -8.295  -7.062  3.979   1.00 12.79 ? 21  CYS A CB  1 
ATOM   146  S SG  . CYS A 1 21  ? -8.834  -5.486  3.224   1.00 12.99 ? 21  CYS A SG  1 
ATOM   147  N N   . ARG A 1 22  ? -7.844  -6.420  7.599   1.00 13.46 ? 22  ARG A N   1 
ATOM   148  C CA  . ARG A 1 22  ? -8.551  -6.273  8.859   1.00 15.90 ? 22  ARG A CA  1 
ATOM   149  C C   . ARG A 1 22  ? -7.930  -5.081  9.581   1.00 14.74 ? 22  ARG A C   1 
ATOM   150  O O   . ARG A 1 22  ? -6.794  -4.695  9.295   1.00 14.02 ? 22  ARG A O   1 
ATOM   151  C CB  . ARG A 1 22  ? -8.365  -7.524  9.725   1.00 14.52 ? 22  ARG A CB  1 
ATOM   152  C CG  . ARG A 1 22  ? -8.747  -8.838  9.062   1.00 18.66 ? 22  ARG A CG  1 
ATOM   153  C CD  . ARG A 1 22  ? -8.356  -10.016 9.947   1.00 21.27 ? 22  ARG A CD  1 
ATOM   154  N NE  . ARG A 1 22  ? -8.741  -11.298 9.363   1.00 30.05 ? 22  ARG A NE  1 
ATOM   155  C CZ  . ARG A 1 22  ? -8.518  -12.479 9.929   1.00 33.29 ? 22  ARG A CZ  1 
ATOM   156  N NH1 . ARG A 1 22  ? -7.905  -12.553 11.103  1.00 34.64 ? 22  ARG A NH1 1 
ATOM   157  N NH2 . ARG A 1 22  ? -8.913  -13.590 9.322   1.00 34.27 ? 22  ARG A NH2 1 
ATOM   158  N N   . ASN A 1 23  ? -8.673  -4.496  10.513  1.00 14.22 ? 23  ASN A N   1 
ATOM   159  C CA  . ASN A 1 23  ? -8.159  -3.369  11.283  1.00 13.85 ? 23  ASN A CA  1 
ATOM   160  C C   . ASN A 1 23  ? -7.320  -3.966  12.413  1.00 13.90 ? 23  ASN A C   1 
ATOM   161  O O   . ASN A 1 23  ? -7.780  -4.088  13.551  1.00 13.05 ? 23  ASN A O   1 
ATOM   162  C CB  . ASN A 1 23  ? -9.324  -2.538  11.837  1.00 15.11 ? 23  ASN A CB  1 
ATOM   163  C CG  . ASN A 1 23  ? -8.859  -1.378  12.689  1.00 14.72 ? 23  ASN A CG  1 
ATOM   164  O OD1 . ASN A 1 23  ? -7.750  -0.869  12.516  1.00 19.83 ? 23  ASN A OD1 1 
ATOM   165  N ND2 . ASN A 1 23  ? -9.712  -0.942  13.605  1.00 21.13 ? 23  ASN A ND2 1 
ATOM   166  N N   . VAL A 1 24  ? -6.084  -4.333  12.079  1.00 13.45 ? 24  VAL A N   1 
ATOM   167  C CA  . VAL A 1 24  ? -5.162  -4.977  13.017  1.00 13.72 ? 24  VAL A CA  1 
ATOM   168  C C   . VAL A 1 24  ? -4.373  -4.083  13.972  1.00 13.51 ? 24  VAL A C   1 
ATOM   169  O O   . VAL A 1 24  ? -3.610  -4.586  14.806  1.00 13.47 ? 24  VAL A O   1 
ATOM   170  C CB  . VAL A 1 24  ? -4.143  -5.843  12.255  1.00 13.19 ? 24  VAL A CB  1 
ATOM   171  C CG1 . VAL A 1 24  ? -4.874  -6.853  11.387  1.00 15.22 ? 24  VAL A CG1 1 
ATOM   172  C CG2 . VAL A 1 24  ? -3.240  -4.961  11.403  1.00 13.19 ? 24  VAL A CG2 1 
ATOM   173  N N   . GLY A 1 25  ? -4.543  -2.773  13.859  1.00 12.88 ? 25  GLY A N   1 
ATOM   174  C CA  . GLY A 1 25  ? -3.811  -1.871  14.729  1.00 14.04 ? 25  GLY A CA  1 
ATOM   175  C C   . GLY A 1 25  ? -2.417  -1.606  14.192  1.00 13.97 ? 25  GLY A C   1 
ATOM   176  O O   . GLY A 1 25  ? -2.151  -1.810  13.004  1.00 13.87 ? 25  GLY A O   1 
ATOM   177  N N   . CYS A 1 26  ? -1.516  -1.167  15.063  1.00 14.46 ? 26  CYS A N   1 
ATOM   178  C CA  . CYS A 1 26  ? -0.159  -0.854  14.641  1.00 15.34 ? 26  CYS A CA  1 
ATOM   179  C C   . CYS A 1 26  ? 0.898   -1.874  15.058  1.00 16.90 ? 26  CYS A C   1 
ATOM   180  O O   . CYS A 1 26  ? 0.722   -2.639  16.012  1.00 16.35 ? 26  CYS A O   1 
ATOM   181  C CB  . CYS A 1 26  ? 0.251   0.516   15.169  1.00 15.33 ? 26  CYS A CB  1 
ATOM   182  S SG  . CYS A 1 26  ? -0.902  1.899   14.880  1.00 17.68 ? 26  CYS A SG  1 
ATOM   183  N N   . LYS A 1 27  ? 2.008   -1.855  14.331  1.00 17.00 ? 27  LYS A N   1 
ATOM   184  C CA  . LYS A 1 27  ? 3.137   -2.745  14.576  1.00 18.52 ? 27  LYS A CA  1 
ATOM   185  C C   . LYS A 1 27  ? 4.412   -1.951  14.314  1.00 17.62 ? 27  LYS A C   1 
ATOM   186  O O   . LYS A 1 27  ? 4.461   -1.144  13.386  1.00 16.28 ? 27  LYS A O   1 
ATOM   187  C CB  . LYS A 1 27  ? 3.089   -3.941  13.620  1.00 17.66 ? 27  LYS A CB  1 
ATOM   188  C CG  . LYS A 1 27  ? 4.219   -4.940  13.815  1.00 20.22 ? 27  LYS A CG  1 
ATOM   189  C CD  . LYS A 1 27  ? 4.365   -5.901  12.635  1.00 21.55 ? 27  LYS A CD  1 
ATOM   190  C CE  . LYS A 1 27  ? 4.931   -5.192  11.408  1.00 25.59 ? 27  LYS A CE  1 
ATOM   191  N NZ  . LYS A 1 27  ? 5.187   -6.116  10.259  1.00 20.84 ? 27  LYS A NZ  1 
ATOM   192  N N   . MET A 1 28  ? 5.439   -2.166  15.128  1.00 17.84 ? 28  MET A N   1 
ATOM   193  C CA  . MET A 1 28  ? 6.696   -1.462  14.921  1.00 18.85 ? 28  MET A CA  1 
ATOM   194  C C   . MET A 1 28  ? 7.410   -2.166  13.773  1.00 19.70 ? 28  MET A C   1 
ATOM   195  O O   . MET A 1 28  ? 7.689   -3.363  13.850  1.00 20.26 ? 28  MET A O   1 
ATOM   196  C CB  . MET A 1 28  ? 7.556   -1.512  16.186  1.00 19.06 ? 28  MET A CB  1 
ATOM   197  C CG  . MET A 1 28  ? 8.823   -0.673  16.112  1.00 20.25 ? 28  MET A CG  1 
ATOM   198  S SD  . MET A 1 28  ? 8.495   1.087   15.896  1.00 24.67 ? 28  MET A SD  1 
ATOM   199  C CE  . MET A 1 28  ? 8.085   1.575   17.578  1.00 21.73 ? 28  MET A CE  1 
ATOM   200  N N   . ASP A 1 29  ? 7.685   -1.434  12.700  1.00 19.51 ? 29  ASP A N   1 
ATOM   201  C CA  . ASP A 1 29  ? 8.352   -2.023  11.546  1.00 20.72 ? 29  ASP A CA  1 
ATOM   202  C C   . ASP A 1 29  ? 9.534   -1.207  11.045  1.00 20.02 ? 29  ASP A C   1 
ATOM   203  O O   . ASP A 1 29  ? 9.374   -0.111  10.506  1.00 18.57 ? 29  ASP A O   1 
ATOM   204  C CB  . ASP A 1 29  ? 7.355   -2.223  10.400  1.00 21.64 ? 29  ASP A CB  1 
ATOM   205  C CG  . ASP A 1 29  ? 8.001   -2.835  9.169   1.00 23.94 ? 29  ASP A CG  1 
ATOM   206  O OD1 . ASP A 1 29  ? 8.492   -3.979  9.262   1.00 26.82 ? 29  ASP A OD1 1 
ATOM   207  O OD2 . ASP A 1 29  ? 8.026   -2.171  8.112   1.00 26.12 ? 29  ASP A OD2 1 
ATOM   208  N N   . MET A 1 30  ? 10.727  -1.752  11.240  1.00 20.31 ? 30  MET A N   1 
ATOM   209  C CA  . MET A 1 30  ? 11.944  -1.108  10.785  1.00 21.99 ? 30  MET A CA  1 
ATOM   210  C C   . MET A 1 30  ? 12.094  0.360   11.172  1.00 18.51 ? 30  MET A C   1 
ATOM   211  O O   . MET A 1 30  ? 12.375  1.207   10.322  1.00 18.40 ? 30  MET A O   1 
ATOM   212  C CB  . MET A 1 30  ? 12.051  -1.263  9.265   1.00 22.34 ? 30  MET A CB  1 
ATOM   213  C CG  . MET A 1 30  ? 12.314  -2.698  8.828   1.00 26.40 ? 30  MET A CG  1 
ATOM   214  S SD  . MET A 1 30  ? 11.843  -3.052  7.124   1.00 33.27 ? 30  MET A SD  1 
ATOM   215  C CE  . MET A 1 30  ? 10.767  -4.474  7.357   1.00 29.23 ? 30  MET A CE  1 
ATOM   216  N N   . GLY A 1 31  ? 11.899  0.663   12.451  1.00 15.91 ? 31  GLY A N   1 
ATOM   217  C CA  . GLY A 1 31  ? 12.076  2.032   12.902  1.00 15.36 ? 31  GLY A CA  1 
ATOM   218  C C   . GLY A 1 31  ? 10.846  2.876   13.170  1.00 13.92 ? 31  GLY A C   1 
ATOM   219  O O   . GLY A 1 31  ? 10.950  3.913   13.818  1.00 13.78 ? 31  GLY A O   1 
ATOM   220  N N   . SER A 1 32  ? 9.687   2.458   12.679  1.00 14.14 ? 32  SER A N   1 
ATOM   221  C CA  . SER A 1 32  ? 8.475   3.236   12.904  1.00 13.56 ? 32  SER A CA  1 
ATOM   222  C C   . SER A 1 32  ? 7.226   2.375   12.854  1.00 13.01 ? 32  SER A C   1 
ATOM   223  O O   . SER A 1 32  ? 7.240   1.268   12.317  1.00 13.23 ? 32  SER A O   1 
ATOM   224  C CB  . SER A 1 32  ? 8.361   4.360   11.868  1.00 15.53 ? 32  SER A CB  1 
ATOM   225  O OG  . SER A 1 32  ? 8.133   3.835   10.573  1.00 15.52 ? 32  SER A OG  1 
ATOM   226  N N   . LEU A 1 33  ? 6.138   2.901   13.407  1.00 12.09 ? 33  LEU A N   1 
ATOM   227  C CA  . LEU A 1 33  ? 4.876   2.180   13.437  1.00 11.56 ? 33  LEU A CA  1 
ATOM   228  C C   . LEU A 1 33  ? 4.179   2.145   12.089  1.00 9.90  ? 33  LEU A C   1 
ATOM   229  O O   . LEU A 1 33  ? 4.160   3.136   11.358  1.00 10.22 ? 33  LEU A O   1 
ATOM   230  C CB  . LEU A 1 33  ? 3.918   2.817   14.444  1.00 12.45 ? 33  LEU A CB  1 
ATOM   231  C CG  . LEU A 1 33  ? 4.246   2.741   15.933  1.00 15.87 ? 33  LEU A CG  1 
ATOM   232  C CD1 . LEU A 1 33  ? 3.197   3.524   16.706  1.00 17.62 ? 33  LEU A CD1 1 
ATOM   233  C CD2 . LEU A 1 33  ? 4.281   1.289   16.382  1.00 18.34 ? 33  LEU A CD2 1 
ATOM   234  N N   . SER A 1 34  ? 3.608   0.985   11.785  1.00 8.39  ? 34  SER A N   1 
ATOM   235  C CA  . SER A 1 34  ? 2.833   0.766   10.568  0.50 6.81  ? 34  SER A CA  1 
ATOM   236  C C   . SER A 1 34  ? 1.454   0.425   11.117  1.00 8.78  ? 34  SER A C   1 
ATOM   237  O O   . SER A 1 34  ? 1.339   -0.416  12.006  1.00 10.55 ? 34  SER A O   1 
ATOM   238  C CB  . SER A 1 34  ? 3.394   -0.410  9.776   0.50 5.31  ? 34  SER A CB  1 
ATOM   239  O OG  . SER A 1 34  ? 4.712   -0.134  9.347   0.50 4.72  ? 34  SER A OG  1 
ATOM   240  N N   . CYS A 1 35  ? 0.408   1.054   10.592  1.00 8.72  ? 35  CYS A N   1 
ATOM   241  C CA  . CYS A 1 35  ? -0.925  0.816   11.137  1.00 9.39  ? 35  CYS A CA  1 
ATOM   242  C C   . CYS A 1 35  ? -2.065  0.457   10.194  1.00 8.41  ? 35  CYS A C   1 
ATOM   243  O O   . CYS A 1 35  ? -2.079  0.841   9.026   1.00 8.87  ? 35  CYS A O   1 
ATOM   244  C CB  . CYS A 1 35  ? -1.384  2.049   11.905  1.00 11.07 ? 35  CYS A CB  1 
ATOM   245  S SG  . CYS A 1 35  ? -0.269  2.761   13.150  1.00 13.45 ? 35  CYS A SG  1 
ATOM   246  N N   . GLY A 1 36  ? -3.039  -0.265  10.744  1.00 9.19  ? 36  GLY A N   1 
ATOM   247  C CA  . GLY A 1 36  ? -4.243  -0.630  10.015  1.00 9.59  ? 36  GLY A CA  1 
ATOM   248  C C   . GLY A 1 36  ? -4.240  -1.570  8.824   1.00 8.71  ? 36  GLY A C   1 
ATOM   249  O O   . GLY A 1 36  ? -3.282  -2.311  8.573   1.00 8.99  ? 36  GLY A O   1 
ATOM   250  N N   . TYR A 1 37  ? -5.350  -1.523  8.092   1.00 8.67  ? 37  TYR A N   1 
ATOM   251  C CA  . TYR A 1 37  ? -5.579  -2.359  6.922   1.00 9.03  ? 37  TYR A CA  1 
ATOM   252  C C   . TYR A 1 37  ? -4.415  -2.463  5.954   1.00 8.05  ? 37  TYR A C   1 
ATOM   253  O O   . TYR A 1 37  ? -4.081  -3.550  5.489   1.00 8.11  ? 37  TYR A O   1 
ATOM   254  C CB  . TYR A 1 37  ? -6.809  -1.872  6.145   1.00 9.13  ? 37  TYR A CB  1 
ATOM   255  C CG  . TYR A 1 37  ? -8.129  -2.123  6.840   1.00 8.48  ? 37  TYR A CG  1 
ATOM   256  C CD1 . TYR A 1 37  ? -8.631  -1.220  7.773   1.00 9.77  ? 37  TYR A CD1 1 
ATOM   257  C CD2 . TYR A 1 37  ? -8.867  -3.274  6.573   1.00 11.76 ? 37  TYR A CD2 1 
ATOM   258  C CE1 . TYR A 1 37  ? -9.841  -1.455  8.426   1.00 12.42 ? 37  TYR A CE1 1 
ATOM   259  C CE2 . TYR A 1 37  ? -10.076 -3.525  7.217   1.00 12.02 ? 37  TYR A CE2 1 
ATOM   260  C CZ  . TYR A 1 37  ? -10.558 -2.611  8.141   1.00 13.40 ? 37  TYR A CZ  1 
ATOM   261  O OH  . TYR A 1 37  ? -11.760 -2.855  8.773   1.00 11.96 ? 37  TYR A OH  1 
ATOM   262  N N   . PHE A 1 38  ? -3.802  -1.327  5.651   1.00 7.89  ? 38  PHE A N   1 
ATOM   263  C CA  . PHE A 1 38  ? -2.698  -1.307  4.711   1.00 8.11  ? 38  PHE A CA  1 
ATOM   264  C C   . PHE A 1 38  ? -1.327  -1.103  5.343   1.00 9.23  ? 38  PHE A C   1 
ATOM   265  O O   . PHE A 1 38  ? -0.342  -0.919  4.633   1.00 9.28  ? 38  PHE A O   1 
ATOM   266  C CB  . PHE A 1 38  ? -2.952  -0.241  3.637   1.00 8.33  ? 38  PHE A CB  1 
ATOM   267  C CG  . PHE A 1 38  ? -4.031  -0.619  2.647   1.00 7.61  ? 38  PHE A CG  1 
ATOM   268  C CD1 . PHE A 1 38  ? -5.381  -0.443  2.954   1.00 7.31  ? 38  PHE A CD1 1 
ATOM   269  C CD2 . PHE A 1 38  ? -3.694  -1.192  1.426   1.00 8.99  ? 38  PHE A CD2 1 
ATOM   270  C CE1 . PHE A 1 38  ? -6.380  -0.837  2.055   1.00 7.72  ? 38  PHE A CE1 1 
ATOM   271  C CE2 . PHE A 1 38  ? -4.680  -1.589  0.520   1.00 9.51  ? 38  PHE A CE2 1 
ATOM   272  C CZ  . PHE A 1 38  ? -6.026  -1.412  0.833   1.00 7.84  ? 38  PHE A CZ  1 
ATOM   273  N N   . GLN A 1 39  ? -1.275  -1.149  6.672   1.00 8.54  ? 39  GLN A N   1 
ATOM   274  C CA  . GLN A 1 39  ? -0.028  -0.978  7.410   1.00 7.80  ? 39  GLN A CA  1 
ATOM   275  C C   . GLN A 1 39  ? 0.737   0.249   6.929   1.00 7.45  ? 39  GLN A C   1 
ATOM   276  O O   . GLN A 1 39  ? 1.904   0.177   6.547   1.00 7.30  ? 39  GLN A O   1 
ATOM   277  C CB  . GLN A 1 39  ? 0.819   -2.245  7.279   1.00 7.54  ? 39  GLN A CB  1 
ATOM   278  C CG  . GLN A 1 39  ? 0.257   -3.395  8.115   1.00 7.93  ? 39  GLN A CG  1 
ATOM   279  C CD  . GLN A 1 39  ? 0.358   -3.105  9.599   1.00 11.32 ? 39  GLN A CD  1 
ATOM   280  O OE1 . GLN A 1 39  ? 1.447   -3.143  10.169  1.00 11.23 ? 39  GLN A OE1 1 
ATOM   281  N NE2 . GLN A 1 39  ? -0.773  -2.784  10.229  1.00 9.74  ? 39  GLN A NE2 1 
ATOM   282  N N   . ILE A 1 40  ? 0.046   1.380   6.965   1.00 7.30  ? 40  ILE A N   1 
ATOM   283  C CA  . ILE A 1 40  ? 0.589   2.658   6.535   1.00 7.70  ? 40  ILE A CA  1 
ATOM   284  C C   . ILE A 1 40  ? 1.377   3.347   7.637   1.00 7.77  ? 40  ILE A C   1 
ATOM   285  O O   . ILE A 1 40  ? 0.946   3.401   8.789   1.00 8.42  ? 40  ILE A O   1 
ATOM   286  C CB  . ILE A 1 40  ? -0.553  3.582   6.069   1.00 7.69  ? 40  ILE A CB  1 
ATOM   287  C CG1 . ILE A 1 40  ? -1.228  2.969   4.843   1.00 10.29 ? 40  ILE A CG1 1 
ATOM   288  C CG2 . ILE A 1 40  ? -0.020  4.973   5.749   1.00 11.73 ? 40  ILE A CG2 1 
ATOM   289  C CD1 . ILE A 1 40  ? -2.499  3.676   4.426   1.00 9.49  ? 40  ILE A CD1 1 
ATOM   290  N N   . LYS A 1 41  ? 2.553   3.849   7.277   1.00 8.71  ? 41  LYS A N   1 
ATOM   291  C CA  . LYS A 1 41  ? 3.397   4.555   8.225   1.00 9.57  ? 41  LYS A CA  1 
ATOM   292  C C   . LYS A 1 41  ? 2.999   6.023   8.201   1.00 9.93  ? 41  LYS A C   1 
ATOM   293  O O   . LYS A 1 41  ? 2.313   6.467   7.279   1.00 11.69 ? 41  LYS A O   1 
ATOM   294  C CB  . LYS A 1 41  ? 4.865   4.384   7.847   1.00 8.81  ? 41  LYS A CB  1 
ATOM   295  C CG  . LYS A 1 41  ? 5.338   2.950   7.979   1.00 8.30  ? 41  LYS A CG  1 
ATOM   296  C CD  . LYS A 1 41  ? 6.826   2.822   7.703   1.00 6.99  ? 41  LYS A CD  1 
ATOM   297  C CE  . LYS A 1 41  ? 7.306   1.428   8.046   1.00 9.80  ? 41  LYS A CE  1 
ATOM   298  N NZ  . LYS A 1 41  ? 7.116   1.140   9.489   1.00 18.18 ? 41  LYS A NZ  1 
ATOM   299  N N   . GLU A 1 42  ? 3.417   6.777   9.213   1.00 11.00 ? 42  GLU A N   1 
ATOM   300  C CA  . GLU A 1 42  ? 3.056   8.186   9.274   1.00 11.24 ? 42  GLU A CA  1 
ATOM   301  C C   . GLU A 1 42  ? 3.589   8.986   8.087   1.00 9.88  ? 42  GLU A C   1 
ATOM   302  O O   . GLU A 1 42  ? 2.899   9.858   7.567   1.00 10.95 ? 42  GLU A O   1 
ATOM   303  C CB  . GLU A 1 42  ? 3.545   8.805   10.591  1.00 12.33 ? 42  GLU A CB  1 
ATOM   304  C CG  . GLU A 1 42  ? 3.214   10.286  10.732  1.00 14.60 ? 42  GLU A CG  1 
ATOM   305  C CD  . GLU A 1 42  ? 3.593   10.845  12.090  1.00 20.59 ? 42  GLU A CD  1 
ATOM   306  O OE1 . GLU A 1 42  ? 4.695   10.523  12.579  1.00 20.43 ? 42  GLU A OE1 1 
ATOM   307  O OE2 . GLU A 1 42  ? 2.791   11.613  12.662  1.00 21.12 ? 42  GLU A OE2 1 
ATOM   308  N N   . ALA A 1 43  ? 4.810   8.687   7.653   1.00 10.53 ? 43  ALA A N   1 
ATOM   309  C CA  . ALA A 1 43  ? 5.410   9.396   6.525   1.00 11.42 ? 43  ALA A CA  1 
ATOM   310  C C   . ALA A 1 43  ? 4.592   9.184   5.253   1.00 10.99 ? 43  ALA A C   1 
ATOM   311  O O   . ALA A 1 43  ? 4.370   10.109  4.474   1.00 11.09 ? 43  ALA A O   1 
ATOM   312  C CB  . ALA A 1 43  ? 6.839   8.910   6.306   1.00 10.94 ? 43  ALA A CB  1 
ATOM   313  N N   . TYR A 1 44  ? 4.162   7.945   5.052   1.00 9.40  ? 44  TYR A N   1 
ATOM   314  C CA  . TYR A 1 44  ? 3.366   7.570   3.897   1.00 10.25 ? 44  TYR A CA  1 
ATOM   315  C C   . TYR A 1 44  ? 2.057   8.361   3.918   1.00 9.80  ? 44  TYR A C   1 
ATOM   316  O O   . TYR A 1 44  ? 1.620   8.884   2.893   1.00 9.34  ? 44  TYR A O   1 
ATOM   317  C CB  . TYR A 1 44  ? 3.100   6.061   3.959   1.00 10.22 ? 44  TYR A CB  1 
ATOM   318  C CG  . TYR A 1 44  ? 2.446   5.454   2.739   1.00 9.59  ? 44  TYR A CG  1 
ATOM   319  C CD1 . TYR A 1 44  ? 1.085   5.624   2.493   1.00 8.84  ? 44  TYR A CD1 1 
ATOM   320  C CD2 . TYR A 1 44  ? 3.178   4.644   1.867   1.00 8.79  ? 44  TYR A CD2 1 
ATOM   321  C CE1 . TYR A 1 44  ? 0.465   4.993   1.413   1.00 10.42 ? 44  TYR A CE1 1 
ATOM   322  C CE2 . TYR A 1 44  ? 2.571   4.013   0.786   1.00 9.07  ? 44  TYR A CE2 1 
ATOM   323  C CZ  . TYR A 1 44  ? 1.212   4.188   0.569   1.00 8.80  ? 44  TYR A CZ  1 
ATOM   324  O OH  . TYR A 1 44  ? 0.600   3.535   -0.478  1.00 10.05 ? 44  TYR A OH  1 
ATOM   325  N N   . TRP A 1 45  ? 1.450   8.452   5.099   1.00 10.59 ? 45  TRP A N   1 
ATOM   326  C CA  . TRP A 1 45  ? 0.197   9.173   5.288   1.00 11.23 ? 45  TRP A CA  1 
ATOM   327  C C   . TRP A 1 45  ? 0.357   10.666  4.980   1.00 11.43 ? 45  TRP A C   1 
ATOM   328  O O   . TRP A 1 45  ? -0.516  11.282  4.369   1.00 11.13 ? 45  TRP A O   1 
ATOM   329  C CB  . TRP A 1 45  ? -0.289  8.979   6.724   1.00 11.40 ? 45  TRP A CB  1 
ATOM   330  C CG  . TRP A 1 45  ? -1.575  9.664   7.026   1.00 12.70 ? 45  TRP A CG  1 
ATOM   331  C CD1 . TRP A 1 45  ? -2.819  9.317   6.581   1.00 13.59 ? 45  TRP A CD1 1 
ATOM   332  C CD2 . TRP A 1 45  ? -1.743  10.837  7.824   1.00 13.99 ? 45  TRP A CD2 1 
ATOM   333  N NE1 . TRP A 1 45  ? -3.754  10.208  7.055   1.00 13.81 ? 45  TRP A NE1 1 
ATOM   334  C CE2 . TRP A 1 45  ? -3.121  11.149  7.821   1.00 15.50 ? 45  TRP A CE2 1 
ATOM   335  C CE3 . TRP A 1 45  ? -0.861  11.657  8.542   1.00 14.74 ? 45  TRP A CE3 1 
ATOM   336  C CZ2 . TRP A 1 45  ? -3.640  12.252  8.512   1.00 13.97 ? 45  TRP A CZ2 1 
ATOM   337  C CZ3 . TRP A 1 45  ? -1.378  12.754  9.227   1.00 14.95 ? 45  TRP A CZ3 1 
ATOM   338  C CH2 . TRP A 1 45  ? -2.756  13.038  9.208   1.00 15.09 ? 45  TRP A CH2 1 
ATOM   339  N N   . ILE A 1 46  ? 1.466   11.254  5.407   1.00 11.66 ? 46  ILE A N   1 
ATOM   340  C CA  . ILE A 1 46  ? 1.704   12.662  5.130   1.00 12.33 ? 46  ILE A CA  1 
ATOM   341  C C   . ILE A 1 46  ? 1.834   12.848  3.619   1.00 12.89 ? 46  ILE A C   1 
ATOM   342  O O   . ILE A 1 46  ? 1.221   13.744  3.036   1.00 11.50 ? 46  ILE A O   1 
ATOM   343  C CB  . ILE A 1 46  ? 2.996   13.156  5.824   1.00 12.61 ? 46  ILE A CB  1 
ATOM   344  C CG1 . ILE A 1 46  ? 2.778   13.198  7.340   1.00 13.03 ? 46  ILE A CG1 1 
ATOM   345  C CG2 . ILE A 1 46  ? 3.394   14.520  5.286   1.00 12.67 ? 46  ILE A CG2 1 
ATOM   346  C CD1 . ILE A 1 46  ? 4.007   13.601  8.143   1.00 13.72 ? 46  ILE A CD1 1 
ATOM   347  N N   . ASP A 1 47  ? 2.622   11.984  2.989   1.00 11.54 ? 47  ASP A N   1 
ATOM   348  C CA  . ASP A 1 47  ? 2.834   12.056  1.547   1.00 11.76 ? 47  ASP A CA  1 
ATOM   349  C C   . ASP A 1 47  ? 1.564   11.853  0.719   1.00 11.50 ? 47  ASP A C   1 
ATOM   350  O O   . ASP A 1 47  ? 1.453   12.399  -0.378  1.00 10.98 ? 47  ASP A O   1 
ATOM   351  C CB  . ASP A 1 47  ? 3.901   11.041  1.119   1.00 12.26 ? 47  ASP A CB  1 
ATOM   352  C CG  . ASP A 1 47  ? 5.319   11.514  1.423   1.00 12.87 ? 47  ASP A CG  1 
ATOM   353  O OD1 . ASP A 1 47  ? 5.480   12.506  2.168   1.00 13.40 ? 47  ASP A OD1 1 
ATOM   354  O OD2 . ASP A 1 47  ? 6.277   10.887  0.921   1.00 12.55 ? 47  ASP A OD2 1 
ATOM   355  N N   . CYS A 1 48  ? 0.604   11.079  1.225   1.00 10.81 ? 48  CYS A N   1 
ATOM   356  C CA  . CYS A 1 48  ? -0.625  10.860  0.459   1.00 11.34 ? 48  CYS A CA  1 
ATOM   357  C C   . CYS A 1 48  ? -1.672  11.937  0.713   1.00 11.49 ? 48  CYS A C   1 
ATOM   358  O O   . CYS A 1 48  ? -2.833  11.776  0.337   1.00 12.28 ? 48  CYS A O   1 
ATOM   359  C CB  . CYS A 1 48  ? -1.239  9.482   0.743   1.00 11.76 ? 48  CYS A CB  1 
ATOM   360  S SG  . CYS A 1 48  ? -1.967  9.297   2.392   1.00 10.79 ? 48  CYS A SG  1 
ATOM   361  N N   . GLY A 1 49  ? -1.271  13.027  1.362   1.00 11.09 ? 49  GLY A N   1 
ATOM   362  C CA  . GLY A 1 49  ? -2.202  14.118  1.605   1.00 12.84 ? 49  GLY A CA  1 
ATOM   363  C C   . GLY A 1 49  ? -2.889  14.221  2.954   1.00 12.42 ? 49  GLY A C   1 
ATOM   364  O O   . GLY A 1 49  ? -3.853  14.977  3.093   1.00 14.26 ? 49  GLY A O   1 
ATOM   365  N N   . ARG A 1 50  ? -2.409  13.480  3.946   1.00 12.03 ? 50  ARG A N   1 
ATOM   366  C CA  . ARG A 1 50  ? -3.002  13.517  5.281   1.00 13.21 ? 50  ARG A CA  1 
ATOM   367  C C   . ARG A 1 50  ? -4.523  13.341  5.277   1.00 12.52 ? 50  ARG A C   1 
ATOM   368  O O   . ARG A 1 50  ? -5.247  14.148  5.862   1.00 12.92 ? 50  ARG A O   1 
ATOM   369  C CB  . ARG A 1 50  ? -2.675  14.842  5.984   1.00 13.71 ? 50  ARG A CB  1 
ATOM   370  C CG  . ARG A 1 50  ? -1.209  15.079  6.326   1.00 16.24 ? 50  ARG A CG  1 
ATOM   371  C CD  . ARG A 1 50  ? -1.082  16.291  7.258   1.00 16.87 ? 50  ARG A CD  1 
ATOM   372  N NE  . ARG A 1 50  ? 0.271   16.484  7.775   1.00 21.50 ? 50  ARG A NE  1 
ATOM   373  C CZ  . ARG A 1 50  ? 1.292   16.937  7.059   1.00 24.33 ? 50  ARG A CZ  1 
ATOM   374  N NH1 . ARG A 1 50  ? 1.125   17.255  5.782   1.00 25.49 ? 50  ARG A NH1 1 
ATOM   375  N NH2 . ARG A 1 50  ? 2.487   17.073  7.624   1.00 23.13 ? 50  ARG A NH2 1 
ATOM   376  N N   . PRO A 1 51  ? -5.029  12.288  4.618   1.00 10.90 ? 51  PRO A N   1 
ATOM   377  C CA  . PRO A 1 51  ? -6.475  12.052  4.572   1.00 11.26 ? 51  PRO A CA  1 
ATOM   378  C C   . PRO A 1 51  ? -7.043  11.609  5.923   1.00 11.42 ? 51  PRO A C   1 
ATOM   379  O O   . PRO A 1 51  ? -6.309  11.138  6.791   1.00 11.42 ? 51  PRO A O   1 
ATOM   380  C CB  . PRO A 1 51  ? -6.603  10.964  3.517   1.00 10.89 ? 51  PRO A CB  1 
ATOM   381  C CG  . PRO A 1 51  ? -5.356  10.184  3.685   1.00 10.55 ? 51  PRO A CG  1 
ATOM   382  C CD  . PRO A 1 51  ? -4.312  11.267  3.837   1.00 10.60 ? 51  PRO A CD  1 
ATOM   383  N N   . GLY A 1 52  ? -8.352  11.761  6.092   1.00 10.74 ? 52  GLY A N   1 
ATOM   384  C CA  . GLY A 1 52  ? -8.975  11.361  7.341   1.00 11.31 ? 52  GLY A CA  1 
ATOM   385  C C   . GLY A 1 52  ? -8.763  12.364  8.460   1.00 11.92 ? 52  GLY A C   1 
ATOM   386  O O   . GLY A 1 52  ? -8.131  13.403  8.260   1.00 13.27 ? 52  GLY A O   1 
ATOM   387  N N   . SER A 1 53  ? -9.286  12.051  9.643   1.00 12.64 ? 53  SER A N   1 
ATOM   388  C CA  . SER A 1 53  ? -9.159  12.942  10.791  1.00 14.01 ? 53  SER A CA  1 
ATOM   389  C C   . SER A 1 53  ? -7.771  12.888  11.426  1.00 13.83 ? 53  SER A C   1 
ATOM   390  O O   . SER A 1 53  ? -7.371  13.809  12.141  1.00 13.69 ? 53  SER A O   1 
ATOM   391  C CB  . SER A 1 53  ? -10.239 12.618  11.829  1.00 14.84 ? 53  SER A CB  1 
ATOM   392  O OG  . SER A 1 53  ? -10.287 11.236  12.129  1.00 14.66 ? 53  SER A OG  1 
ATOM   393  N N   . SER A 1 54  ? -7.045  11.804  11.168  1.00 12.36 ? 54  SER A N   1 
ATOM   394  C CA  . SER A 1 54  ? -5.694  11.632  11.689  1.00 12.87 ? 54  SER A CA  1 
ATOM   395  C C   . SER A 1 54  ? -5.060  10.410  11.038  1.00 12.78 ? 54  SER A C   1 
ATOM   396  O O   . SER A 1 54  ? -5.746  9.604   10.409  1.00 12.30 ? 54  SER A O   1 
ATOM   397  C CB  . SER A 1 54  ? -5.714  11.442  13.208  1.00 12.11 ? 54  SER A CB  1 
ATOM   398  O OG  . SER A 1 54  ? -6.181  10.149  13.557  1.00 13.21 ? 54  SER A OG  1 
ATOM   399  N N   . TRP A 1 55  ? -3.747  10.279  11.188  1.00 13.39 ? 55  TRP A N   1 
ATOM   400  C CA  . TRP A 1 55  ? -3.021  9.156   10.613  1.00 12.58 ? 55  TRP A CA  1 
ATOM   401  C C   . TRP A 1 55  ? -3.567  7.803   11.056  1.00 12.72 ? 55  TRP A C   1 
ATOM   402  O O   . TRP A 1 55  ? -3.908  6.964   10.222  1.00 12.52 ? 55  TRP A O   1 
ATOM   403  C CB  . TRP A 1 55  ? -1.532  9.273   10.961  1.00 13.00 ? 55  TRP A CB  1 
ATOM   404  C CG  . TRP A 1 55  ? -0.744  7.988   10.856  1.00 13.20 ? 55  TRP A CG  1 
ATOM   405  C CD1 . TRP A 1 55  ? -0.842  7.035   9.879   1.00 12.54 ? 55  TRP A CD1 1 
ATOM   406  C CD2 . TRP A 1 55  ? 0.295   7.551   11.741  1.00 13.55 ? 55  TRP A CD2 1 
ATOM   407  N NE1 . TRP A 1 55  ? 0.073   6.032   10.105  1.00 12.30 ? 55  TRP A NE1 1 
ATOM   408  C CE2 . TRP A 1 55  ? 0.784   6.325   11.241  1.00 13.48 ? 55  TRP A CE2 1 
ATOM   409  C CE3 . TRP A 1 55  ? 0.862   8.082   12.910  1.00 13.49 ? 55  TRP A CE3 1 
ATOM   410  C CZ2 . TRP A 1 55  ? 1.813   5.617   11.868  1.00 12.32 ? 55  TRP A CZ2 1 
ATOM   411  C CZ3 . TRP A 1 55  ? 1.889   7.376   13.535  1.00 15.13 ? 55  TRP A CZ3 1 
ATOM   412  C CH2 . TRP A 1 55  ? 2.352   6.157   13.010  1.00 13.41 ? 55  TRP A CH2 1 
ATOM   413  N N   . LYS A 1 56  ? -3.666  7.591   12.363  1.00 12.65 ? 56  LYS A N   1 
ATOM   414  C CA  . LYS A 1 56  ? -4.153  6.316   12.875  1.00 12.80 ? 56  LYS A CA  1 
ATOM   415  C C   . LYS A 1 56  ? -5.640  6.078   12.630  1.00 11.54 ? 56  LYS A C   1 
ATOM   416  O O   . LYS A 1 56  ? -6.068  4.935   12.476  1.00 11.77 ? 56  LYS A O   1 
ATOM   417  C CB  . LYS A 1 56  ? -3.817  6.196   14.360  1.00 13.77 ? 56  LYS A CB  1 
ATOM   418  C CG  . LYS A 1 56  ? -2.318  6.199   14.609  1.00 15.69 ? 56  LYS A CG  1 
ATOM   419  C CD  . LYS A 1 56  ? -1.973  6.186   16.085  1.00 16.52 ? 56  LYS A CD  1 
ATOM   420  C CE  . LYS A 1 56  ? -0.473  6.380   16.278  1.00 21.20 ? 56  LYS A CE  1 
ATOM   421  N NZ  . LYS A 1 56  ? -0.082  6.431   17.718  1.00 22.20 ? 56  LYS A NZ  1 
ATOM   422  N N   . SER A 1 57  ? -6.430  7.146   12.591  1.00 11.29 ? 57  SER A N   1 
ATOM   423  C CA  . SER A 1 57  ? -7.857  7.000   12.331  1.00 11.10 ? 57  SER A CA  1 
ATOM   424  C C   . SER A 1 57  ? -8.034  6.586   10.873  1.00 10.28 ? 57  SER A C   1 
ATOM   425  O O   . SER A 1 57  ? -8.834  5.708   10.551  1.00 10.34 ? 57  SER A O   1 
ATOM   426  C CB  . SER A 1 57  ? -8.595  8.314   12.579  1.00 10.73 ? 57  SER A CB  1 
ATOM   427  O OG  . SER A 1 57  ? -9.953  8.194   12.188  1.00 12.74 ? 57  SER A OG  1 
ATOM   428  N N   . CYS A 1 58  ? -7.278  7.230   9.993   1.00 10.01 ? 58  CYS A N   1 
ATOM   429  C CA  . CYS A 1 58  ? -7.336  6.922   8.571   1.00 9.86  ? 58  CYS A CA  1 
ATOM   430  C C   . CYS A 1 58  ? -6.895  5.487   8.319   1.00 9.74  ? 58  CYS A C   1 
ATOM   431  O O   . CYS A 1 58  ? -7.535  4.741   7.567   1.00 8.79  ? 58  CYS A O   1 
ATOM   432  C CB  . CYS A 1 58  ? -6.415  7.857   7.804   1.00 8.33  ? 58  CYS A CB  1 
ATOM   433  S SG  . CYS A 1 58  ? -6.441  7.582   6.009   1.00 11.01 ? 58  CYS A SG  1 
ATOM   434  N N   . ALA A 1 59  ? -5.791  5.110   8.956   1.00 9.92  ? 59  ALA A N   1 
ATOM   435  C CA  . ALA A 1 59  ? -5.227  3.773   8.813   1.00 9.72  ? 59  ALA A CA  1 
ATOM   436  C C   . ALA A 1 59  ? -6.205  2.682   9.228   1.00 9.81  ? 59  ALA A C   1 
ATOM   437  O O   . ALA A 1 59  ? -6.187  1.582   8.671   1.00 10.17 ? 59  ALA A O   1 
ATOM   438  C CB  . ALA A 1 59  ? -3.944  3.663   9.636   1.00 9.72  ? 59  ALA A CB  1 
ATOM   439  N N   . ALA A 1 60  ? -7.055  2.990   10.203  1.00 9.52  ? 60  ALA A N   1 
ATOM   440  C CA  . ALA A 1 60  ? -8.035  2.036   10.715  1.00 10.63 ? 60  ALA A CA  1 
ATOM   441  C C   . ALA A 1 60  ? -9.288  1.954   9.844   1.00 11.39 ? 60  ALA A C   1 
ATOM   442  O O   . ALA A 1 60  ? -10.201 1.180   10.131  1.00 11.56 ? 60  ALA A O   1 
ATOM   443  C CB  . ALA A 1 60  ? -8.419  2.405   12.151  1.00 11.44 ? 60  ALA A CB  1 
ATOM   444  N N   . SER A 1 61  ? -9.322  2.756   8.783   1.00 10.24 ? 61  SER A N   1 
ATOM   445  C CA  . SER A 1 61  ? -10.447 2.775   7.847   1.00 10.18 ? 61  SER A CA  1 
ATOM   446  C C   . SER A 1 61  ? -9.995  2.165   6.526   1.00 9.88  ? 61  SER A C   1 
ATOM   447  O O   . SER A 1 61  ? -9.029  2.635   5.935   1.00 9.03  ? 61  SER A O   1 
ATOM   448  C CB  . SER A 1 61  ? -10.905 4.211   7.595   1.00 10.60 ? 61  SER A CB  1 
ATOM   449  O OG  . SER A 1 61  ? -11.775 4.281   6.473   1.00 11.32 ? 61  SER A OG  1 
ATOM   450  N N   . SER A 1 62  ? -10.678 1.123   6.065   1.00 9.69  ? 62  SER A N   1 
ATOM   451  C CA  . SER A 1 62  ? -10.301 0.498   4.800   1.00 9.69  ? 62  SER A CA  1 
ATOM   452  C C   . SER A 1 62  ? -10.440 1.514   3.669   1.00 9.36  ? 62  SER A C   1 
ATOM   453  O O   . SER A 1 62  ? -9.632  1.540   2.739   1.00 9.24  ? 62  SER A O   1 
ATOM   454  C CB  . SER A 1 62  ? -11.182 -0.726  4.510   1.00 11.57 ? 62  SER A CB  1 
ATOM   455  O OG  . SER A 1 62  ? -12.543 -0.360  4.380   1.00 16.88 ? 62  SER A OG  1 
ATOM   456  N N   . TYR A 1 63  ? -11.460 2.361   3.750   1.00 8.11  ? 63  TYR A N   1 
ATOM   457  C CA  . TYR A 1 63  ? -11.652 3.352   2.703   1.00 7.97  ? 63  TYR A CA  1 
ATOM   458  C C   . TYR A 1 63  ? -10.592 4.450   2.739   1.00 7.92  ? 63  TYR A C   1 
ATOM   459  O O   . TYR A 1 63  ? -10.002 4.772   1.708   1.00 7.84  ? 63  TYR A O   1 
ATOM   460  C CB  . TYR A 1 63  ? -13.037 3.998   2.791   1.00 8.76  ? 63  TYR A CB  1 
ATOM   461  C CG  . TYR A 1 63  ? -13.309 4.907   1.616   1.00 8.02  ? 63  TYR A CG  1 
ATOM   462  C CD1 . TYR A 1 63  ? -13.895 4.410   0.448   1.00 10.41 ? 63  TYR A CD1 1 
ATOM   463  C CD2 . TYR A 1 63  ? -12.921 6.247   1.640   1.00 10.18 ? 63  TYR A CD2 1 
ATOM   464  C CE1 . TYR A 1 63  ? -14.084 5.224   -0.667  1.00 10.13 ? 63  TYR A CE1 1 
ATOM   465  C CE2 . TYR A 1 63  ? -13.102 7.069   0.529   1.00 9.33  ? 63  TYR A CE2 1 
ATOM   466  C CZ  . TYR A 1 63  ? -13.683 6.547   -0.620  1.00 8.07  ? 63  TYR A CZ  1 
ATOM   467  O OH  . TYR A 1 63  ? -13.850 7.352   -1.725  1.00 11.87 ? 63  TYR A OH  1 
ATOM   468  N N   . CYS A 1 64  ? -10.357 5.032   3.914   1.00 7.42  ? 64  CYS A N   1 
ATOM   469  C CA  . CYS A 1 64  ? -9.369  6.099   4.028   1.00 8.20  ? 64  CYS A CA  1 
ATOM   470  C C   . CYS A 1 64  ? -7.987  5.582   3.664   1.00 6.79  ? 64  CYS A C   1 
ATOM   471  O O   . CYS A 1 64  ? -7.261  6.219   2.908   1.00 7.12  ? 64  CYS A O   1 
ATOM   472  C CB  . CYS A 1 64  ? -9.324  6.690   5.446   1.00 8.80  ? 64  CYS A CB  1 
ATOM   473  S SG  . CYS A 1 64  ? -8.307  8.210   5.495   1.00 11.42 ? 64  CYS A SG  1 
ATOM   474  N N   . ALA A 1 65  ? -7.629  4.427   4.209   1.00 8.07  ? 65  ALA A N   1 
ATOM   475  C CA  . ALA A 1 65  ? -6.329  3.833   3.936   1.00 6.91  ? 65  ALA A CA  1 
ATOM   476  C C   . ALA A 1 65  ? -6.139  3.574   2.439   1.00 7.35  ? 65  ALA A C   1 
ATOM   477  O O   . ALA A 1 65  ? -5.066  3.837   1.894   1.00 6.75  ? 65  ALA A O   1 
ATOM   478  C CB  . ALA A 1 65  ? -6.178  2.532   4.724   1.00 7.27  ? 65  ALA A CB  1 
ATOM   479  N N   . SER A 1 66  ? -7.174  3.066   1.774   1.00 7.44  ? 66  SER A N   1 
ATOM   480  C CA  . SER A 1 66  ? -7.067  2.785   0.347   1.00 6.73  ? 66  SER A CA  1 
ATOM   481  C C   . SER A 1 66  ? -6.977  4.079   -0.453  1.00 7.81  ? 66  SER A C   1 
ATOM   482  O O   . SER A 1 66  ? -6.305  4.135   -1.481  1.00 8.57  ? 66  SER A O   1 
ATOM   483  C CB  . SER A 1 66  ? -8.239  1.916   -0.140  1.00 7.37  ? 66  SER A CB  1 
ATOM   484  O OG  . SER A 1 66  ? -9.504  2.512   0.094   1.00 9.48  ? 66  SER A OG  1 
ATOM   485  N N   . LEU A 1 67  ? -7.644  5.124   0.025   1.00 8.19  ? 67  LEU A N   1 
ATOM   486  C CA  . LEU A 1 67  ? -7.585  6.413   -0.659  1.00 9.88  ? 67  LEU A CA  1 
ATOM   487  C C   . LEU A 1 67  ? -6.143  6.913   -0.571  1.00 9.11  ? 67  LEU A C   1 
ATOM   488  O O   . LEU A 1 67  ? -5.595  7.472   -1.524  1.00 9.98  ? 67  LEU A O   1 
ATOM   489  C CB  . LEU A 1 67  ? -8.531  7.414   0.015   1.00 10.18 ? 67  LEU A CB  1 
ATOM   490  C CG  . LEU A 1 67  ? -8.601  8.817   -0.591  1.00 13.21 ? 67  LEU A CG  1 
ATOM   491  C CD1 . LEU A 1 67  ? -8.897  8.731   -2.078  1.00 13.04 ? 67  LEU A CD1 1 
ATOM   492  C CD2 . LEU A 1 67  ? -9.681  9.609   0.106   1.00 16.64 ? 67  LEU A CD2 1 
ATOM   493  N N   . CYS A 1 68  ? -5.531  6.705   0.588   1.00 9.90  ? 68  CYS A N   1 
ATOM   494  C CA  . CYS A 1 68  ? -4.152  7.123   0.798   1.00 9.19  ? 68  CYS A CA  1 
ATOM   495  C C   . CYS A 1 68  ? -3.243  6.407   -0.201  1.00 8.89  ? 68  CYS A C   1 
ATOM   496  O O   . CYS A 1 68  ? -2.382  7.032   -0.824  1.00 8.39  ? 68  CYS A O   1 
ATOM   497  C CB  . CYS A 1 68  ? -3.737  6.805   2.233   1.00 9.45  ? 68  CYS A CB  1 
ATOM   498  S SG  . CYS A 1 68  ? -2.052  7.291   2.716   1.00 9.59  ? 68  CYS A SG  1 
ATOM   499  N N   . VAL A 1 69  ? -3.443  5.100   -0.362  1.00 8.42  ? 69  VAL A N   1 
ATOM   500  C CA  . VAL A 1 69  ? -2.649  4.316   -1.312  1.00 7.51  ? 69  VAL A CA  1 
ATOM   501  C C   . VAL A 1 69  ? -2.847  4.866   -2.726  1.00 8.29  ? 69  VAL A C   1 
ATOM   502  O O   . VAL A 1 69  ? -1.885  5.031   -3.478  1.00 8.35  ? 69  VAL A O   1 
ATOM   503  C CB  . VAL A 1 69  ? -3.056  2.818   -1.290  1.00 8.29  ? 69  VAL A CB  1 
ATOM   504  C CG1 . VAL A 1 69  ? -2.300  2.048   -2.368  1.00 7.46  ? 69  VAL A CG1 1 
ATOM   505  C CG2 . VAL A 1 69  ? -2.756  2.217   0.083   1.00 8.27  ? 69  VAL A CG2 1 
ATOM   506  N N   . GLN A 1 70  ? -4.097  5.155   -3.080  1.00 8.85  ? 70  GLN A N   1 
ATOM   507  C CA  . GLN A 1 70  ? -4.415  5.699   -4.396  1.00 9.93  ? 70  GLN A CA  1 
ATOM   508  C C   . GLN A 1 70  ? -3.672  7.015   -4.619  1.00 10.67 ? 70  GLN A C   1 
ATOM   509  O O   . GLN A 1 70  ? -3.098  7.240   -5.685  1.00 11.41 ? 70  GLN A O   1 
ATOM   510  C CB  . GLN A 1 70  ? -5.929  5.927   -4.529  1.00 8.90  ? 70  GLN A CB  1 
ATOM   511  C CG  . GLN A 1 70  ? -6.758  4.646   -4.586  1.00 8.81  ? 70  GLN A CG  1 
ATOM   512  C CD  . GLN A 1 70  ? -6.642  3.938   -5.923  1.00 9.54  ? 70  GLN A CD  1 
ATOM   513  O OE1 . GLN A 1 70  ? -5.733  4.213   -6.708  1.00 10.28 ? 70  GLN A OE1 1 
ATOM   514  N NE2 . GLN A 1 70  ? -7.559  3.014   -6.185  1.00 11.45 ? 70  GLN A NE2 1 
ATOM   515  N N   . ASN A 1 71  ? -3.682  7.884   -3.610  1.00 11.22 ? 71  ASN A N   1 
ATOM   516  C CA  . ASN A 1 71  ? -3.006  9.175   -3.710  1.00 11.47 ? 71  ASN A CA  1 
ATOM   517  C C   . ASN A 1 71  ? -1.488  9.011   -3.769  1.00 11.84 ? 71  ASN A C   1 
ATOM   518  O O   . ASN A 1 71  ? -0.800  9.733   -4.493  1.00 11.46 ? 71  ASN A O   1 
ATOM   519  C CB  . ASN A 1 71  ? -3.376  10.069  -2.522  1.00 13.39 ? 71  ASN A CB  1 
ATOM   520  C CG  . ASN A 1 71  ? -4.810  10.570  -2.587  1.00 14.57 ? 71  ASN A CG  1 
ATOM   521  O OD1 . ASN A 1 71  ? -5.451  10.519  -3.638  1.00 19.45 ? 71  ASN A OD1 1 
ATOM   522  N ND2 . ASN A 1 71  ? -5.315  11.068  -1.465  1.00 19.46 ? 71  ASN A ND2 1 
ATOM   523  N N   . TYR A 1 72  ? -0.968  8.056   -3.009  1.00 10.12 ? 72  TYR A N   1 
ATOM   524  C CA  . TYR A 1 72  ? 0.468   7.815   -2.978  1.00 10.26 ? 72  TYR A CA  1 
ATOM   525  C C   . TYR A 1 72  ? 0.972   7.349   -4.341  1.00 10.83 ? 72  TYR A C   1 
ATOM   526  O O   . TYR A 1 72  ? 2.020   7.795   -4.815  1.00 10.68 ? 72  TYR A O   1 
ATOM   527  C CB  . TYR A 1 72  ? 0.792   6.773   -1.903  1.00 10.15 ? 72  TYR A CB  1 
ATOM   528  C CG  . TYR A 1 72  ? 2.260   6.677   -1.542  1.00 8.98  ? 72  TYR A CG  1 
ATOM   529  C CD1 . TYR A 1 72  ? 3.120   5.812   -2.224  1.00 9.96  ? 72  TYR A CD1 1 
ATOM   530  C CD2 . TYR A 1 72  ? 2.788   7.447   -0.506  1.00 8.39  ? 72  TYR A CD2 1 
ATOM   531  C CE1 . TYR A 1 72  ? 4.474   5.715   -1.872  1.00 8.89  ? 72  TYR A CE1 1 
ATOM   532  C CE2 . TYR A 1 72  ? 4.133   7.361   -0.153  1.00 7.25  ? 72  TYR A CE2 1 
ATOM   533  C CZ  . TYR A 1 72  ? 4.965   6.495   -0.836  1.00 10.21 ? 72  TYR A CZ  1 
ATOM   534  O OH  . TYR A 1 72  ? 6.287   6.417   -0.478  1.00 11.42 ? 72  TYR A OH  1 
ATOM   535  N N   . MET A 1 73  ? 0.226   6.453   -4.978  1.00 10.71 ? 73  MET A N   1 
ATOM   536  C CA  . MET A 1 73  ? 0.637   5.956   -6.284  1.00 10.46 ? 73  MET A CA  1 
ATOM   537  C C   . MET A 1 73  ? 0.481   7.043   -7.342  1.00 11.23 ? 73  MET A C   1 
ATOM   538  O O   . MET A 1 73  ? 1.278   7.137   -8.270  1.00 10.88 ? 73  MET A O   1 
ATOM   539  C CB  . MET A 1 73  ? -0.174  4.719   -6.661  1.00 10.76 ? 73  MET A CB  1 
ATOM   540  C CG  . MET A 1 73  ? -0.026  3.572   -5.671  1.00 10.72 ? 73  MET A CG  1 
ATOM   541  S SD  . MET A 1 73  ? 1.708   3.212   -5.299  1.00 10.53 ? 73  MET A SD  1 
ATOM   542  C CE  . MET A 1 73  ? 1.570   2.506   -3.648  1.00 7.86  ? 73  MET A CE  1 
ATOM   543  N N   . LYS A 1 74  ? -0.546  7.871   -7.204  1.00 11.96 ? 74  LYS A N   1 
ATOM   544  C CA  . LYS A 1 74  ? -0.749  8.947   -8.164  1.00 12.41 ? 74  LYS A CA  1 
ATOM   545  C C   . LYS A 1 74  ? 0.435   9.911   -8.075  1.00 13.27 ? 74  LYS A C   1 
ATOM   546  O O   . LYS A 1 74  ? 0.882   10.464  -9.080  1.00 13.34 ? 74  LYS A O   1 
ATOM   547  C CB  . LYS A 1 74  ? -2.050  9.693   -7.855  1.00 13.68 ? 74  LYS A CB  1 
ATOM   548  C CG  . LYS A 1 74  ? -2.485  10.653  -8.956  1.00 15.55 ? 74  LYS A CG  1 
ATOM   549  C CD  . LYS A 1 74  ? -2.888  9.891   -10.213 1.00 23.44 ? 74  LYS A CD  1 
ATOM   550  C CE  . LYS A 1 74  ? -3.283  10.837  -11.337 1.00 25.64 ? 74  LYS A CE  1 
ATOM   551  N NZ  . LYS A 1 74  ? -4.405  11.732  -10.942 1.00 33.98 ? 74  LYS A NZ  1 
ATOM   552  N N   . ARG A 1 75  ? 0.954   10.093  -6.865  1.00 13.29 ? 75  ARG A N   1 
ATOM   553  C CA  . ARG A 1 75  ? 2.075   10.999  -6.642  1.00 13.38 ? 75  ARG A CA  1 
ATOM   554  C C   . ARG A 1 75  ? 3.457   10.477  -7.035  1.00 14.67 ? 75  ARG A C   1 
ATOM   555  O O   . ARG A 1 75  ? 4.260   11.219  -7.611  1.00 13.92 ? 75  ARG A O   1 
ATOM   556  C CB  . ARG A 1 75  ? 2.108   11.430  -5.167  1.00 14.00 ? 75  ARG A CB  1 
ATOM   557  C CG  . ARG A 1 75  ? 3.313   12.298  -4.789  1.00 14.85 ? 75  ARG A CG  1 
ATOM   558  C CD  . ARG A 1 75  ? 3.236   12.825  -3.357  1.00 15.48 ? 75  ARG A CD  1 
ATOM   559  N NE  . ARG A 1 75  ? 4.355   13.722  -3.063  1.00 19.81 ? 75  ARG A NE  1 
ATOM   560  C CZ  . ARG A 1 75  ? 4.483   14.434  -1.948  1.00 21.57 ? 75  ARG A CZ  1 
ATOM   561  N NH1 . ARG A 1 75  ? 3.560   14.367  -0.999  1.00 18.13 ? 75  ARG A NH1 1 
ATOM   562  N NH2 . ARG A 1 75  ? 5.539   15.224  -1.783  1.00 24.11 ? 75  ARG A NH2 1 
ATOM   563  N N   . TYR A 1 76  ? 3.728   9.205   -6.755  1.00 13.47 ? 76  TYR A N   1 
ATOM   564  C CA  . TYR A 1 76  ? 5.053   8.635   -7.014  1.00 14.16 ? 76  TYR A CA  1 
ATOM   565  C C   . TYR A 1 76  ? 5.271   7.585   -8.105  1.00 14.32 ? 76  TYR A C   1 
ATOM   566  O O   . TYR A 1 76  ? 6.367   7.494   -8.655  1.00 15.19 ? 76  TYR A O   1 
ATOM   567  C CB  . TYR A 1 76  ? 5.607   8.044   -5.715  1.00 13.98 ? 76  TYR A CB  1 
ATOM   568  C CG  . TYR A 1 76  ? 5.907   9.044   -4.622  1.00 14.49 ? 76  TYR A CG  1 
ATOM   569  C CD1 . TYR A 1 76  ? 6.828   10.071  -4.826  1.00 16.19 ? 76  TYR A CD1 1 
ATOM   570  C CD2 . TYR A 1 76  ? 5.309   8.933   -3.365  1.00 14.80 ? 76  TYR A CD2 1 
ATOM   571  C CE1 . TYR A 1 76  ? 7.151   10.961  -3.803  1.00 15.55 ? 76  TYR A CE1 1 
ATOM   572  C CE2 . TYR A 1 76  ? 5.625   9.820   -2.333  1.00 13.26 ? 76  TYR A CE2 1 
ATOM   573  C CZ  . TYR A 1 76  ? 6.551   10.830  -2.561  1.00 15.55 ? 76  TYR A CZ  1 
ATOM   574  O OH  . TYR A 1 76  ? 6.894   11.697  -1.547  1.00 15.54 ? 76  TYR A OH  1 
ATOM   575  N N   . ALA A 1 77  ? 4.256   6.781   -8.399  1.00 14.00 ? 77  ALA A N   1 
ATOM   576  C CA  . ALA A 1 77  ? 4.387   5.700   -9.375  1.00 14.96 ? 77  ALA A CA  1 
ATOM   577  C C   . ALA A 1 77  ? 5.072   6.030   -10.697 1.00 16.22 ? 77  ALA A C   1 
ATOM   578  O O   . ALA A 1 77  ? 6.164   5.532   -10.974 1.00 16.17 ? 77  ALA A O   1 
ATOM   579  C CB  . ALA A 1 77  ? 3.022   5.077   -9.647  1.00 15.03 ? 77  ALA A CB  1 
ATOM   580  N N   . LYS A 1 78  ? 4.428   6.847   -11.521 1.00 17.92 ? 78  LYS A N   1 
ATOM   581  C CA  . LYS A 1 78  ? 4.998   7.202   -12.813 1.00 21.29 ? 78  LYS A CA  1 
ATOM   582  C C   . LYS A 1 78  ? 6.281   8.008   -12.653 1.00 20.79 ? 78  LYS A C   1 
ATOM   583  O O   . LYS A 1 78  ? 7.212   7.868   -13.447 1.00 21.42 ? 78  LYS A O   1 
ATOM   584  C CB  . LYS A 1 78  ? 3.964   7.967   -13.648 1.00 21.56 ? 78  LYS A CB  1 
ATOM   585  C CG  . LYS A 1 78  ? 3.305   9.125   -12.929 1.00 26.10 ? 78  LYS A CG  1 
ATOM   586  C CD  . LYS A 1 78  ? 1.904   9.385   -13.474 1.00 26.56 ? 78  LYS A CD  1 
ATOM   587  C CE  . LYS A 1 78  ? 0.991   8.185   -13.239 1.00 31.70 ? 78  LYS A CE  1 
ATOM   588  N NZ  . LYS A 1 78  ? -0.414  8.449   -13.649 1.00 33.46 ? 78  LYS A NZ  1 
ATOM   589  N N   . TRP A 1 79  ? 6.330   8.839   -11.618 1.00 21.17 ? 79  TRP A N   1 
ATOM   590  C CA  . TRP A 1 79  ? 7.508   9.650   -11.340 1.00 21.53 ? 79  TRP A CA  1 
ATOM   591  C C   . TRP A 1 79  ? 8.732   8.754   -11.151 1.00 21.59 ? 79  TRP A C   1 
ATOM   592  O O   . TRP A 1 79  ? 9.829   9.066   -11.620 1.00 21.64 ? 79  TRP A O   1 
ATOM   593  C CB  . TRP A 1 79  ? 7.279   10.479  -10.074 1.00 23.80 ? 79  TRP A CB  1 
ATOM   594  C CG  . TRP A 1 79  ? 8.520   11.120  -9.548  1.00 26.11 ? 79  TRP A CG  1 
ATOM   595  C CD1 . TRP A 1 79  ? 9.155   12.218  -10.049 1.00 28.56 ? 79  TRP A CD1 1 
ATOM   596  C CD2 . TRP A 1 79  ? 9.305   10.672  -8.435  1.00 28.29 ? 79  TRP A CD2 1 
ATOM   597  N NE1 . TRP A 1 79  ? 10.288  12.484  -9.315  1.00 29.56 ? 79  TRP A NE1 1 
ATOM   598  C CE2 . TRP A 1 79  ? 10.402  11.552  -8.319  1.00 29.34 ? 79  TRP A CE2 1 
ATOM   599  C CE3 . TRP A 1 79  ? 9.183   9.615   -7.523  1.00 28.79 ? 79  TRP A CE3 1 
ATOM   600  C CZ2 . TRP A 1 79  ? 11.381  11.402  -7.328  1.00 27.58 ? 79  TRP A CZ2 1 
ATOM   601  C CZ3 . TRP A 1 79  ? 10.155  9.466   -6.537  1.00 26.75 ? 79  TRP A CZ3 1 
ATOM   602  C CH2 . TRP A 1 79  ? 11.239  10.359  -6.447  1.00 26.93 ? 79  TRP A CH2 1 
ATOM   603  N N   . ALA A 1 80  ? 8.531   7.636   -10.458 1.00 18.79 ? 80  ALA A N   1 
ATOM   604  C CA  . ALA A 1 80  ? 9.604   6.686   -10.189 1.00 19.65 ? 80  ALA A CA  1 
ATOM   605  C C   . ALA A 1 80  ? 9.835   5.725   -11.357 1.00 19.77 ? 80  ALA A C   1 
ATOM   606  O O   . ALA A 1 80  ? 10.774  4.927   -11.334 1.00 20.65 ? 80  ALA A O   1 
ATOM   607  C CB  . ALA A 1 80  ? 9.293   5.899   -8.914  1.00 18.12 ? 80  ALA A CB  1 
ATOM   608  N N   . GLY A 1 81  ? 8.978   5.802   -12.372 1.00 20.33 ? 81  GLY A N   1 
ATOM   609  C CA  . GLY A 1 81  ? 9.120   4.939   -13.535 1.00 19.56 ? 81  GLY A CA  1 
ATOM   610  C C   . GLY A 1 81  ? 8.644   3.516   -13.303 1.00 19.65 ? 81  GLY A C   1 
ATOM   611  O O   . GLY A 1 81  ? 9.127   2.569   -13.932 1.00 19.68 ? 81  GLY A O   1 
ATOM   612  N N   . CYS A 1 82  ? 7.685   3.365   -12.400 1.00 18.56 ? 82  CYS A N   1 
ATOM   613  C CA  . CYS A 1 82  ? 7.145   2.054   -12.067 1.00 18.12 ? 82  CYS A CA  1 
ATOM   614  C C   . CYS A 1 82  ? 6.154   1.527   -13.088 1.00 17.87 ? 82  CYS A C   1 
ATOM   615  O O   . CYS A 1 82  ? 5.499   2.295   -13.795 1.00 17.80 ? 82  CYS A O   1 
ATOM   616  C CB  . CYS A 1 82  ? 6.404   2.097   -10.734 1.00 18.06 ? 82  CYS A CB  1 
ATOM   617  S SG  . CYS A 1 82  ? 7.326   2.728   -9.305  1.00 16.68 ? 82  CYS A SG  1 
ATOM   618  N N   . PRO A 1 83  ? 6.047   0.197   -13.190 1.00 18.02 ? 83  PRO A N   1 
ATOM   619  C CA  . PRO A 1 83  ? 5.093   -0.386  -14.133 1.00 18.03 ? 83  PRO A CA  1 
ATOM   620  C C   . PRO A 1 83  ? 3.749   0.030   -13.541 1.00 18.53 ? 83  PRO A C   1 
ATOM   621  O O   . PRO A 1 83  ? 3.487   -0.236  -12.365 1.00 17.18 ? 83  PRO A O   1 
ATOM   622  C CB  . PRO A 1 83  ? 5.340   -1.883  -13.986 1.00 18.20 ? 83  PRO A CB  1 
ATOM   623  C CG  . PRO A 1 83  ? 6.792   -1.952  -13.641 1.00 19.93 ? 83  PRO A CG  1 
ATOM   624  C CD  . PRO A 1 83  ? 6.944   -0.834  -12.638 1.00 17.51 ? 83  PRO A CD  1 
ATOM   625  N N   . LEU A 1 84  ? 2.910   0.699   -14.325 1.00 17.69 ? 84  LEU A N   1 
ATOM   626  C CA  . LEU A 1 84  ? 1.625   1.157   -13.810 1.00 17.93 ? 84  LEU A CA  1 
ATOM   627  C C   . LEU A 1 84  ? 0.576   0.054   -13.697 1.00 17.27 ? 84  LEU A C   1 
ATOM   628  O O   . LEU A 1 84  ? -0.472  0.091   -14.342 1.00 18.35 ? 84  LEU A O   1 
ATOM   629  C CB  . LEU A 1 84  ? 1.109   2.322   -14.662 1.00 18.69 ? 84  LEU A CB  1 
ATOM   630  C CG  . LEU A 1 84  ? 2.055   3.533   -14.657 1.00 18.76 ? 84  LEU A CG  1 
ATOM   631  C CD1 . LEU A 1 84  ? 1.443   4.663   -15.471 1.00 21.71 ? 84  LEU A CD1 1 
ATOM   632  C CD2 . LEU A 1 84  ? 2.314   3.994   -13.224 1.00 19.12 ? 84  LEU A CD2 1 
ATOM   633  N N   . ARG A 1 85  ? 0.890   -0.921  -12.849 1.00 14.44 ? 85  ARG A N   1 
ATOM   634  C CA  . ARG A 1 85  ? 0.034   -2.067  -12.564 1.00 13.45 ? 85  ARG A CA  1 
ATOM   635  C C   . ARG A 1 85  ? 0.339   -2.510  -11.132 1.00 11.51 ? 85  ARG A C   1 
ATOM   636  O O   . ARG A 1 85  ? 1.219   -1.941  -10.484 1.00 11.86 ? 85  ARG A O   1 
ATOM   637  C CB  . ARG A 1 85  ? 0.319   -3.203  -13.546 1.00 13.36 ? 85  ARG A CB  1 
ATOM   638  C CG  . ARG A 1 85  ? 1.774   -3.622  -13.587 1.00 16.16 ? 85  ARG A CG  1 
ATOM   639  C CD  . ARG A 1 85  ? 1.958   -4.779  -14.545 1.00 20.72 ? 85  ARG A CD  1 
ATOM   640  N NE  . ARG A 1 85  ? 1.560   -4.428  -15.905 1.00 27.10 ? 85  ARG A NE  1 
ATOM   641  C CZ  . ARG A 1 85  ? 1.361   -5.318  -16.871 1.00 29.21 ? 85  ARG A CZ  1 
ATOM   642  N NH1 . ARG A 1 85  ? 1.519   -6.610  -16.621 1.00 30.68 ? 85  ARG A NH1 1 
ATOM   643  N NH2 . ARG A 1 85  ? 1.008   -4.921  -18.085 1.00 32.74 ? 85  ARG A NH2 1 
ATOM   644  N N   . CYS A 1 86  ? -0.361  -3.527  -10.635 1.00 10.82 ? 86  CYS A N   1 
ATOM   645  C CA  . CYS A 1 86  ? -0.143  -3.951  -9.251  1.00 11.27 ? 86  CYS A CA  1 
ATOM   646  C C   . CYS A 1 86  ? 1.295   -4.275  -8.888  1.00 10.98 ? 86  CYS A C   1 
ATOM   647  O O   . CYS A 1 86  ? 1.745   -3.954  -7.788  1.00 11.10 ? 86  CYS A O   1 
ATOM   648  C CB  . CYS A 1 86  ? -1.015  -5.148  -8.892  1.00 9.76  ? 86  CYS A CB  1 
ATOM   649  S SG  . CYS A 1 86  ? -1.383  -5.226  -7.107  1.00 11.86 ? 86  CYS A SG  1 
ATOM   650  N N   . GLU A 1 87  ? 2.021   -4.918  -9.795  1.00 12.27 ? 87  GLU A N   1 
ATOM   651  C CA  . GLU A 1 87  ? 3.406   -5.259  -9.506  1.00 12.67 ? 87  GLU A CA  1 
ATOM   652  C C   . GLU A 1 87  ? 4.176   -4.014  -9.069  1.00 11.59 ? 87  GLU A C   1 
ATOM   653  O O   . GLU A 1 87  ? 4.945   -4.054  -8.109  1.00 11.87 ? 87  GLU A O   1 
ATOM   654  C CB  . GLU A 1 87  ? 4.071   -5.889  -10.730 1.00 12.84 ? 87  GLU A CB  1 
ATOM   655  C CG  . GLU A 1 87  ? 5.526   -6.248  -10.501 1.00 15.91 ? 87  GLU A CG  1 
ATOM   656  C CD  . GLU A 1 87  ? 6.083   -7.161  -11.571 1.00 23.00 ? 87  GLU A CD  1 
ATOM   657  O OE1 . GLU A 1 87  ? 7.279   -7.499  -11.489 1.00 23.51 ? 87  GLU A OE1 1 
ATOM   658  O OE2 . GLU A 1 87  ? 5.329   -7.545  -12.488 1.00 20.93 ? 87  GLU A OE2 1 
ATOM   659  N N   . GLY A 1 88  ? 3.949   -2.908  -9.772  1.00 10.35 ? 88  GLY A N   1 
ATOM   660  C CA  . GLY A 1 88  ? 4.621   -1.667  -9.434  1.00 10.61 ? 88  GLY A CA  1 
ATOM   661  C C   . GLY A 1 88  ? 4.054   -1.000  -8.192  1.00 9.45  ? 88  GLY A C   1 
ATOM   662  O O   . GLY A 1 88  ? 4.802   -0.564  -7.317  1.00 8.87  ? 88  GLY A O   1 
ATOM   663  N N   . PHE A 1 89  ? 2.730   -0.923  -8.112  1.00 9.51  ? 89  PHE A N   1 
ATOM   664  C CA  . PHE A 1 89  ? 2.062   -0.299  -6.971  1.00 10.06 ? 89  PHE A CA  1 
ATOM   665  C C   . PHE A 1 89  ? 2.376   -1.033  -5.669  1.00 9.14  ? 89  PHE A C   1 
ATOM   666  O O   . PHE A 1 89  ? 2.624   -0.407  -4.636  1.00 9.10  ? 89  PHE A O   1 
ATOM   667  C CB  . PHE A 1 89  ? 0.544   -0.276  -7.202  1.00 10.35 ? 89  PHE A CB  1 
ATOM   668  C CG  . PHE A 1 89  ? 0.123   0.503   -8.423  1.00 9.45  ? 89  PHE A CG  1 
ATOM   669  C CD1 . PHE A 1 89  ? -0.930  0.055   -9.214  1.00 9.45  ? 89  PHE A CD1 1 
ATOM   670  C CD2 . PHE A 1 89  ? 0.764   1.688   -8.774  1.00 10.15 ? 89  PHE A CD2 1 
ATOM   671  C CE1 . PHE A 1 89  ? -1.337  0.770   -10.340 1.00 9.19  ? 89  PHE A CE1 1 
ATOM   672  C CE2 . PHE A 1 89  ? 0.364   2.412   -9.897  1.00 10.97 ? 89  PHE A CE2 1 
ATOM   673  C CZ  . PHE A 1 89  ? -0.688  1.951   -10.681 1.00 12.52 ? 89  PHE A CZ  1 
ATOM   674  N N   . ALA A 1 90  ? 2.357   -2.362  -5.717  1.00 8.86  ? 90  ALA A N   1 
ATOM   675  C CA  . ALA A 1 90  ? 2.645   -3.168  -4.531  1.00 9.32  ? 90  ALA A CA  1 
ATOM   676  C C   . ALA A 1 90  ? 4.072   -2.914  -4.052  1.00 9.44  ? 90  ALA A C   1 
ATOM   677  O O   . ALA A 1 90  ? 4.325   -2.766  -2.855  1.00 7.28  ? 90  ALA A O   1 
ATOM   678  C CB  . ALA A 1 90  ? 2.454   -4.657  -4.850  1.00 8.95  ? 90  ALA A CB  1 
ATOM   679  N N   . ARG A 1 91  ? 5.007   -2.866  -4.991  1.00 9.88  ? 91  ARG A N   1 
ATOM   680  C CA  . ARG A 1 91  ? 6.397   -2.633  -4.633  1.00 10.18 ? 91  ARG A CA  1 
ATOM   681  C C   . ARG A 1 91  ? 6.596   -1.221  -4.100  1.00 10.26 ? 91  ARG A C   1 
ATOM   682  O O   . ARG A 1 91  ? 7.376   -1.009  -3.173  1.00 11.19 ? 91  ARG A O   1 
ATOM   683  C CB  . ARG A 1 91  ? 7.299   -2.917  -5.837  1.00 9.66  ? 91  ARG A CB  1 
ATOM   684  C CG  . ARG A 1 91  ? 7.281   -4.392  -6.223  1.00 10.19 ? 91  ARG A CG  1 
ATOM   685  C CD  . ARG A 1 91  ? 8.234   -4.705  -7.358  1.00 10.98 ? 91  ARG A CD  1 
ATOM   686  N NE  . ARG A 1 91  ? 9.618   -4.464  -6.971  1.00 14.84 ? 91  ARG A NE  1 
ATOM   687  C CZ  . ARG A 1 91  ? 10.665  -4.641  -7.770  1.00 14.93 ? 91  ARG A CZ  1 
ATOM   688  N NH1 . ARG A 1 91  ? 10.492  -5.063  -9.015  1.00 15.70 ? 91  ARG A NH1 1 
ATOM   689  N NH2 . ARG A 1 91  ? 11.887  -4.399  -7.320  1.00 15.22 ? 91  ARG A NH2 1 
ATOM   690  N N   . GLU A 1 92  ? 5.879   -0.254  -4.666  1.00 10.13 ? 92  GLU A N   1 
ATOM   691  C CA  . GLU A 1 92  ? 5.981   1.119   -4.187  1.00 11.07 ? 92  GLU A CA  1 
ATOM   692  C C   . GLU A 1 92  ? 5.466   1.163   -2.757  1.00 10.05 ? 92  GLU A C   1 
ATOM   693  O O   . GLU A 1 92  ? 6.060   1.791   -1.886  1.00 10.69 ? 92  GLU A O   1 
ATOM   694  C CB  . GLU A 1 92  ? 5.130   2.055   -5.047  1.00 12.22 ? 92  GLU A CB  1 
ATOM   695  C CG  . GLU A 1 92  ? 5.754   2.403   -6.378  1.00 13.74 ? 92  GLU A CG  1 
ATOM   696  C CD  . GLU A 1 92  ? 6.903   3.380   -6.233  1.00 14.90 ? 92  GLU A CD  1 
ATOM   697  O OE1 . GLU A 1 92  ? 6.645   4.590   -6.059  1.00 15.24 ? 92  GLU A OE1 1 
ATOM   698  O OE2 . GLU A 1 92  ? 8.066   2.934   -6.283  1.00 11.94 ? 92  GLU A OE2 1 
ATOM   699  N N   . HIS A 1 93  ? 4.350   0.480   -2.527  1.00 9.26  ? 93  HIS A N   1 
ATOM   700  C CA  . HIS A 1 93  ? 3.739   0.453   -1.209  1.00 9.20  ? 93  HIS A CA  1 
ATOM   701  C C   . HIS A 1 93  ? 4.699   -0.077  -0.154  1.00 10.45 ? 93  HIS A C   1 
ATOM   702  O O   . HIS A 1 93  ? 4.830   0.500   0.920   1.00 9.28  ? 93  HIS A O   1 
ATOM   703  C CB  . HIS A 1 93  ? 2.474   -0.410  -1.223  1.00 9.78  ? 93  HIS A CB  1 
ATOM   704  C CG  . HIS A 1 93  ? 1.652   -0.286  0.019   1.00 7.86  ? 93  HIS A CG  1 
ATOM   705  N ND1 . HIS A 1 93  ? 0.943   0.855   0.331   1.00 9.24  ? 93  HIS A ND1 1 
ATOM   706  C CD2 . HIS A 1 93  ? 1.447   -1.148  1.042   1.00 9.05  ? 93  HIS A CD2 1 
ATOM   707  C CE1 . HIS A 1 93  ? 0.340   0.691   1.495   1.00 8.08  ? 93  HIS A CE1 1 
ATOM   708  N NE2 . HIS A 1 93  ? 0.630   -0.517  1.947   1.00 8.04  ? 93  HIS A NE2 1 
ATOM   709  N N   . ASN A 1 94  ? 5.386   -1.166  -0.473  1.00 10.38 ? 94  ASN A N   1 
ATOM   710  C CA  . ASN A 1 94  ? 6.308   -1.780  0.471   1.00 11.35 ? 94  ASN A CA  1 
ATOM   711  C C   . ASN A 1 94  ? 7.650   -1.076  0.603   1.00 11.27 ? 94  ASN A C   1 
ATOM   712  O O   . ASN A 1 94  ? 8.258   -1.104  1.672   1.00 11.40 ? 94  ASN A O   1 
ATOM   713  C CB  . ASN A 1 94  ? 6.549   -3.242  0.084   1.00 10.76 ? 94  ASN A CB  1 
ATOM   714  C CG  . ASN A 1 94  ? 7.468   -3.961  1.057   1.00 13.18 ? 94  ASN A CG  1 
ATOM   715  O OD1 . ASN A 1 94  ? 7.160   -4.087  2.243   1.00 18.21 ? 94  ASN A OD1 1 
ATOM   716  N ND2 . ASN A 1 94  ? 8.601   -4.440  0.558   1.00 8.32  ? 94  ASN A ND2 1 
ATOM   717  N N   . GLY A 1 95  ? 8.103   -0.438  -0.472  1.00 10.69 ? 95  GLY A N   1 
ATOM   718  C CA  . GLY A 1 95  ? 9.400   0.219   -0.443  1.00 11.75 ? 95  GLY A CA  1 
ATOM   719  C C   . GLY A 1 95  ? 9.510   1.730   -0.505  1.00 12.54 ? 95  GLY A C   1 
ATOM   720  O O   . GLY A 1 95  ? 10.618  2.255   -0.439  1.00 13.45 ? 95  GLY A O   1 
ATOM   721  N N   . GLY A 1 96  ? 8.396   2.442   -0.643  1.00 12.07 ? 96  GLY A N   1 
ATOM   722  C CA  . GLY A 1 96  ? 8.471   3.893   -0.687  1.00 12.74 ? 96  GLY A CA  1 
ATOM   723  C C   . GLY A 1 96  ? 8.434   4.527   -2.067  1.00 12.79 ? 96  GLY A C   1 
ATOM   724  O O   . GLY A 1 96  ? 8.129   3.859   -3.048  1.00 12.02 ? 96  GLY A O   1 
ATOM   725  N N   . PRO A 1 97  ? 8.751   5.829   -2.169  1.00 13.85 ? 97  PRO A N   1 
ATOM   726  C CA  . PRO A 1 97  ? 8.759   6.594   -3.421  1.00 14.10 ? 97  PRO A CA  1 
ATOM   727  C C   . PRO A 1 97  ? 9.385   5.874   -4.617  1.00 14.59 ? 97  PRO A C   1 
ATOM   728  O O   . PRO A 1 97  ? 8.891   5.983   -5.740  1.00 16.09 ? 97  PRO A O   1 
ATOM   729  C CB  . PRO A 1 97  ? 9.518   7.860   -3.033  1.00 14.09 ? 97  PRO A CB  1 
ATOM   730  C CG  . PRO A 1 97  ? 9.089   8.066   -1.628  1.00 14.15 ? 97  PRO A CG  1 
ATOM   731  C CD  . PRO A 1 97  ? 9.211   6.669   -1.050  1.00 13.48 ? 97  PRO A CD  1 
ATOM   732  N N   . ARG A 1 98  ? 10.478  5.155   -4.382  1.00 15.85 ? 98  ARG A N   1 
ATOM   733  C CA  . ARG A 1 98  ? 11.147  4.417   -5.449  1.00 17.53 ? 98  ARG A CA  1 
ATOM   734  C C   . ARG A 1 98  ? 11.171  2.925   -5.122  1.00 17.22 ? 98  ARG A C   1 
ATOM   735  O O   . ARG A 1 98  ? 12.026  2.186   -5.613  1.00 18.01 ? 98  ARG A O   1 
ATOM   736  C CB  . ARG A 1 98  ? 12.585  4.919   -5.642  1.00 18.75 ? 98  ARG A CB  1 
ATOM   737  C CG  . ARG A 1 98  ? 12.702  6.371   -6.095  1.00 23.84 ? 98  ARG A CG  1 
ATOM   738  C CD  . ARG A 1 98  ? 14.128  6.674   -6.542  1.00 29.50 ? 98  ARG A CD  1 
ATOM   739  N NE  . ARG A 1 98  ? 14.307  8.059   -6.967  1.00 34.69 ? 98  ARG A NE  1 
ATOM   740  C CZ  . ARG A 1 98  ? 14.314  9.102   -6.143  1.00 37.73 ? 98  ARG A CZ  1 
ATOM   741  N NH1 . ARG A 1 98  ? 14.154  8.921   -4.839  1.00 38.96 ? 98  ARG A NH1 1 
ATOM   742  N NH2 . ARG A 1 98  ? 14.476  10.327  -6.623  1.00 38.13 ? 98  ARG A NH2 1 
ATOM   743  N N   . GLY A 1 99  ? 10.222  2.491   -4.297  1.00 15.20 ? 99  GLY A N   1 
ATOM   744  C CA  . GLY A 1 99  ? 10.153  1.094   -3.907  1.00 14.62 ? 99  GLY A CA  1 
ATOM   745  C C   . GLY A 1 99  ? 10.090  0.085   -5.042  1.00 15.04 ? 99  GLY A C   1 
ATOM   746  O O   . GLY A 1 99  ? 10.567  -1.035  -4.897  1.00 14.17 ? 99  GLY A O   1 
ATOM   747  N N   . CYS A 1 100 ? 9.507   0.468   -6.174  1.00 14.16 ? 100 CYS A N   1 
ATOM   748  C CA  . CYS A 1 100 ? 9.395   -0.449  -7.303  1.00 16.65 ? 100 CYS A CA  1 
ATOM   749  C C   . CYS A 1 100 ? 10.741  -0.673  -7.991  1.00 18.18 ? 100 CYS A C   1 
ATOM   750  O O   . CYS A 1 100 ? 10.850  -1.484  -8.913  1.00 18.45 ? 100 CYS A O   1 
ATOM   751  C CB  . CYS A 1 100 ? 8.389   0.077   -8.323  1.00 16.29 ? 100 CYS A CB  1 
ATOM   752  S SG  . CYS A 1 100 ? 8.960   1.526   -9.260  1.00 17.58 ? 100 CYS A SG  1 
ATOM   753  N N   . LYS A 1 101 ? 11.763  0.049   -7.545  1.00 19.04 ? 101 LYS A N   1 
ATOM   754  C CA  . LYS A 1 101 ? 13.096  -0.086  -8.122  1.00 21.74 ? 101 LYS A CA  1 
ATOM   755  C C   . LYS A 1 101 ? 14.059  -0.703  -7.116  1.00 21.77 ? 101 LYS A C   1 
ATOM   756  O O   . LYS A 1 101 ? 15.253  -0.850  -7.391  1.00 24.24 ? 101 LYS A O   1 
ATOM   757  C CB  . LYS A 1 101 ? 13.621  1.280   -8.574  1.00 20.81 ? 101 LYS A CB  1 
ATOM   758  C CG  . LYS A 1 101 ? 12.795  1.929   -9.676  1.00 24.41 ? 101 LYS A CG  1 
ATOM   759  C CD  . LYS A 1 101 ? 12.751  1.065   -10.930 1.00 24.85 ? 101 LYS A CD  1 
ATOM   760  C CE  . LYS A 1 101 ? 11.895  1.708   -12.010 1.00 26.92 ? 101 LYS A CE  1 
ATOM   761  N NZ  . LYS A 1 101 ? 11.704  0.805   -13.177 1.00 30.09 ? 101 LYS A NZ  1 
ATOM   762  N N   . LYS A 1 102 ? 13.533  -1.062  -5.948  1.00 21.54 ? 102 LYS A N   1 
ATOM   763  C CA  . LYS A 1 102 ? 14.337  -1.668  -4.894  1.00 20.52 ? 102 LYS A CA  1 
ATOM   764  C C   . LYS A 1 102 ? 14.248  -3.185  -4.940  1.00 20.20 ? 102 LYS A C   1 
ATOM   765  O O   . LYS A 1 102 ? 13.154  -3.750  -4.896  1.00 20.27 ? 102 LYS A O   1 
ATOM   766  C CB  . LYS A 1 102 ? 13.872  -1.187  -3.516  1.00 20.61 ? 102 LYS A CB  1 
ATOM   767  C CG  . LYS A 1 102 ? 14.068  0.297   -3.256  1.00 22.50 ? 102 LYS A CG  1 
ATOM   768  C CD  . LYS A 1 102 ? 13.690  0.643   -1.826  1.00 26.52 ? 102 LYS A CD  1 
ATOM   769  C CE  . LYS A 1 102 ? 13.884  2.120   -1.538  1.00 28.69 ? 102 LYS A CE  1 
ATOM   770  N NZ  . LYS A 1 102 ? 13.514  2.450   -0.135  1.00 28.55 ? 102 LYS A NZ  1 
ATOM   771  N N   . GLY A 1 103 ? 15.399  -3.845  -5.025  1.00 19.65 ? 103 GLY A N   1 
ATOM   772  C CA  . GLY A 1 103 ? 15.410  -5.298  -5.061  1.00 18.73 ? 103 GLY A CA  1 
ATOM   773  C C   . GLY A 1 103 ? 14.733  -5.843  -3.822  1.00 18.14 ? 103 GLY A C   1 
ATOM   774  O O   . GLY A 1 103 ? 14.196  -6.948  -3.817  1.00 17.17 ? 103 GLY A O   1 
ATOM   775  N N   . SER A 1 104 ? 14.760  -5.046  -2.761  1.00 18.37 ? 104 SER A N   1 
ATOM   776  C CA  . SER A 1 104 ? 14.155  -5.414  -1.493  1.00 20.40 ? 104 SER A CA  1 
ATOM   777  C C   . SER A 1 104 ? 12.689  -5.829  -1.615  1.00 19.41 ? 104 SER A C   1 
ATOM   778  O O   . SER A 1 104 ? 12.247  -6.780  -0.971  1.00 21.09 ? 104 SER A O   1 
ATOM   779  C CB  . SER A 1 104 ? 14.252  -4.237  -0.524  1.00 21.35 ? 104 SER A CB  1 
ATOM   780  O OG  . SER A 1 104 ? 13.424  -4.448  0.604   1.00 25.86 ? 104 SER A OG  1 
ATOM   781  N N   . THR A 1 105 ? 11.944  -5.113  -2.449  1.00 17.10 ? 105 THR A N   1 
ATOM   782  C CA  . THR A 1 105 ? 10.519  -5.373  -2.630  1.00 14.08 ? 105 THR A CA  1 
ATOM   783  C C   . THR A 1 105 ? 10.145  -6.517  -3.570  1.00 12.99 ? 105 THR A C   1 
ATOM   784  O O   . THR A 1 105 ? 8.961   -6.785  -3.782  1.00 13.19 ? 105 THR A O   1 
ATOM   785  C CB  . THR A 1 105 ? 9.801   -4.105  -3.106  1.00 14.50 ? 105 THR A CB  1 
ATOM   786  O OG1 . THR A 1 105 ? 10.346  -3.694  -4.363  1.00 9.75  ? 105 THR A OG1 1 
ATOM   787  C CG2 . THR A 1 105 ? 9.978   -2.982  -2.090  1.00 14.72 ? 105 THR A CG2 1 
ATOM   788  N N   . ILE A 1 106 ? 11.139  -7.189  -4.142  1.00 12.93 ? 106 ILE A N   1 
ATOM   789  C CA  . ILE A 1 106 ? 10.862  -8.314  -5.029  1.00 11.78 ? 106 ILE A CA  1 
ATOM   790  C C   . ILE A 1 106 ? 10.195  -9.423  -4.215  1.00 11.26 ? 106 ILE A C   1 
ATOM   791  O O   . ILE A 1 106 ? 9.271   -10.087 -4.686  1.00 11.69 ? 106 ILE A O   1 
ATOM   792  C CB  . ILE A 1 106 ? 12.165  -8.863  -5.659  1.00 12.10 ? 106 ILE A CB  1 
ATOM   793  C CG1 . ILE A 1 106 ? 12.735  -7.841  -6.645  1.00 12.44 ? 106 ILE A CG1 1 
ATOM   794  C CG2 . ILE A 1 106 ? 11.893  -10.206 -6.340  1.00 10.16 ? 106 ILE A CG2 1 
ATOM   795  C CD1 . ILE A 1 106 ? 14.132  -8.195  -7.147  1.00 12.54 ? 106 ILE A CD1 1 
ATOM   796  N N   . GLY A 1 107 ? 10.661  -9.611  -2.984  1.00 10.26 ? 107 GLY A N   1 
ATOM   797  C CA  . GLY A 1 107 ? 10.097  -10.644 -2.133  1.00 11.23 ? 107 GLY A CA  1 
ATOM   798  C C   . GLY A 1 107 ? 8.652   -10.363 -1.770  1.00 11.63 ? 107 GLY A C   1 
ATOM   799  O O   . GLY A 1 107 ? 7.819   -11.270 -1.740  1.00 12.53 ? 107 GLY A O   1 
ATOM   800  N N   . TYR A 1 108 ? 8.360   -9.097  -1.485  1.00 11.08 ? 108 TYR A N   1 
ATOM   801  C CA  . TYR A 1 108 ? 7.013   -8.676  -1.129  1.00 10.97 ? 108 TYR A CA  1 
ATOM   802  C C   . TYR A 1 108 ? 6.034   -9.048  -2.240  1.00 10.90 ? 108 TYR A C   1 
ATOM   803  O O   . TYR A 1 108 ? 4.976   -9.620  -1.977  1.00 10.97 ? 108 TYR A O   1 
ATOM   804  C CB  . TYR A 1 108 ? 7.000   -7.164  -0.888  1.00 11.45 ? 108 TYR A CB  1 
ATOM   805  C CG  . TYR A 1 108 ? 5.646   -6.602  -0.529  1.00 9.79  ? 108 TYR A CG  1 
ATOM   806  C CD1 . TYR A 1 108 ? 4.757   -6.187  -1.517  1.00 10.62 ? 108 TYR A CD1 1 
ATOM   807  C CD2 . TYR A 1 108 ? 5.256   -6.483  0.805   1.00 10.25 ? 108 TYR A CD2 1 
ATOM   808  C CE1 . TYR A 1 108 ? 3.509   -5.665  -1.185  1.00 10.24 ? 108 TYR A CE1 1 
ATOM   809  C CE2 . TYR A 1 108 ? 4.012   -5.965  1.146   1.00 10.41 ? 108 TYR A CE2 1 
ATOM   810  C CZ  . TYR A 1 108 ? 3.146   -5.555  0.149   1.00 11.50 ? 108 TYR A CZ  1 
ATOM   811  O OH  . TYR A 1 108 ? 1.921   -5.025  0.485   1.00 11.16 ? 108 TYR A OH  1 
ATOM   812  N N   . TRP A 1 109 ? 6.394   -8.724  -3.480  1.00 11.12 ? 109 TRP A N   1 
ATOM   813  C CA  . TRP A 1 109 ? 5.552   -9.033  -4.634  1.00 11.55 ? 109 TRP A CA  1 
ATOM   814  C C   . TRP A 1 109 ? 5.327   -10.540 -4.764  1.00 12.57 ? 109 TRP A C   1 
ATOM   815  O O   . TRP A 1 109 ? 4.201   -10.988 -4.976  1.00 11.36 ? 109 TRP A O   1 
ATOM   816  C CB  . TRP A 1 109 ? 6.193   -8.480  -5.915  1.00 12.20 ? 109 TRP A CB  1 
ATOM   817  C CG  . TRP A 1 109 ? 5.430   -8.771  -7.185  1.00 12.43 ? 109 TRP A CG  1 
ATOM   818  C CD1 . TRP A 1 109 ? 5.931   -9.325  -8.328  1.00 13.81 ? 109 TRP A CD1 1 
ATOM   819  C CD2 . TRP A 1 109 ? 4.040   -8.513  -7.442  1.00 11.41 ? 109 TRP A CD2 1 
ATOM   820  N NE1 . TRP A 1 109 ? 4.944   -9.432  -9.280  1.00 15.30 ? 109 TRP A NE1 1 
ATOM   821  C CE2 . TRP A 1 109 ? 3.773   -8.941  -8.762  1.00 13.91 ? 109 TRP A CE2 1 
ATOM   822  C CE3 . TRP A 1 109 ? 2.995   -7.963  -6.684  1.00 11.75 ? 109 TRP A CE3 1 
ATOM   823  C CZ2 . TRP A 1 109 ? 2.505   -8.838  -9.345  1.00 14.01 ? 109 TRP A CZ2 1 
ATOM   824  C CZ3 . TRP A 1 109 ? 1.730   -7.862  -7.265  1.00 11.95 ? 109 TRP A CZ3 1 
ATOM   825  C CH2 . TRP A 1 109 ? 1.498   -8.298  -8.582  1.00 14.62 ? 109 TRP A CH2 1 
ATOM   826  N N   . ASN A 1 110 ? 6.389   -11.329 -4.632  1.00 11.83 ? 110 ASN A N   1 
ATOM   827  C CA  . ASN A 1 110 ? 6.241   -12.776 -4.743  1.00 12.94 ? 110 ASN A CA  1 
ATOM   828  C C   . ASN A 1 110 ? 5.362   -13.368 -3.643  1.00 12.02 ? 110 ASN A C   1 
ATOM   829  O O   . ASN A 1 110 ? 4.570   -14.275 -3.903  1.00 13.16 ? 110 ASN A O   1 
ATOM   830  C CB  . ASN A 1 110 ? 7.611   -13.463 -4.753  1.00 12.75 ? 110 ASN A CB  1 
ATOM   831  C CG  . ASN A 1 110 ? 8.311   -13.339 -6.089  1.00 16.19 ? 110 ASN A CG  1 
ATOM   832  O OD1 . ASN A 1 110 ? 7.662   -13.295 -7.137  1.00 18.44 ? 110 ASN A OD1 1 
ATOM   833  N ND2 . ASN A 1 110 ? 9.639   -13.300 -6.067  1.00 14.09 ? 110 ASN A ND2 1 
ATOM   834  N N   . ARG A 1 111 ? 5.495   -12.856 -2.422  1.00 13.23 ? 111 ARG A N   1 
ATOM   835  C CA  . ARG A 1 111 ? 4.691   -13.342 -1.301  1.00 13.45 ? 111 ARG A CA  1 
ATOM   836  C C   . ARG A 1 111 ? 3.227   -12.944 -1.482  1.00 12.65 ? 111 ARG A C   1 
ATOM   837  O O   . ARG A 1 111 ? 2.320   -13.738 -1.231  1.00 12.73 ? 111 ARG A O   1 
ATOM   838  C CB  . ARG A 1 111 ? 5.211   -12.769 0.020   1.00 15.18 ? 111 ARG A CB  1 
ATOM   839  C CG  . ARG A 1 111 ? 4.376   -13.154 1.241   1.00 17.89 ? 111 ARG A CG  1 
ATOM   840  C CD  . ARG A 1 111 ? 4.895   -14.395 1.947   1.00 29.04 ? 111 ARG A CD  1 
ATOM   841  N NE  . ARG A 1 111 ? 4.114   -14.686 3.149   1.00 31.23 ? 111 ARG A NE  1 
ATOM   842  C CZ  . ARG A 1 111 ? 4.435   -15.608 4.053   1.00 35.75 ? 111 ARG A CZ  1 
ATOM   843  N NH1 . ARG A 1 111 ? 5.531   -16.339 3.902   1.00 35.26 ? 111 ARG A NH1 1 
ATOM   844  N NH2 . ARG A 1 111 ? 3.654   -15.802 5.108   1.00 36.33 ? 111 ARG A NH2 1 
ATOM   845  N N   . LEU A 1 112 ? 2.997   -11.708 -1.911  1.00 11.63 ? 112 LEU A N   1 
ATOM   846  C CA  . LEU A 1 112 ? 1.636   -11.228 -2.130  0.50 9.61  ? 112 LEU A CA  1 
ATOM   847  C C   . LEU A 1 112 ? 0.911   -12.097 -3.159  1.00 11.85 ? 112 LEU A C   1 
ATOM   848  O O   . LEU A 1 112 ? -0.272  -12.411 -2.997  1.00 11.23 ? 112 LEU A O   1 
ATOM   849  C CB  . LEU A 1 112 ? 1.664   -9.766  -2.597  0.50 7.94  ? 112 LEU A CB  1 
ATOM   850  C CG  . LEU A 1 112 ? 0.344   -9.089  -2.990  0.50 5.14  ? 112 LEU A CG  1 
ATOM   851  C CD1 . LEU A 1 112 ? 0.483   -7.580  -2.848  0.50 3.78  ? 112 LEU A CD1 1 
ATOM   852  C CD2 . LEU A 1 112 ? -0.033  -9.460  -4.415  0.50 3.39  ? 112 LEU A CD2 1 
ATOM   853  N N   . GLN A 1 113 ? 1.622   -12.500 -4.209  1.00 12.99 ? 113 GLN A N   1 
ATOM   854  C CA  . GLN A 1 113 ? 1.023   -13.324 -5.256  1.00 14.52 ? 113 GLN A CA  1 
ATOM   855  C C   . GLN A 1 113 ? 0.633   -14.726 -4.795  1.00 15.49 ? 113 GLN A C   1 
ATOM   856  O O   . GLN A 1 113 ? -0.114  -15.420 -5.483  1.00 16.01 ? 113 GLN A O   1 
ATOM   857  C CB  . GLN A 1 113 ? 1.960   -13.430 -6.462  1.00 14.08 ? 113 GLN A CB  1 
ATOM   858  C CG  . GLN A 1 113 ? 2.212   -12.109 -7.167  1.00 15.59 ? 113 GLN A CG  1 
ATOM   859  C CD  . GLN A 1 113 ? 2.988   -12.289 -8.451  1.00 16.89 ? 113 GLN A CD  1 
ATOM   860  O OE1 . GLN A 1 113 ? 2.421   -12.611 -9.494  1.00 17.94 ? 113 GLN A OE1 1 
ATOM   861  N NE2 . GLN A 1 113 ? 4.297   -12.101 -8.377  1.00 18.65 ? 113 GLN A NE2 1 
ATOM   862  N N   . LYS A 1 114 ? 1.130   -15.146 -3.638  1.00 16.13 ? 114 LYS A N   1 
ATOM   863  C CA  . LYS A 1 114 ? 0.791   -16.467 -3.118  1.00 18.87 ? 114 LYS A CA  1 
ATOM   864  C C   . LYS A 1 114 ? -0.605  -16.458 -2.503  1.00 19.57 ? 114 LYS A C   1 
ATOM   865  O O   . LYS A 1 114 ? -1.168  -17.509 -2.195  1.00 20.49 ? 114 LYS A O   1 
ATOM   866  C CB  . LYS A 1 114 ? 1.821   -16.909 -2.077  1.00 19.49 ? 114 LYS A CB  1 
ATOM   867  C CG  . LYS A 1 114 ? 3.185   -17.239 -2.666  1.00 22.54 ? 114 LYS A CG  1 
ATOM   868  C CD  . LYS A 1 114 ? 4.183   -17.617 -1.580  1.00 25.44 ? 114 LYS A CD  1 
ATOM   869  C CE  . LYS A 1 114 ? 5.521   -18.042 -2.169  1.00 29.13 ? 114 LYS A CE  1 
ATOM   870  N NZ  . LYS A 1 114 ? 5.393   -19.264 -3.009  1.00 33.24 ? 114 LYS A NZ  1 
ATOM   871  N N   . ILE A 1 115 ? -1.156  -15.261 -2.329  1.00 18.49 ? 115 ILE A N   1 
ATOM   872  C CA  . ILE A 1 115 ? -2.490  -15.097 -1.757  1.00 19.04 ? 115 ILE A CA  1 
ATOM   873  C C   . ILE A 1 115 ? -3.551  -15.474 -2.793  1.00 19.69 ? 115 ILE A C   1 
ATOM   874  O O   . ILE A 1 115 ? -3.463  -15.080 -3.955  1.00 18.55 ? 115 ILE A O   1 
ATOM   875  C CB  . ILE A 1 115 ? -2.708  -13.636 -1.293  1.00 18.60 ? 115 ILE A CB  1 
ATOM   876  C CG1 . ILE A 1 115 ? -1.710  -13.300 -0.180  1.00 18.35 ? 115 ILE A CG1 1 
ATOM   877  C CG2 . ILE A 1 115 ? -4.141  -13.442 -0.808  1.00 20.59 ? 115 ILE A CG2 1 
ATOM   878  C CD1 . ILE A 1 115 ? -1.782  -11.861 0.312   1.00 18.99 ? 115 ILE A CD1 1 
ATOM   879  N N   . SER A 1 116 ? -4.551  -16.238 -2.365  1.00 20.68 ? 116 SER A N   1 
ATOM   880  C CA  . SER A 1 116 ? -5.621  -16.681 -3.255  1.00 21.83 ? 116 SER A CA  1 
ATOM   881  C C   . SER A 1 116 ? -6.198  -15.575 -4.130  1.00 21.62 ? 116 SER A C   1 
ATOM   882  O O   . SER A 1 116 ? -6.702  -14.574 -3.629  1.00 22.90 ? 116 SER A O   1 
ATOM   883  C CB  . SER A 1 116 ? -6.752  -17.317 -2.442  1.00 22.34 ? 116 SER A CB  1 
ATOM   884  O OG  . SER A 1 116 ? -6.295  -18.469 -1.758  1.00 26.13 ? 116 SER A OG  1 
ATOM   885  N N   . GLY A 1 117 ? -6.115  -15.771 -5.443  1.00 21.16 ? 117 GLY A N   1 
ATOM   886  C CA  . GLY A 1 117 ? -6.649  -14.803 -6.384  1.00 20.78 ? 117 GLY A CA  1 
ATOM   887  C C   . GLY A 1 117 ? -5.731  -13.637 -6.683  1.00 19.69 ? 117 GLY A C   1 
ATOM   888  O O   . GLY A 1 117 ? -6.108  -12.725 -7.423  1.00 20.67 ? 117 GLY A O   1 
ATOM   889  N N   . CYS A 1 118 ? -4.523  -13.665 -6.130  1.00 17.80 ? 118 CYS A N   1 
ATOM   890  C CA  . CYS A 1 118 ? -3.577  -12.580 -6.337  1.00 17.07 ? 118 CYS A CA  1 
ATOM   891  C C   . CYS A 1 118 ? -2.413  -12.870 -7.270  1.00 17.45 ? 118 CYS A C   1 
ATOM   892  O O   . CYS A 1 118 ? -1.612  -11.978 -7.543  1.00 17.17 ? 118 CYS A O   1 
ATOM   893  C CB  . CYS A 1 118 ? -3.030  -12.101 -4.992  1.00 16.44 ? 118 CYS A CB  1 
ATOM   894  S SG  . CYS A 1 118 ? -4.342  -11.402 -3.951  1.00 14.03 ? 118 CYS A SG  1 
ATOM   895  N N   . HIS A 1 119 ? -2.298  -14.093 -7.773  1.00 17.81 ? 119 HIS A N   1 
ATOM   896  C CA  . HIS A 1 119 ? -1.174  -14.356 -8.658  1.00 18.37 ? 119 HIS A CA  1 
ATOM   897  C C   . HIS A 1 119 ? -1.358  -13.617 -9.973  1.00 17.55 ? 119 HIS A C   1 
ATOM   898  O O   . HIS A 1 119 ? -2.412  -13.698 -10.607 1.00 17.18 ? 119 HIS A O   1 
ATOM   899  C CB  . HIS A 1 119 ? -0.993  -15.850 -8.922  1.00 19.82 ? 119 HIS A CB  1 
ATOM   900  C CG  . HIS A 1 119 ? 0.339   -16.186 -9.520  1.00 22.61 ? 119 HIS A CG  1 
ATOM   901  N ND1 . HIS A 1 119 ? 0.715   -15.766 -10.778 1.00 28.37 ? 119 HIS A ND1 1 
ATOM   902  C CD2 . HIS A 1 119 ? 1.407   -16.841 -9.007  1.00 28.02 ? 119 HIS A CD2 1 
ATOM   903  C CE1 . HIS A 1 119 ? 1.959   -16.145 -11.013 1.00 28.42 ? 119 HIS A CE1 1 
ATOM   904  N NE2 . HIS A 1 119 ? 2.403   -16.798 -9.955  1.00 29.88 ? 119 HIS A NE2 1 
ATOM   905  N N   . GLY A 1 120 ? -0.327  -12.877 -10.366 1.00 17.35 ? 120 GLY A N   1 
ATOM   906  C CA  . GLY A 1 120 ? -0.382  -12.124 -11.603 1.00 17.49 ? 120 GLY A CA  1 
ATOM   907  C C   . GLY A 1 120 ? -1.451  -11.047 -11.594 1.00 17.07 ? 120 GLY A C   1 
ATOM   908  O O   . GLY A 1 120 ? -1.862  -10.574 -12.653 1.00 17.25 ? 120 GLY A O   1 
ATOM   909  N N   . VAL A 1 121 ? -1.897  -10.650 -10.406 1.00 16.31 ? 121 VAL A N   1 
ATOM   910  C CA  . VAL A 1 121 ? -2.927  -9.618  -10.295 1.00 15.58 ? 121 VAL A CA  1 
ATOM   911  C C   . VAL A 1 121 ? -2.436  -8.317  -10.926 1.00 15.32 ? 121 VAL A C   1 
ATOM   912  O O   . VAL A 1 121 ? -1.264  -7.962  -10.793 1.00 15.46 ? 121 VAL A O   1 
ATOM   913  C CB  . VAL A 1 121 ? -3.308  -9.348  -8.814  1.00 14.83 ? 121 VAL A CB  1 
ATOM   914  C CG1 . VAL A 1 121 ? -2.107  -8.793  -8.050  1.00 13.78 ? 121 VAL A CG1 1 
ATOM   915  C CG2 . VAL A 1 121 ? -4.481  -8.374  -8.745  1.00 14.48 ? 121 VAL A CG2 1 
ATOM   916  N N   . GLN A 1 122 ? -3.338  -7.613  -11.610 1.00 15.17 ? 122 GLN A N   1 
ATOM   917  C CA  . GLN A 1 122 ? -3.004  -6.348  -12.267 1.00 15.46 ? 122 GLN A CA  1 
ATOM   918  C C   . GLN A 1 122 ? -3.723  -5.181  -11.591 1.00 15.28 ? 122 GLN A C   1 
ATOM   919  O O   . GLN A 1 122 ? -4.881  -5.378  -11.180 1.00 14.01 ? 122 GLN A O   1 
ATOM   920  C CB  . GLN A 1 122 ? -3.420  -6.397  -13.740 1.00 17.14 ? 122 GLN A CB  1 
ATOM   921  C CG  . GLN A 1 122 ? -2.841  -7.570  -14.521 1.00 20.68 ? 122 GLN A CG  1 
ATOM   922  C CD  . GLN A 1 122 ? -1.342  -7.465  -14.698 1.00 22.80 ? 122 GLN A CD  1 
ATOM   923  O OE1 . GLN A 1 122 ? -0.843  -6.501  -15.275 1.00 26.68 ? 122 GLN A OE1 1 
ATOM   924  N NE2 . GLN A 1 122 ? -0.616  -8.458  -14.205 1.00 25.00 ? 122 GLN A NE2 1 
ATOM   925  O OXT . GLN A 1 122 ? -3.132  -4.081  -11.499 1.00 15.74 ? 122 GLN A OXT 1 
HETATM 926  C C1  . NAG B 2 .   ? 7.218   1.015   4.035   1.00 8.25  ? 1   NAG B C1  1 
HETATM 927  C C2  . NAG B 2 .   ? 6.370   2.285   3.911   1.00 8.30  ? 1   NAG B C2  1 
HETATM 928  C C3  . NAG B 2 .   ? 7.122   3.297   3.029   1.00 7.14  ? 1   NAG B C3  1 
HETATM 929  C C4  . NAG B 2 .   ? 8.547   3.521   3.582   1.00 11.52 ? 1   NAG B C4  1 
HETATM 930  C C5  . NAG B 2 .   ? 9.249   2.170   3.751   1.00 10.57 ? 1   NAG B C5  1 
HETATM 931  C C6  . NAG B 2 .   ? 10.607  2.320   4.439   1.00 16.17 ? 1   NAG B C6  1 
HETATM 932  C C7  . NAG B 2 .   ? 3.949   2.328   3.987   1.00 6.40  ? 1   NAG B C7  1 
HETATM 933  C C8  . NAG B 2 .   ? 2.669   1.760   3.450   1.00 4.39  ? 1   NAG B C8  1 
HETATM 934  N N2  . NAG B 2 .   ? 5.062   1.962   3.344   1.00 5.34  ? 1   NAG B N2  1 
HETATM 935  O O1  . NAG B 2 .   ? 6.644   0.180   4.979   1.00 10.05 ? 1   NAG B O1  1 
HETATM 936  O O3  . NAG B 2 .   ? 6.424   4.537   3.019   1.00 11.71 ? 1   NAG B O3  1 
HETATM 937  O O4  . NAG B 2 .   ? 9.378   4.223   2.683   1.00 9.56  ? 1   NAG B O4  1 
HETATM 938  O O5  . NAG B 2 .   ? 8.463   1.389   4.598   1.00 12.14 ? 1   NAG B O5  1 
HETATM 939  O O6  . NAG B 2 .   ? 11.257  1.078   4.236   1.00 20.91 ? 1   NAG B O6  1 
HETATM 940  O O7  . NAG B 2 .   ? 3.934   3.025   5.017   1.00 7.00  ? 1   NAG B O7  1 
HETATM 941  C C1  . NAG B 2 .   ? 9.505   5.601   3.053   1.00 11.47 ? 2   NAG B C1  1 
HETATM 942  C C2  . NAG B 2 .   ? 10.815  6.155   2.486   1.00 14.31 ? 2   NAG B C2  1 
HETATM 943  C C3  . NAG B 2 .   ? 10.946  7.670   2.730   1.00 15.25 ? 2   NAG B C3  1 
HETATM 944  C C4  . NAG B 2 .   ? 9.650   8.432   2.383   1.00 13.44 ? 2   NAG B C4  1 
HETATM 945  C C5  . NAG B 2 .   ? 8.437   7.710   2.964   1.00 11.24 ? 2   NAG B C5  1 
HETATM 946  C C6  . NAG B 2 .   ? 7.087   8.356   2.587   1.00 11.14 ? 2   NAG B C6  1 
HETATM 947  C C7  . NAG B 2 .   ? 12.822  4.802   2.391   1.00 17.07 ? 2   NAG B C7  1 
HETATM 948  C C8  . NAG B 2 .   ? 13.976  4.231   3.164   1.00 19.31 ? 2   NAG B C8  1 
HETATM 949  N N2  . NAG B 2 .   ? 11.946  5.481   3.114   1.00 15.12 ? 2   NAG B N2  1 
HETATM 950  O O3  . NAG B 2 .   ? 12.043  8.183   1.984   1.00 16.34 ? 2   NAG B O3  1 
HETATM 951  O O4  . NAG B 2 .   ? 9.705   9.754   2.901   1.00 15.36 ? 2   NAG B O4  1 
HETATM 952  O O5  . NAG B 2 .   ? 8.421   6.355   2.531   1.00 9.21  ? 2   NAG B O5  1 
HETATM 953  O O6  . NAG B 2 .   ? 6.946   8.390   1.183   1.00 10.89 ? 2   NAG B O6  1 
HETATM 954  O O7  . NAG B 2 .   ? 12.725  4.623   1.169   1.00 15.79 ? 2   NAG B O7  1 
HETATM 955  C C1  . NAG B 2 .   ? 9.552   10.756  1.881   1.00 18.25 ? 3   NAG B C1  1 
HETATM 956  C C2  . NAG B 2 .   ? 9.373   12.136  2.529   1.00 17.30 ? 3   NAG B C2  1 
HETATM 957  C C3  . NAG B 2 .   ? 9.407   13.304  1.536   1.00 20.38 ? 3   NAG B C3  1 
HETATM 958  C C4  . NAG B 2 .   ? 10.587  13.149  0.591   1.00 21.64 ? 3   NAG B C4  1 
HETATM 959  C C5  . NAG B 2 .   ? 10.489  11.742  -0.016  1.00 22.87 ? 3   NAG B C5  1 
HETATM 960  C C6  . NAG B 2 .   ? 11.430  11.411  -1.176  1.00 26.13 ? 3   NAG B C6  1 
HETATM 961  C C7  . NAG B 2 .   ? 8.091   12.328  4.623   1.00 16.67 ? 3   NAG B C7  1 
HETATM 962  C C8  . NAG B 2 .   ? 6.726   12.560  5.214   1.00 16.22 ? 3   NAG B C8  1 
HETATM 963  N N2  . NAG B 2 .   ? 8.150   12.232  3.299   1.00 15.89 ? 3   NAG B N2  1 
HETATM 964  O O3  . NAG B 2 .   ? 9.461   14.517  2.281   1.00 17.97 ? 3   NAG B O3  1 
HETATM 965  O O4  . NAG B 2 .   ? 10.480  14.141  -0.398  1.00 23.66 ? 3   NAG B O4  1 
HETATM 966  O O5  . NAG B 2 .   ? 10.646  10.764  1.005   1.00 20.98 ? 3   NAG B O5  1 
HETATM 967  O O6  . NAG B 2 .   ? 12.727  11.295  -0.662  1.00 31.08 ? 3   NAG B O6  1 
HETATM 968  O O7  . NAG B 2 .   ? 9.071   12.228  5.379   1.00 19.11 ? 3   NAG B O7  1 
HETATM 969  O O   . HOH C 3 .   ? -14.492 -8.731  -11.852 1.00 59.31 ? 126 HOH A O   1 
HETATM 970  O O   . HOH C 3 .   ? -14.149 -10.407 -6.551  1.00 47.77 ? 127 HOH A O   1 
HETATM 971  O O   . HOH C 3 .   ? -11.779 -10.204 -7.530  1.00 50.75 ? 128 HOH A O   1 
HETATM 972  O O   . HOH C 3 .   ? -13.037 -5.791  -9.087  1.00 33.78 ? 129 HOH A O   1 
HETATM 973  O O   . HOH C 3 .   ? -12.549 -8.244  -9.060  1.00 42.35 ? 130 HOH A O   1 
HETATM 974  O O   . HOH C 3 .   ? -14.152 -3.476  -4.820  1.00 31.56 ? 131 HOH A O   1 
HETATM 975  O O   . HOH C 3 .   ? -7.360  -9.823  -7.842  1.00 45.01 ? 132 HOH A O   1 
HETATM 976  O O   . HOH C 3 .   ? -7.719  -11.312 -3.832  1.00 30.36 ? 133 HOH A O   1 
HETATM 977  O O   . HOH C 3 .   ? -10.188 -12.793 -4.958  1.00 31.77 ? 134 HOH A O   1 
HETATM 978  O O   . HOH C 3 .   ? -11.655 -11.951 -1.217  1.00 68.28 ? 135 HOH A O   1 
HETATM 979  O O   . HOH C 3 .   ? -10.155 -15.292 -4.862  1.00 72.83 ? 136 HOH A O   1 
HETATM 980  O O   . HOH C 3 .   ? -11.119 -8.997  2.290   1.00 29.09 ? 137 HOH A O   1 
HETATM 981  O O   . HOH C 3 .   ? -6.084  -12.621 4.157   1.00 33.86 ? 138 HOH A O   1 
HETATM 982  O O   . HOH C 3 .   ? 4.300   -9.033  6.998   1.00 60.26 ? 139 HOH A O   1 
HETATM 983  O O   . HOH C 3 .   ? -9.809  -11.401 12.527  1.00 48.01 ? 140 HOH A O   1 
HETATM 984  O O   . HOH C 3 .   ? -4.269  -2.320  19.041  1.00 32.29 ? 141 HOH A O   1 
HETATM 985  O O   . HOH C 3 .   ? -7.420  -1.923  16.150  1.00 35.69 ? 142 HOH A O   1 
HETATM 986  O O   . HOH C 3 .   ? 7.153   -6.004  13.732  1.00 40.84 ? 143 HOH A O   1 
HETATM 987  O O   . HOH C 3 .   ? 5.394   -7.025  15.257  1.00 64.43 ? 144 HOH A O   1 
HETATM 988  O O   . HOH C 3 .   ? 10.456  -5.272  10.604  1.00 66.16 ? 145 HOH A O   1 
HETATM 989  O O   . HOH C 3 .   ? 11.014  -3.483  15.785  1.00 38.81 ? 146 HOH A O   1 
HETATM 990  O O   . HOH C 3 .   ? 10.551  7.092   12.159  1.00 57.96 ? 147 HOH A O   1 
HETATM 991  O O   . HOH C 3 .   ? 9.672   -5.345  4.450   1.00 42.66 ? 148 HOH A O   1 
HETATM 992  O O   . HOH C 3 .   ? 14.331  -1.715  6.476   1.00 50.66 ? 149 HOH A O   1 
HETATM 993  O O   . HOH C 3 .   ? 2.815   7.191   16.648  1.00 40.06 ? 150 HOH A O   1 
HETATM 994  O O   . HOH C 3 .   ? 9.689   15.188  4.774   1.00 50.73 ? 151 HOH A O   1 
HETATM 995  O O   . HOH C 3 .   ? 3.576   16.341  10.325  1.00 47.67 ? 152 HOH A O   1 
HETATM 996  O O   . HOH C 3 .   ? 10.188  7.555   6.431   1.00 31.42 ? 153 HOH A O   1 
HETATM 997  O O   . HOH C 3 .   ? 11.619  2.551   1.881   1.00 56.64 ? 154 HOH A O   1 
HETATM 998  O O   . HOH C 3 .   ? 5.820   15.224  2.054   1.00 33.53 ? 155 HOH A O   1 
HETATM 999  O O   . HOH C 3 .   ? -4.282  15.969  10.429  1.00 27.55 ? 156 HOH A O   1 
HETATM 1000 O O   . HOH C 3 .   ? -4.968  12.463  16.822  1.00 29.99 ? 157 HOH A O   1 
HETATM 1001 O O   . HOH C 3 .   ? -3.221  14.652  12.790  1.00 34.01 ? 158 HOH A O   1 
HETATM 1002 O O   . HOH C 3 .   ? 0.529   10.479  15.628  1.00 39.87 ? 159 HOH A O   1 
HETATM 1003 O O   . HOH C 3 .   ? -5.958  7.811   16.900  1.00 37.44 ? 160 HOH A O   1 
HETATM 1004 O O   . HOH C 3 .   ? -7.822  6.616   15.712  1.00 47.34 ? 161 HOH A O   1 
HETATM 1005 O O   . HOH C 3 .   ? -10.129 4.683   14.757  1.00 39.18 ? 162 HOH A O   1 
HETATM 1006 O O   . HOH C 3 .   ? -12.339 0.791   11.889  1.00 54.86 ? 163 HOH A O   1 
HETATM 1007 O O   . HOH C 3 .   ? -5.802  4.687   16.908  1.00 37.01 ? 164 HOH A O   1 
HETATM 1008 O O   . HOH C 3 .   ? -15.028 1.475   1.206   1.00 48.15 ? 165 HOH A O   1 
HETATM 1009 O O   . HOH C 3 .   ? -13.828 -9.016  5.363   1.00 40.49 ? 166 HOH A O   1 
HETATM 1010 O O   . HOH C 3 .   ? -14.131 -7.370  1.341   1.00 42.44 ? 167 HOH A O   1 
HETATM 1011 O O   . HOH C 3 .   ? 12.790  5.376   -9.690  1.00 33.53 ? 168 HOH A O   1 
HETATM 1012 O O   . HOH C 3 .   ? 5.118   -2.825  -17.443 0.50 24.65 ? 169 HOH A O   1 
HETATM 1013 O O   . HOH C 3 .   ? 3.356   0.940   -16.900 1.00 26.91 ? 170 HOH A O   1 
HETATM 1014 O O   . HOH C 3 .   ? 11.220  -4.021  12.637  1.00 37.03 ? 171 HOH A O   1 
HETATM 1015 O O   . HOH C 3 .   ? 9.015   -0.287  -15.463 1.00 38.93 ? 172 HOH A O   1 
HETATM 1016 O O   . HOH C 3 .   ? 13.152  -2.262  -12.413 1.00 39.10 ? 173 HOH A O   1 
HETATM 1017 O O   . HOH C 3 .   ? 14.267  0.069   -14.413 1.00 36.70 ? 174 HOH A O   1 
HETATM 1018 O O   . HOH C 3 .   ? -0.246  -10.354 -16.987 1.00 34.27 ? 175 HOH A O   1 
HETATM 1019 O O   . HOH C 3 .   ? -1.592  -11.955 -14.970 1.00 36.93 ? 176 HOH A O   1 
HETATM 1020 O O   . HOH C 3 .   ? 7.618   -10.041 -10.988 1.00 36.05 ? 177 HOH A O   1 
HETATM 1021 O O   . HOH C 3 .   ? 12.181  -1.669  0.432   1.00 46.59 ? 178 HOH A O   1 
HETATM 1022 O O   . HOH C 3 .   ? -5.596  17.284  15.580  1.00 50.28 ? 179 HOH A O   1 
HETATM 1023 O O   . HOH C 3 .   ? 11.633  -9.466  1.120   1.00 47.43 ? 180 HOH A O   1 
HETATM 1024 O O   . HOH C 3 .   ? 6.238   -12.946 -9.967  1.00 39.26 ? 181 HOH A O   1 
HETATM 1025 O O   . HOH C 3 .   ? 5.867   -15.636 -8.441  1.00 30.00 ? 182 HOH A O   1 
HETATM 1026 O O   . HOH C 3 .   ? 6.325   -17.686 -5.789  1.00 47.49 ? 183 HOH A O   1 
HETATM 1027 O O   . HOH C 3 .   ? 7.687   -16.367 5.490   1.00 47.09 ? 184 HOH A O   1 
HETATM 1028 O O   . HOH C 3 .   ? 5.137   -17.682 1.501   1.00 34.18 ? 185 HOH A O   1 
HETATM 1029 O O   . HOH C 3 .   ? -3.877  1.235   6.903   1.00 7.43  ? 186 HOH A O   1 
HETATM 1030 O O   . HOH C 3 .   ? 5.268   5.753   11.221  1.00 11.78 ? 187 HOH A O   1 
HETATM 1031 O O   . HOH C 3 .   ? -12.806 -0.018  1.577   1.00 13.14 ? 188 HOH A O   1 
HETATM 1032 O O   . HOH C 3 .   ? 6.812   7.078   9.370   1.00 10.82 ? 189 HOH A O   1 
HETATM 1033 O O   . HOH C 3 .   ? -9.681  12.498  3.874   1.00 19.63 ? 190 HOH A O   1 
HETATM 1034 O O   . HOH C 3 .   ? -9.875  1.266   -8.378  1.00 15.59 ? 191 HOH A O   1 
HETATM 1035 O O   . HOH C 3 .   ? 4.111   -1.069  5.424   1.00 13.48 ? 192 HOH A O   1 
HETATM 1036 O O   . HOH C 3 .   ? -8.496  8.676   -6.952  1.00 20.57 ? 193 HOH A O   1 
HETATM 1037 O O   . HOH C 3 .   ? -2.594  9.378   14.530  1.00 18.27 ? 194 HOH A O   1 
HETATM 1038 O O   . HOH C 3 .   ? -11.007 4.948   11.912  1.00 18.33 ? 195 HOH A O   1 
HETATM 1039 O O   . HOH C 3 .   ? -9.984  -4.740  -10.216 1.00 18.80 ? 196 HOH A O   1 
HETATM 1040 O O   . HOH C 3 .   ? -4.593  2.934   13.171  1.00 18.90 ? 197 HOH A O   1 
HETATM 1041 O O   . HOH C 3 .   ? 4.641   -2.868  3.396   1.00 17.75 ? 198 HOH A O   1 
HETATM 1042 O O   . HOH C 3 .   ? -4.560  7.010   -7.929  1.00 19.85 ? 199 HOH A O   1 
HETATM 1043 O O   . HOH C 3 .   ? -2.145  12.330  12.617  1.00 17.33 ? 200 HOH A O   1 
HETATM 1044 O O   . HOH C 3 .   ? 3.677   -4.336  8.860   1.00 21.58 ? 201 HOH A O   1 
HETATM 1045 O O   . HOH C 3 .   ? 4.098   10.157  -10.372 1.00 18.57 ? 202 HOH A O   1 
HETATM 1046 O O   . HOH C 3 .   ? -3.908  -1.518  -10.835 1.00 14.86 ? 203 HOH A O   1 
HETATM 1047 O O   . HOH C 3 .   ? 0.933   -6.547  -11.926 1.00 11.93 ? 204 HOH A O   1 
HETATM 1048 O O   . HOH C 3 .   ? -8.224  -9.128  -5.460  1.00 22.08 ? 205 HOH A O   1 
HETATM 1049 O O   . HOH C 3 .   ? 2.729   -8.006  -13.354 1.00 19.81 ? 206 HOH A O   1 
HETATM 1050 O O   . HOH C 3 .   ? 2.039   -6.896  7.503   1.00 18.77 ? 207 HOH A O   1 
HETATM 1051 O O   . HOH C 3 .   ? -13.089 0.208   7.331   1.00 19.79 ? 208 HOH A O   1 
HETATM 1052 O O   . HOH C 3 .   ? -8.719  11.265  14.622  1.00 20.60 ? 209 HOH A O   1 
HETATM 1053 O O   . HOH C 3 .   ? -2.121  -0.853  17.897  1.00 23.32 ? 210 HOH A O   1 
HETATM 1054 O O   . HOH C 3 .   ? -13.792 2.419   6.253   1.00 23.27 ? 211 HOH A O   1 
HETATM 1055 O O   . HOH C 3 .   ? -8.660  15.455  6.689   1.00 25.09 ? 212 HOH A O   1 
HETATM 1056 O O   . HOH C 3 .   ? -5.787  14.807  8.546   1.00 20.01 ? 213 HOH A O   1 
HETATM 1057 O O   . HOH C 3 .   ? 11.844  -4.517  -11.517 1.00 43.65 ? 214 HOH A O   1 
HETATM 1058 O O   . HOH C 3 .   ? 11.644  4.417   -1.881  1.00 19.22 ? 215 HOH A O   1 
HETATM 1059 O O   . HOH C 3 .   ? -5.385  0.191   13.089  1.00 20.63 ? 216 HOH A O   1 
HETATM 1060 O O   . HOH C 3 .   ? -2.926  2.433   -13.420 1.00 18.86 ? 217 HOH A O   1 
HETATM 1061 O O   . HOH C 3 .   ? -1.541  -11.851 5.488   1.00 24.07 ? 218 HOH A O   1 
HETATM 1062 O O   . HOH C 3 .   ? -0.564  3.904   18.377  1.00 33.72 ? 219 HOH A O   1 
HETATM 1063 O O   . HOH C 3 .   ? 12.081  -0.882  14.836  1.00 27.62 ? 220 HOH A O   1 
HETATM 1064 O O   . HOH C 3 .   ? 8.624   -4.956  -11.434 1.00 23.89 ? 221 HOH A O   1 
HETATM 1065 O O   . HOH C 3 .   ? -13.489 -2.188  -0.008  1.00 20.26 ? 222 HOH A O   1 
HETATM 1066 O O   . HOH C 3 .   ? -11.926 -6.013  4.967   1.00 25.19 ? 223 HOH A O   1 
HETATM 1067 O O   . HOH C 3 .   ? 3.120   -13.089 -12.005 1.00 27.69 ? 224 HOH A O   1 
HETATM 1068 O O   . HOH C 3 .   ? 5.007   -10.617 -11.971 1.00 27.77 ? 225 HOH A O   1 
HETATM 1069 O O   . HOH C 3 .   ? 5.391   -2.112  7.863   1.00 25.16 ? 226 HOH A O   1 
HETATM 1070 O O   . HOH C 3 .   ? 0.813   6.956   20.194  1.00 29.59 ? 227 HOH A O   1 
HETATM 1071 O O   . HOH C 3 .   ? -10.625 -7.030  -0.074  1.00 30.71 ? 228 HOH A O   1 
HETATM 1072 O O   . HOH C 3 .   ? -4.655  9.715   16.055  1.00 27.58 ? 229 HOH A O   1 
HETATM 1073 O O   . HOH C 3 .   ? -5.370  15.044  14.162  1.00 29.26 ? 230 HOH A O   1 
HETATM 1074 O O   . HOH C 3 .   ? 4.589   -15.775 -6.121  1.00 25.55 ? 231 HOH A O   1 
HETATM 1075 O O   . HOH C 3 .   ? 8.618   -11.783 -9.332  1.00 31.31 ? 232 HOH A O   1 
HETATM 1076 O O   . HOH C 3 .   ? -4.642  -16.959 0.728   1.00 30.20 ? 233 HOH A O   1 
HETATM 1077 O O   . HOH C 3 .   ? -6.561  -7.525  -11.479 1.00 35.81 ? 234 HOH A O   1 
HETATM 1078 O O   . HOH C 3 .   ? 2.817   -9.100  4.916   1.00 34.04 ? 235 HOH A O   1 
HETATM 1079 O O   . HOH C 3 .   ? 8.412   14.073  -1.866  1.00 27.68 ? 236 HOH A O   1 
HETATM 1080 O O   . HOH C 3 .   ? -6.680  -13.206 13.718  1.00 30.08 ? 237 HOH A O   1 
HETATM 1081 O O   . HOH C 3 .   ? -1.823  12.285  -4.726  1.00 35.70 ? 238 HOH A O   1 
HETATM 1082 O O   . HOH C 3 .   ? -4.807  11.104  -6.092  1.00 26.59 ? 239 HOH A O   1 
HETATM 1083 O O   . HOH C 3 .   ? 8.717   -7.848  -9.116  1.00 27.39 ? 240 HOH A O   1 
HETATM 1084 O O   . HOH C 3 .   ? 5.023   -3.581  17.534  1.00 32.50 ? 241 HOH A O   1 
HETATM 1085 O O   . HOH C 3 .   ? -15.366 1.014   -1.510  1.00 24.51 ? 242 HOH A O   1 
HETATM 1086 O O   . HOH C 3 .   ? 10.322  -1.751  -12.110 1.00 35.44 ? 243 HOH A O   1 
HETATM 1087 O O   . HOH C 3 .   ? 0.937   -11.754 4.540   1.00 30.42 ? 244 HOH A O   1 
HETATM 1088 O O   . HOH C 3 .   ? -9.654  -10.533 4.129   1.00 31.46 ? 245 HOH A O   1 
HETATM 1089 O O   . HOH C 3 .   ? 9.056   -9.969  -7.530  1.00 34.36 ? 246 HOH A O   1 
HETATM 1090 O O   . HOH C 3 .   ? -6.398  15.352  2.363   1.00 36.76 ? 247 HOH A O   1 
HETATM 1091 O O   . HOH C 3 .   ? -11.644 8.047   14.087  1.00 25.85 ? 248 HOH A O   1 
HETATM 1092 O O   . HOH C 3 .   ? -0.480  13.780  -1.659  1.00 30.27 ? 249 HOH A O   1 
HETATM 1093 O O   . HOH C 3 .   ? 13.142  0.221   2.053   1.00 48.58 ? 250 HOH A O   1 
HETATM 1094 O O   . HOH C 3 .   ? 11.624  3.939   10.121  1.00 35.97 ? 251 HOH A O   1 
HETATM 1095 O O   . HOH C 3 .   ? 1.044   16.339  2.281   1.00 27.55 ? 252 HOH A O   1 
HETATM 1096 O O   . HOH C 3 .   ? -10.957 -9.524  6.192   1.00 35.69 ? 253 HOH A O   1 
HETATM 1097 O O   . HOH C 3 .   ? -7.353  16.124  4.636   1.00 65.29 ? 254 HOH A O   1 
HETATM 1098 O O   . HOH C 3 .   ? -8.646  11.017  2.117   1.00 31.58 ? 255 HOH A O   1 
HETATM 1099 O O   . HOH C 3 .   ? 8.299   7.039   16.427  1.00 35.84 ? 256 HOH A O   1 
HETATM 1100 O O   . HOH C 3 .   ? 6.722   11.551  9.169   1.00 25.48 ? 257 HOH A O   1 
HETATM 1101 O O   . HOH C 3 .   ? 6.773   5.860   5.303   1.00 20.79 ? 258 HOH A O   1 
HETATM 1102 O O   . HOH C 3 .   ? -9.342  15.012  3.587   1.00 31.85 ? 259 HOH A O   1 
HETATM 1103 O O   . HOH C 3 .   ? -10.770 -1.740  -10.297 1.00 18.67 ? 260 HOH A O   1 
HETATM 1104 O O   . HOH C 3 .   ? 6.274   5.591   14.661  1.00 27.05 ? 261 HOH A O   1 
HETATM 1105 O O   . HOH C 3 .   ? 5.273   7.576   13.621  1.00 24.62 ? 262 HOH A O   1 
HETATM 1106 O O   . HOH C 3 .   ? -9.028  8.286   -4.724  1.00 32.38 ? 263 HOH A O   1 
HETATM 1107 O O   . HOH C 3 .   ? -5.850  9.371   -7.919  1.00 32.01 ? 264 HOH A O   1 
HETATM 1108 O O   . HOH C 3 .   ? 1.845   8.139   -10.532 1.00 16.64 ? 265 HOH A O   1 
HETATM 1109 O O   . HOH C 3 .   ? 13.403  -5.266  -9.739  1.00 22.76 ? 266 HOH A O   1 
HETATM 1110 O O   . HOH C 3 .   ? 7.867   -1.912  5.004   1.00 24.83 ? 267 HOH A O   1 
HETATM 1111 O O   . HOH C 3 .   ? 10.929  -3.461  1.848   1.00 26.19 ? 268 HOH A O   1 
HETATM 1112 O O   . HOH C 3 .   ? 8.567   5.683   7.272   1.00 21.01 ? 269 HOH A O   1 
HETATM 1113 O O   . HOH C 3 .   ? 9.183   9.662   12.545  1.00 61.89 ? 270 HOH A O   1 
HETATM 1114 O O   . HOH C 3 .   ? -13.873 5.150   -6.565  1.00 43.79 ? 271 HOH A O   1 
HETATM 1115 O O   . HOH C 3 .   ? -7.734  -7.360  14.037  1.00 35.52 ? 272 HOH A O   1 
HETATM 1116 O O   . HOH C 3 .   ? -15.524 0.321   5.876   0.50 31.89 ? 273 HOH A O   1 
HETATM 1117 O O   . HOH C 3 .   ? -4.414  2.808   15.866  1.00 28.47 ? 274 HOH A O   1 
HETATM 1118 O O   . HOH C 3 .   ? -2.767  2.165   17.837  1.00 38.72 ? 275 HOH A O   1 
HETATM 1119 O O   . HOH C 3 .   ? -7.422  4.199   14.798  1.00 40.38 ? 276 HOH A O   1 
HETATM 1120 O O   . HOH C 3 .   ? -9.092  1.706   15.418  1.00 32.26 ? 277 HOH A O   1 
HETATM 1121 O O   . HOH C 3 .   ? -11.214 -5.761  10.732  1.00 28.43 ? 278 HOH A O   1 
HETATM 1122 O O   . HOH C 3 .   ? 8.341   9.024   10.166  1.00 36.47 ? 279 HOH A O   1 
HETATM 1123 O O   . HOH C 3 .   ? 4.446   -3.725  6.202   1.00 27.73 ? 280 HOH A O   1 
HETATM 1124 O O   . HOH C 3 .   ? -5.452  14.765  -1.605  1.00 35.70 ? 281 HOH A O   1 
HETATM 1125 O O   . HOH C 3 .   ? 0.658   15.091  -4.224  1.00 35.89 ? 282 HOH A O   1 
HETATM 1126 O O   . HOH C 3 .   ? -8.107  11.469  -4.163  1.00 33.78 ? 283 HOH A O   1 
HETATM 1127 O O   . HOH C 3 .   ? -0.001  11.027  -11.657 1.00 44.94 ? 284 HOH A O   1 
HETATM 1128 O O   . HOH C 3 .   ? -0.188  13.524  -8.936  1.00 56.93 ? 285 HOH A O   1 
HETATM 1129 O O   . HOH C 3 .   ? -0.686  10.545  13.443  1.00 35.04 ? 286 HOH A O   1 
HETATM 1130 O O   . HOH C 3 .   ? 6.153   4.296   -15.487 1.00 31.17 ? 287 HOH A O   1 
HETATM 1131 O O   . HOH C 3 .   ? -0.873  5.350   -12.051 1.00 31.93 ? 288 HOH A O   1 
HETATM 1132 O O   . HOH C 3 .   ? 8.503   -2.672  -10.469 1.00 34.53 ? 289 HOH A O   1 
HETATM 1133 O O   . HOH C 3 .   ? 2.540   -17.655 1.694   1.00 58.07 ? 290 HOH A O   1 
HETATM 1134 O O   . HOH C 3 .   ? 13.545  11.585  1.382   1.00 50.62 ? 291 HOH A O   1 
HETATM 1135 O O   . HOH C 3 .   ? 12.300  5.935   6.007   1.00 32.12 ? 292 HOH A O   1 
HETATM 1136 O O   . HOH C 3 .   ? -15.169 -0.604  -12.628 1.00 27.44 ? 293 HOH A O   1 
HETATM 1137 O O   . HOH C 3 .   ? -13.429 -1.647  -10.630 1.00 23.30 ? 294 HOH A O   1 
HETATM 1138 O O   . HOH C 3 .   ? -10.280 -3.886  -12.566 1.00 61.01 ? 295 HOH A O   1 
HETATM 1139 O O   . HOH C 3 .   ? -12.134 -3.718  3.454   1.00 24.31 ? 296 HOH A O   1 
HETATM 1140 O O   . HOH C 3 .   ? -10.858 3.291   -10.135 1.00 39.58 ? 297 HOH A O   1 
HETATM 1141 O O   . HOH C 3 .   ? -9.196  13.730  15.500  1.00 36.72 ? 298 HOH A O   1 
HETATM 1142 O O   . HOH C 3 .   ? -5.088  17.212  4.874   1.00 41.98 ? 299 HOH A O   1 
HETATM 1143 O O   . HOH C 3 .   ? -12.692 -5.091  0.966   1.00 35.11 ? 300 HOH A O   1 
HETATM 1144 O O   . HOH C 3 .   ? 14.623  -4.324  -7.758  1.00 30.88 ? 301 HOH A O   1 
HETATM 1145 O O   . HOH C 3 .   ? -11.895 10.047  2.563   0.50 10.36 ? 302 HOH A O   1 
HETATM 1146 O O   . HOH C 3 .   ? 7.636   14.602  -4.641  1.00 36.94 ? 303 HOH A O   1 
HETATM 1147 O O   . HOH C 3 .   ? 3.240   16.391  -4.199  1.00 43.09 ? 304 HOH A O   1 
HETATM 1148 O O   . HOH C 3 .   ? 1.791   17.642  -5.784  1.00 47.10 ? 305 HOH A O   1 
HETATM 1149 O O   . HOH C 3 .   ? -14.980 0.387   3.431   1.00 49.18 ? 306 HOH A O   1 
HETATM 1150 O O   . HOH C 3 .   ? -16.071 -5.669  1.425   1.00 59.27 ? 307 HOH A O   1 
HETATM 1151 O O   . HOH C 3 .   ? -18.291 1.204   -2.412  1.00 66.75 ? 308 HOH A O   1 
HETATM 1152 O O   . HOH C 3 .   ? -17.245 2.068   0.134   1.00 41.66 ? 309 HOH A O   1 
HETATM 1153 O O   . HOH C 3 .   ? -0.309  -1.830  -16.884 1.00 62.79 ? 310 HOH A O   1 
# 
